data_2HOK
# 
_entry.id   2HOK 
# 
_audit_conform.dict_name       mmcif_pdbx.dic 
_audit_conform.dict_version    5.387 
_audit_conform.dict_location   http://mmcif.pdb.org/dictionaries/ascii/mmcif_pdbx.dic 
# 
loop_
_database_2.database_id 
_database_2.database_code 
_database_2.pdbx_database_accession 
_database_2.pdbx_DOI 
PDB   2HOK         pdb_00002hok 10.2210/pdb2hok/pdb 
NDB   UR0100       ?            ?                   
RCSB  RCSB038580   ?            ?                   
WWPDB D_1000038580 ?            ?                   
# 
loop_
_pdbx_audit_revision_history.ordinal 
_pdbx_audit_revision_history.data_content_type 
_pdbx_audit_revision_history.major_revision 
_pdbx_audit_revision_history.minor_revision 
_pdbx_audit_revision_history.revision_date 
1 'Structure model' 1 0 2006-09-19 
2 'Structure model' 1 1 2008-05-01 
3 'Structure model' 1 2 2011-07-13 
4 'Structure model' 1 3 2017-10-11 
5 'Structure model' 1 4 2024-02-14 
# 
_pdbx_audit_revision_details.ordinal             1 
_pdbx_audit_revision_details.revision_ordinal    1 
_pdbx_audit_revision_details.data_content_type   'Structure model' 
_pdbx_audit_revision_details.provider            repository 
_pdbx_audit_revision_details.type                'Initial release' 
_pdbx_audit_revision_details.description         ? 
_pdbx_audit_revision_details.details             ? 
# 
loop_
_pdbx_audit_revision_group.ordinal 
_pdbx_audit_revision_group.revision_ordinal 
_pdbx_audit_revision_group.data_content_type 
_pdbx_audit_revision_group.group 
1 2 'Structure model' 'Version format compliance' 
2 3 'Structure model' 'Version format compliance' 
3 4 'Structure model' 'Data collection'           
4 5 'Structure model' 'Data collection'           
5 5 'Structure model' 'Database references'       
6 5 'Structure model' 'Derived calculations'      
# 
loop_
_pdbx_audit_revision_category.ordinal 
_pdbx_audit_revision_category.revision_ordinal 
_pdbx_audit_revision_category.data_content_type 
_pdbx_audit_revision_category.category 
1 4 'Structure model' reflns_shell           
2 5 'Structure model' chem_comp_atom         
3 5 'Structure model' chem_comp_bond         
4 5 'Structure model' database_2             
5 5 'Structure model' pdbx_struct_conn_angle 
6 5 'Structure model' struct_conn            
7 5 'Structure model' struct_site            
# 
loop_
_pdbx_audit_revision_item.ordinal 
_pdbx_audit_revision_item.revision_ordinal 
_pdbx_audit_revision_item.data_content_type 
_pdbx_audit_revision_item.item 
1  4 'Structure model' '_reflns_shell.number_unique_all'             
2  4 'Structure model' '_reflns_shell.percent_possible_all'          
3  5 'Structure model' '_database_2.pdbx_DOI'                        
4  5 'Structure model' '_database_2.pdbx_database_accession'         
5  5 'Structure model' '_pdbx_struct_conn_angle.ptnr1_auth_comp_id'  
6  5 'Structure model' '_pdbx_struct_conn_angle.ptnr1_auth_seq_id'   
7  5 'Structure model' '_pdbx_struct_conn_angle.ptnr1_label_asym_id' 
8  5 'Structure model' '_pdbx_struct_conn_angle.ptnr1_label_atom_id' 
9  5 'Structure model' '_pdbx_struct_conn_angle.ptnr1_label_comp_id' 
10 5 'Structure model' '_pdbx_struct_conn_angle.ptnr1_label_seq_id'  
11 5 'Structure model' '_pdbx_struct_conn_angle.ptnr2_auth_seq_id'   
12 5 'Structure model' '_pdbx_struct_conn_angle.ptnr2_label_asym_id' 
13 5 'Structure model' '_pdbx_struct_conn_angle.ptnr3_auth_comp_id'  
14 5 'Structure model' '_pdbx_struct_conn_angle.ptnr3_auth_seq_id'   
15 5 'Structure model' '_pdbx_struct_conn_angle.ptnr3_label_asym_id' 
16 5 'Structure model' '_pdbx_struct_conn_angle.ptnr3_label_atom_id' 
17 5 'Structure model' '_pdbx_struct_conn_angle.ptnr3_label_comp_id' 
18 5 'Structure model' '_pdbx_struct_conn_angle.ptnr3_label_seq_id'  
19 5 'Structure model' '_pdbx_struct_conn_angle.value'               
20 5 'Structure model' '_struct_conn.pdbx_dist_value'                
21 5 'Structure model' '_struct_conn.pdbx_leaving_atom_flag'         
22 5 'Structure model' '_struct_conn.ptnr1_auth_comp_id'             
23 5 'Structure model' '_struct_conn.ptnr1_auth_seq_id'              
24 5 'Structure model' '_struct_conn.ptnr1_label_asym_id'            
25 5 'Structure model' '_struct_conn.ptnr1_label_atom_id'            
26 5 'Structure model' '_struct_conn.ptnr1_label_comp_id'            
27 5 'Structure model' '_struct_conn.ptnr1_label_seq_id'             
28 5 'Structure model' '_struct_conn.ptnr1_symmetry'                 
29 5 'Structure model' '_struct_conn.ptnr2_auth_comp_id'             
30 5 'Structure model' '_struct_conn.ptnr2_auth_seq_id'              
31 5 'Structure model' '_struct_conn.ptnr2_label_asym_id'            
32 5 'Structure model' '_struct_conn.ptnr2_label_atom_id'            
33 5 'Structure model' '_struct_conn.ptnr2_label_comp_id'            
34 5 'Structure model' '_struct_conn.ptnr2_label_seq_id'             
35 5 'Structure model' '_struct_conn.ptnr2_symmetry'                 
36 5 'Structure model' '_struct_site.pdbx_auth_asym_id'              
37 5 'Structure model' '_struct_site.pdbx_auth_comp_id'              
38 5 'Structure model' '_struct_site.pdbx_auth_seq_id'               
# 
_pdbx_database_status.entry_id                        2HOK 
_pdbx_database_status.status_code                     REL 
_pdbx_database_status.status_code_sf                  REL 
_pdbx_database_status.deposit_site                    RCSB 
_pdbx_database_status.process_site                    RCSB 
_pdbx_database_status.recvd_initial_deposition_date   2006-07-14 
_pdbx_database_status.SG_entry                        N 
_pdbx_database_status.status_code_mr                  ? 
_pdbx_database_status.pdb_format_compatible           Y 
_pdbx_database_status.status_code_cs                  ? 
_pdbx_database_status.methods_development_category    ? 
_pdbx_database_status.status_code_nmr_data            ? 
# 
loop_
_pdbx_database_related.db_name 
_pdbx_database_related.db_id 
_pdbx_database_related.details 
_pdbx_database_related.content_type 
PDB 2HOJ 'Mn, 2.5 Ang resolution, TPP'             unspecified 
PDB 2HOL 'Ba, 2.9 Ang resolution, TPP'             unspecified 
PDB 2HOM '2.85 Ang resolution, TPS'                unspecified 
PDB 2HOO '3.0 Ang resolution, BzTP (BENFOTIAMINE)' unspecified 
PDB 2HOP '2.5 Ang resolution, pyrithiamine'        unspecified 
# 
loop_
_audit_author.name 
_audit_author.pdbx_ordinal 
'Edwards, T.E.'       1 
;Ferre-D'Amare, A.R.
;
2 
# 
_citation.id                        primary 
_citation.title                     
'Crystal Structures of the Thi-Box Riboswitch Bound to Thiamine Pyrophosphate Analogs Reveal Adaptive RNA-Small Molecule Recognition' 
_citation.journal_abbrev            Structure 
_citation.journal_volume            14 
_citation.page_first                1459 
_citation.page_last                 1468 
_citation.year                      2006 
_citation.journal_id_ASTM           STRUE6 
_citation.country                   UK 
_citation.journal_id_ISSN           0969-2126 
_citation.journal_id_CSD            2005 
_citation.book_publisher            ? 
_citation.pdbx_database_id_PubMed   16962976 
_citation.pdbx_database_id_DOI      10.1016/j.str.2006.07.008 
# 
loop_
_citation_author.citation_id 
_citation_author.name 
_citation_author.ordinal 
_citation_author.identifier_ORCID 
primary 'Edwards, T.E.'       1 ? 
primary 
;Ferre-D'Amare, A.R.
;
2 ? 
# 
loop_
_entity.id 
_entity.type 
_entity.src_method 
_entity.pdbx_description 
_entity.formula_weight 
_entity.pdbx_number_of_molecules 
_entity.pdbx_ec 
_entity.pdbx_mutation 
_entity.pdbx_fragment 
_entity.details 
1 polymer     syn 'thi-box riboswitch'   26798.936 1 ? ? ? ? 
2 non-polymer syn 'CALCIUM ION'          40.078    7 ? ? ? ? 
3 non-polymer syn 'THIAMINE DIPHOSPHATE' 425.314   1 ? ? ? ? 
4 water       nat water                  18.015    1 ? ? ? ? 
# 
_entity_poly.entity_id                      1 
_entity_poly.type                           polyribonucleotide 
_entity_poly.nstd_linkage                   no 
_entity_poly.nstd_monomer                   no 
_entity_poly.pdbx_seq_one_letter_code       
;GCGACUCGGGGUGCCCUUCUGCGUGAAGGCUGAGAAAUACCCGUAUCACCUGAUCUGGAUAAUGCCAGCGUAGGGAAGUC
GCA
;
_entity_poly.pdbx_seq_one_letter_code_can   
;GCGACUCGGGGUGCCCUUCUGCGUGAAGGCUGAGAAAUACCCGUAUCACCUGAUCUGGAUAAUGCCAGCGUAGGGAAGUC
GCA
;
_entity_poly.pdbx_strand_id                 A 
_entity_poly.pdbx_target_identifier         ? 
# 
loop_
_pdbx_entity_nonpoly.entity_id 
_pdbx_entity_nonpoly.name 
_pdbx_entity_nonpoly.comp_id 
2 'CALCIUM ION'          CA  
3 'THIAMINE DIPHOSPHATE' TPP 
4 water                  HOH 
# 
loop_
_entity_poly_seq.entity_id 
_entity_poly_seq.num 
_entity_poly_seq.mon_id 
_entity_poly_seq.hetero 
1 1  G n 
1 2  C n 
1 3  G n 
1 4  A n 
1 5  C n 
1 6  U n 
1 7  C n 
1 8  G n 
1 9  G n 
1 10 G n 
1 11 G n 
1 12 U n 
1 13 G n 
1 14 C n 
1 15 C n 
1 16 C n 
1 17 U n 
1 18 U n 
1 19 C n 
1 20 U n 
1 21 G n 
1 22 C n 
1 23 G n 
1 24 U n 
1 25 G n 
1 26 A n 
1 27 A n 
1 28 G n 
1 29 G n 
1 30 C n 
1 31 U n 
1 32 G n 
1 33 A n 
1 34 G n 
1 35 A n 
1 36 A n 
1 37 A n 
1 38 U n 
1 39 A n 
1 40 C n 
1 41 C n 
1 42 C n 
1 43 G n 
1 44 U n 
1 45 A n 
1 46 U n 
1 47 C n 
1 48 A n 
1 49 C n 
1 50 C n 
1 51 U n 
1 52 G n 
1 53 A n 
1 54 U n 
1 55 C n 
1 56 U n 
1 57 G n 
1 58 G n 
1 59 A n 
1 60 U n 
1 61 A n 
1 62 A n 
1 63 U n 
1 64 G n 
1 65 C n 
1 66 C n 
1 67 A n 
1 68 G n 
1 69 C n 
1 70 G n 
1 71 U n 
1 72 A n 
1 73 G n 
1 74 G n 
1 75 G n 
1 76 A n 
1 77 A n 
1 78 G n 
1 79 U n 
1 80 C n 
1 81 G n 
1 82 C n 
1 83 A n 
# 
_pdbx_entity_src_syn.entity_id              1 
_pdbx_entity_src_syn.pdbx_src_id            1 
_pdbx_entity_src_syn.pdbx_alt_source_flag   sample 
_pdbx_entity_src_syn.pdbx_beg_seq_num       ? 
_pdbx_entity_src_syn.pdbx_end_seq_num       ? 
_pdbx_entity_src_syn.organism_scientific    ? 
_pdbx_entity_src_syn.organism_common_name   ? 
_pdbx_entity_src_syn.ncbi_taxonomy_id       ? 
_pdbx_entity_src_syn.details                
;in vitro T7 RNA polymerase with 5'cis-hammerhead ribozyme and 5'-trans VS ribozyme
;
# 
loop_
_chem_comp.id 
_chem_comp.type 
_chem_comp.mon_nstd_flag 
_chem_comp.name 
_chem_comp.pdbx_synonyms 
_chem_comp.formula 
_chem_comp.formula_weight 
A   'RNA linking' y "ADENOSINE-5'-MONOPHOSPHATE" ? 'C10 H14 N5 O7 P'      347.221 
C   'RNA linking' y "CYTIDINE-5'-MONOPHOSPHATE"  ? 'C9 H14 N3 O8 P'       323.197 
CA  non-polymer   . 'CALCIUM ION'                ? 'Ca 2'                 40.078  
G   'RNA linking' y "GUANOSINE-5'-MONOPHOSPHATE" ? 'C10 H14 N5 O8 P'      363.221 
HOH non-polymer   . WATER                        ? 'H2 O'                 18.015  
TPP non-polymer   . 'THIAMINE DIPHOSPHATE'       ? 'C12 H19 N4 O7 P2 S 1' 425.314 
U   'RNA linking' y "URIDINE-5'-MONOPHOSPHATE"   ? 'C9 H13 N2 O9 P'       324.181 
# 
loop_
_pdbx_poly_seq_scheme.asym_id 
_pdbx_poly_seq_scheme.entity_id 
_pdbx_poly_seq_scheme.seq_id 
_pdbx_poly_seq_scheme.mon_id 
_pdbx_poly_seq_scheme.ndb_seq_num 
_pdbx_poly_seq_scheme.pdb_seq_num 
_pdbx_poly_seq_scheme.auth_seq_num 
_pdbx_poly_seq_scheme.pdb_mon_id 
_pdbx_poly_seq_scheme.auth_mon_id 
_pdbx_poly_seq_scheme.pdb_strand_id 
_pdbx_poly_seq_scheme.pdb_ins_code 
_pdbx_poly_seq_scheme.hetero 
A 1 1  G 1  9  9  G G A . n 
A 1 2  C 2  10 10 C C A . n 
A 1 3  G 3  11 11 G G A . n 
A 1 4  A 4  12 12 A A A . n 
A 1 5  C 5  13 13 C C A . n 
A 1 6  U 6  14 14 U U A . n 
A 1 7  C 7  15 15 C C A . n 
A 1 8  G 8  16 16 G G A . n 
A 1 9  G 9  17 17 G G A . n 
A 1 10 G 10 18 18 G G A . n 
A 1 11 G 11 19 19 G G A . n 
A 1 12 U 12 20 20 U U A . n 
A 1 13 G 13 21 21 G G A . n 
A 1 14 C 14 22 22 C C A . n 
A 1 15 C 15 23 23 C C A . n 
A 1 16 C 16 24 24 C C A . n 
A 1 17 U 17 25 25 U U A . n 
A 1 18 U 18 26 ?  ? ? A . n 
A 1 19 C 19 27 ?  ? ? A . n 
A 1 20 U 20 28 ?  ? ? A . n 
A 1 21 G 21 29 29 G G A . n 
A 1 22 C 22 30 30 C C A . n 
A 1 23 G 23 31 31 G G A . n 
A 1 24 U 24 32 32 U U A . n 
A 1 25 G 25 33 33 G G A . n 
A 1 26 A 26 34 34 A A A . n 
A 1 27 A 27 35 35 A A A . n 
A 1 28 G 28 36 36 G G A . n 
A 1 29 G 29 37 37 G G A . n 
A 1 30 C 30 38 38 C C A . n 
A 1 31 U 31 39 39 U U A . n 
A 1 32 G 32 40 40 G G A . n 
A 1 33 A 33 41 41 A A A . n 
A 1 34 G 34 42 42 G G A . n 
A 1 35 A 35 43 43 A A A . n 
A 1 36 A 36 44 44 A A A . n 
A 1 37 A 37 45 45 A A A . n 
A 1 38 U 38 46 46 U U A . n 
A 1 39 A 39 47 47 A A A . n 
A 1 40 C 40 48 48 C C A . n 
A 1 41 C 41 49 49 C C A . n 
A 1 42 C 42 50 50 C C A . n 
A 1 43 G 43 51 51 G G A . n 
A 1 44 U 44 52 52 U U A . n 
A 1 45 A 45 53 53 A A A . n 
A 1 46 U 46 54 ?  ? ? A . n 
A 1 47 C 47 55 ?  ? ? A . n 
A 1 48 A 48 56 56 A A A . n 
A 1 49 C 49 57 57 C C A . n 
A 1 50 C 50 58 58 C C A . n 
A 1 51 U 51 59 59 U U A . n 
A 1 52 G 52 60 60 G G A . n 
A 1 53 A 53 61 61 A A A . n 
A 1 54 U 54 62 62 U U A . n 
A 1 55 C 55 63 63 C C A . n 
A 1 56 U 56 64 64 U U A . n 
A 1 57 G 57 65 65 G G A . n 
A 1 58 G 58 66 66 G G A . n 
A 1 59 A 59 67 67 A A A . n 
A 1 60 U 60 68 68 U U A . n 
A 1 61 A 61 69 69 A A A . n 
A 1 62 A 62 70 70 A A A . n 
A 1 63 U 63 71 71 U U A . n 
A 1 64 G 64 72 72 G G A . n 
A 1 65 C 65 73 73 C C A . n 
A 1 66 C 66 74 74 C C A . n 
A 1 67 A 67 75 75 A A A . n 
A 1 68 G 68 76 76 G G A . n 
A 1 69 C 69 77 77 C C A . n 
A 1 70 G 70 78 78 G G A . n 
A 1 71 U 71 79 79 U U A . n 
A 1 72 A 72 80 80 A A A . n 
A 1 73 G 73 81 81 G G A . n 
A 1 74 G 74 82 82 G G A . n 
A 1 75 G 75 83 83 G G A . n 
A 1 76 A 76 84 84 A A A . n 
A 1 77 A 77 85 85 A A A . n 
A 1 78 G 78 86 86 G G A . n 
A 1 79 U 79 87 87 U U A . n 
A 1 80 C 80 88 88 C C A . n 
A 1 81 G 81 89 89 G G A . n 
A 1 82 C 82 90 90 C C A . n 
A 1 83 A 83 91 91 A A A . n 
# 
loop_
_pdbx_nonpoly_scheme.asym_id 
_pdbx_nonpoly_scheme.entity_id 
_pdbx_nonpoly_scheme.mon_id 
_pdbx_nonpoly_scheme.ndb_seq_num 
_pdbx_nonpoly_scheme.pdb_seq_num 
_pdbx_nonpoly_scheme.auth_seq_num 
_pdbx_nonpoly_scheme.pdb_mon_id 
_pdbx_nonpoly_scheme.auth_mon_id 
_pdbx_nonpoly_scheme.pdb_strand_id 
_pdbx_nonpoly_scheme.pdb_ins_code 
B 2 CA  1 94  94  CA  CA  A . 
C 2 CA  1 95  95  CA  CA  A . 
D 2 CA  1 96  96  CA  CA  A . 
E 2 CA  1 97  97  CA  CA  A . 
F 2 CA  1 98  98  CA  CA  A . 
G 2 CA  1 99  99  CA  CA  A . 
H 2 CA  1 100 100 CA  CA  A . 
I 3 TPP 1 93  93  TPP TPP A . 
J 4 HOH 1 92  92  HOH HOH A . 
# 
loop_
_pdbx_unobs_or_zero_occ_atoms.id 
_pdbx_unobs_or_zero_occ_atoms.PDB_model_num 
_pdbx_unobs_or_zero_occ_atoms.polymer_flag 
_pdbx_unobs_or_zero_occ_atoms.occupancy_flag 
_pdbx_unobs_or_zero_occ_atoms.auth_asym_id 
_pdbx_unobs_or_zero_occ_atoms.auth_comp_id 
_pdbx_unobs_or_zero_occ_atoms.auth_seq_id 
_pdbx_unobs_or_zero_occ_atoms.PDB_ins_code 
_pdbx_unobs_or_zero_occ_atoms.auth_atom_id 
_pdbx_unobs_or_zero_occ_atoms.label_alt_id 
_pdbx_unobs_or_zero_occ_atoms.label_asym_id 
_pdbx_unobs_or_zero_occ_atoms.label_comp_id 
_pdbx_unobs_or_zero_occ_atoms.label_seq_id 
_pdbx_unobs_or_zero_occ_atoms.label_atom_id 
1  1 Y 1 A U 46 ? N1 ? A U 38 N1 
2  1 Y 1 A U 46 ? C2 ? A U 38 C2 
3  1 Y 1 A U 46 ? O2 ? A U 38 O2 
4  1 Y 1 A U 46 ? N3 ? A U 38 N3 
5  1 Y 1 A U 46 ? C4 ? A U 38 C4 
6  1 Y 1 A U 46 ? O4 ? A U 38 O4 
7  1 Y 1 A U 46 ? C5 ? A U 38 C5 
8  1 Y 1 A U 46 ? C6 ? A U 38 C6 
9  1 Y 1 A G 72 ? N9 ? A G 64 N9 
10 1 Y 1 A G 72 ? C8 ? A G 64 C8 
11 1 Y 1 A G 72 ? N7 ? A G 64 N7 
12 1 Y 1 A G 72 ? C5 ? A G 64 C5 
13 1 Y 1 A G 72 ? C6 ? A G 64 C6 
14 1 Y 1 A G 72 ? O6 ? A G 64 O6 
15 1 Y 1 A G 72 ? N1 ? A G 64 N1 
16 1 Y 1 A G 72 ? C2 ? A G 64 C2 
17 1 Y 1 A G 72 ? N2 ? A G 64 N2 
18 1 Y 1 A G 72 ? N3 ? A G 64 N3 
19 1 Y 1 A G 72 ? C4 ? A G 64 C4 
20 1 Y 1 A U 79 ? N1 ? A U 71 N1 
21 1 Y 1 A U 79 ? C2 ? A U 71 C2 
22 1 Y 1 A U 79 ? O2 ? A U 71 O2 
23 1 Y 1 A U 79 ? N3 ? A U 71 N3 
24 1 Y 1 A U 79 ? C4 ? A U 71 C4 
25 1 Y 1 A U 79 ? O4 ? A U 71 O4 
26 1 Y 1 A U 79 ? C5 ? A U 71 C5 
27 1 Y 1 A U 79 ? C6 ? A U 71 C6 
# 
loop_
_software.name 
_software.classification 
_software.version 
_software.citation_id 
_software.pdbx_ordinal 
CNS       refinement       . ? 1 
DENZO     'data reduction' . ? 2 
SCALEPACK 'data scaling'   . ? 3 
CNS       phasing          . ? 4 
# 
_cell.entry_id           2HOK 
_cell.length_a           66.300 
_cell.length_b           66.300 
_cell.length_c           101.600 
_cell.angle_alpha        90.00 
_cell.angle_beta         90.00 
_cell.angle_gamma        120.00 
_cell.Z_PDB              6 
_cell.pdbx_unique_axis   ? 
_cell.length_a_esd       ? 
_cell.length_b_esd       ? 
_cell.length_c_esd       ? 
_cell.angle_alpha_esd    ? 
_cell.angle_beta_esd     ? 
_cell.angle_gamma_esd    ? 
# 
_symmetry.entry_id                         2HOK 
_symmetry.space_group_name_H-M             'P 32 1 2' 
_symmetry.pdbx_full_space_group_name_H-M   ? 
_symmetry.Int_Tables_number                153 
_symmetry.cell_setting                     ? 
_symmetry.space_group_name_Hall            ? 
# 
_exptl.entry_id          2HOK 
_exptl.method            'X-RAY DIFFRACTION' 
_exptl.crystals_number   1 
# 
_exptl_crystal.id                    1 
_exptl_crystal.density_meas          ? 
_exptl_crystal.density_Matthews      2.41 
_exptl_crystal.density_percent_sol   48.86 
_exptl_crystal.description           ? 
_exptl_crystal.F_000                 ? 
_exptl_crystal.preparation           ? 
# 
_exptl_crystal_grow.crystal_id      1 
_exptl_crystal_grow.method          ? 
_exptl_crystal_grow.temp            295 
_exptl_crystal_grow.temp_details    ? 
_exptl_crystal_grow.pH              6.00 
_exptl_crystal_grow.pdbx_details    
;grown: 28% PEG 2000, 10% w/v sucrose, 0.2 M NH4Cl, 10 mM CaCl2, 50 mM cacodylate pH 6.0; 1.5 mM MgCl2, 0.25 mM TPP, 50 mM KCl, 0.25 mM spermine; cryo: above but 25.7% w/v sucrose; 360 x 50 x 50 um xtal, VAPOR DIFFUSION, HANGING DROP, temperature 295K, pH 6.00
;
_exptl_crystal_grow.pdbx_pH_range   . 
# 
loop_
_exptl_crystal_grow_comp.crystal_id 
_exptl_crystal_grow_comp.id 
_exptl_crystal_grow_comp.sol_id 
_exptl_crystal_grow_comp.name 
_exptl_crystal_grow_comp.conc 
_exptl_crystal_grow_comp.volume 
_exptl_crystal_grow_comp.details 
1 1  1 'PEG 2000' ? ? ? 
1 2  1 CaCl2      ? ? ? 
1 3  1 NH4Cl      ? ? ? 
1 4  1 MgCl2      ? ? ? 
1 5  1 KCl        ? ? ? 
1 6  1 sucrose    ? ? ? 
1 7  1 spermine   ? ? ? 
1 8  1 cacodylate ? ? ? 
1 9  1 TPP        ? ? ? 
1 10 2 'PEG 2000' ? ? ? 
1 11 2 CaCl2      ? ? ? 
1 12 2 NH4Cl      ? ? ? 
1 13 2 MgCl2      ? ? ? 
1 14 2 KCl        ? ? ? 
1 15 2 sucrose    ? ? ? 
# 
_diffrn.id                     1 
_diffrn.ambient_temp           100.0 
_diffrn.ambient_temp_details   ? 
_diffrn.crystal_id             1 
# 
_diffrn_detector.diffrn_id              1 
_diffrn_detector.detector               'IMAGE PLATE' 
_diffrn_detector.type                   'RIGAKU RAXIS IV' 
_diffrn_detector.pdbx_collection_date   2005-02-11 
_diffrn_detector.details                ? 
# 
_diffrn_radiation.diffrn_id                        1 
_diffrn_radiation.wavelength_id                    1 
_diffrn_radiation.pdbx_monochromatic_or_laue_m_l   M 
_diffrn_radiation.monochromator                    ? 
_diffrn_radiation.pdbx_diffrn_protocol             'SINGLE WAVELENGTH' 
_diffrn_radiation.pdbx_scattering_type             x-ray 
# 
_diffrn_radiation_wavelength.id           1 
_diffrn_radiation_wavelength.wavelength   1.5418 
_diffrn_radiation_wavelength.wt           1.0 
# 
_diffrn_source.diffrn_id                   1 
_diffrn_source.source                      'ROTATING ANODE' 
_diffrn_source.type                        RIGAKU 
_diffrn_source.pdbx_synchrotron_site       ? 
_diffrn_source.pdbx_synchrotron_beamline   ? 
_diffrn_source.pdbx_wavelength             1.5418 
_diffrn_source.pdbx_wavelength_list        ? 
# 
_reflns.entry_id                     2HOK 
_reflns.observed_criterion_sigma_I   ? 
_reflns.observed_criterion_sigma_F   ? 
_reflns.d_resolution_low             30.000 
_reflns.d_resolution_high            3.200 
_reflns.number_obs                   4368 
_reflns.number_all                   ? 
_reflns.percent_possible_obs         100.0 
_reflns.pdbx_Rmerge_I_obs            0.125 
_reflns.pdbx_Rsym_value              ? 
_reflns.pdbx_netI_over_sigmaI        26.8000 
_reflns.B_iso_Wilson_estimate        ? 
_reflns.pdbx_redundancy              10.500 
_reflns.R_free_details               ? 
_reflns.pdbx_chi_squared             ? 
_reflns.pdbx_scaling_rejects         ? 
_reflns.pdbx_diffrn_id               1 
_reflns.pdbx_ordinal                 1 
# 
_reflns_shell.d_res_high             3.20 
_reflns_shell.d_res_low              3.31 
_reflns_shell.percent_possible_all   ? 
_reflns_shell.Rmerge_I_obs           0.488 
_reflns_shell.pdbx_Rsym_value        ? 
_reflns_shell.meanI_over_sigI_obs    8.100 
_reflns_shell.pdbx_redundancy        10.50 
_reflns_shell.percent_possible_obs   ? 
_reflns_shell.number_unique_all      403 
_reflns_shell.number_measured_all    ? 
_reflns_shell.number_measured_obs    ? 
_reflns_shell.number_unique_obs      ? 
_reflns_shell.pdbx_chi_squared       ? 
_reflns_shell.pdbx_diffrn_id         ? 
_reflns_shell.pdbx_ordinal           1 
# 
_refine.entry_id                                 2HOK 
_refine.ls_number_reflns_obs                     4210 
_refine.ls_number_reflns_all                     4368 
_refine.pdbx_ls_sigma_I                          ? 
_refine.pdbx_ls_sigma_F                          0.000 
_refine.pdbx_data_cutoff_high_absF               ? 
_refine.pdbx_data_cutoff_low_absF                ? 
_refine.pdbx_data_cutoff_high_rms_absF           ? 
_refine.ls_d_res_low                             30.00 
_refine.ls_d_res_high                            3.20 
_refine.ls_percent_reflns_obs                    ? 
_refine.ls_R_factor_obs                          0.214 
_refine.ls_R_factor_all                          ? 
_refine.ls_R_factor_R_work                       0.214 
_refine.ls_R_factor_R_free                       0.291 
_refine.ls_R_factor_R_free_error                 ? 
_refine.ls_R_factor_R_free_error_details         ? 
_refine.ls_percent_reflns_R_free                 ? 
_refine.ls_number_reflns_R_free                  428 
_refine.ls_number_parameters                     ? 
_refine.ls_number_restraints                     ? 
_refine.occupancy_min                            ? 
_refine.occupancy_max                            ? 
_refine.correlation_coeff_Fo_to_Fc               ? 
_refine.correlation_coeff_Fo_to_Fc_free          ? 
_refine.B_iso_mean                               ? 
_refine.aniso_B[1][1]                            ? 
_refine.aniso_B[2][2]                            ? 
_refine.aniso_B[3][3]                            ? 
_refine.aniso_B[1][2]                            ? 
_refine.aniso_B[1][3]                            ? 
_refine.aniso_B[2][3]                            ? 
_refine.solvent_model_details                    ? 
_refine.solvent_model_param_ksol                 ? 
_refine.solvent_model_param_bsol                 ? 
_refine.pdbx_solvent_vdw_probe_radii             ? 
_refine.pdbx_solvent_ion_probe_radii             ? 
_refine.pdbx_solvent_shrinkage_radii             ? 
_refine.pdbx_ls_cross_valid_method               THROUGHOUT 
_refine.details                                  ? 
_refine.pdbx_starting_model                      ? 
_refine.pdbx_method_to_determine_struct          'MOLECULAR REPLACEMENT' 
_refine.pdbx_isotropic_thermal_model             ? 
_refine.pdbx_stereochemistry_target_values       'ENGH & HUBER' 
_refine.pdbx_stereochem_target_val_spec_case     ? 
_refine.pdbx_R_Free_selection_details            RANDOM 
_refine.pdbx_overall_ESU_R                       ? 
_refine.pdbx_overall_ESU_R_Free                  ? 
_refine.overall_SU_ML                            ? 
_refine.overall_SU_B                             ? 
_refine.ls_redundancy_reflns_obs                 ? 
_refine.overall_SU_R_Cruickshank_DPI             ? 
_refine.overall_SU_R_free                        ? 
_refine.ls_wR_factor_R_free                      ? 
_refine.ls_wR_factor_R_work                      ? 
_refine.overall_FOM_free_R_set                   ? 
_refine.overall_FOM_work_R_set                   ? 
_refine.pdbx_refine_id                           'X-RAY DIFFRACTION' 
_refine.pdbx_diffrn_id                           1 
_refine.pdbx_TLS_residual_ADP_flag               ? 
_refine.pdbx_overall_phase_error                 ? 
_refine.pdbx_overall_SU_R_free_Cruickshank_DPI   ? 
_refine.pdbx_overall_SU_R_Blow_DPI               ? 
_refine.pdbx_overall_SU_R_free_Blow_DPI          ? 
# 
_refine_analyze.entry_id                        2HOK 
_refine_analyze.Luzzati_coordinate_error_obs    0.36 
_refine_analyze.Luzzati_sigma_a_obs             0.23 
_refine_analyze.Luzzati_d_res_low_obs           5.00 
_refine_analyze.Luzzati_coordinate_error_free   0.47 
_refine_analyze.Luzzati_sigma_a_free            0.28 
_refine_analyze.Luzzati_d_res_low_free          ? 
_refine_analyze.number_disordered_residues      ? 
_refine_analyze.occupancy_sum_hydrogen          ? 
_refine_analyze.occupancy_sum_non_hydrogen      ? 
_refine_analyze.pdbx_refine_id                  'X-RAY DIFFRACTION' 
# 
_refine_hist.pdbx_refine_id                   'X-RAY DIFFRACTION' 
_refine_hist.cycle_id                         LAST 
_refine_hist.pdbx_number_atoms_protein        0 
_refine_hist.pdbx_number_atoms_nucleic_acid   1646 
_refine_hist.pdbx_number_atoms_ligand         33 
_refine_hist.number_atoms_solvent             1 
_refine_hist.number_atoms_total               1680 
_refine_hist.d_res_high                       3.20 
_refine_hist.d_res_low                        30.00 
# 
loop_
_refine_ls_restr.type 
_refine_ls_restr.dev_ideal 
_refine_ls_restr.dev_ideal_target 
_refine_ls_restr.weight 
_refine_ls_restr.number 
_refine_ls_restr.pdbx_refine_id 
_refine_ls_restr.pdbx_restraint_function 
c_bond_d                0.006 ? ? ? 'X-RAY DIFFRACTION' ? 
c_bond_d_na             ?     ? ? ? 'X-RAY DIFFRACTION' ? 
c_bond_d_prot           ?     ? ? ? 'X-RAY DIFFRACTION' ? 
c_angle_d               ?     ? ? ? 'X-RAY DIFFRACTION' ? 
c_angle_d_na            ?     ? ? ? 'X-RAY DIFFRACTION' ? 
c_angle_d_prot          ?     ? ? ? 'X-RAY DIFFRACTION' ? 
c_angle_deg             1.27  ? ? ? 'X-RAY DIFFRACTION' ? 
c_angle_deg_na          ?     ? ? ? 'X-RAY DIFFRACTION' ? 
c_angle_deg_prot        ?     ? ? ? 'X-RAY DIFFRACTION' ? 
c_dihedral_angle_d      ?     ? ? ? 'X-RAY DIFFRACTION' ? 
c_dihedral_angle_d_na   ?     ? ? ? 'X-RAY DIFFRACTION' ? 
c_dihedral_angle_d_prot ?     ? ? ? 'X-RAY DIFFRACTION' ? 
c_improper_angle_d      ?     ? ? ? 'X-RAY DIFFRACTION' ? 
c_improper_angle_d_na   ?     ? ? ? 'X-RAY DIFFRACTION' ? 
c_improper_angle_d_prot ?     ? ? ? 'X-RAY DIFFRACTION' ? 
c_mcbond_it             ?     ? ? ? 'X-RAY DIFFRACTION' ? 
c_mcangle_it            ?     ? ? ? 'X-RAY DIFFRACTION' ? 
c_scbond_it             ?     ? ? ? 'X-RAY DIFFRACTION' ? 
c_scangle_it            ?     ? ? ? 'X-RAY DIFFRACTION' ? 
# 
_struct.entry_id                  2HOK 
_struct.title                     
'Crystal structure of an E. coli thi-box riboswitch bound to thiamine pyrophosphate, calcium ions' 
_struct.pdbx_model_details        ? 
_struct.pdbx_CASP_flag            ? 
_struct.pdbx_model_type_details   ? 
# 
_struct_keywords.entry_id        2HOK 
_struct_keywords.pdbx_keywords   RNA 
_struct_keywords.text            'RNA; riboswitch, RNA' 
# 
loop_
_struct_asym.id 
_struct_asym.pdbx_blank_PDB_chainid_flag 
_struct_asym.pdbx_modified 
_struct_asym.entity_id 
_struct_asym.details 
A N N 1 ? 
B N N 2 ? 
C N N 2 ? 
D N N 2 ? 
E N N 2 ? 
F N N 2 ? 
G N N 2 ? 
H N N 2 ? 
I N N 3 ? 
J N N 4 ? 
# 
_struct_ref.id                         1 
_struct_ref.entity_id                  1 
_struct_ref.db_name                    PDB 
_struct_ref.db_code                    2HOK 
_struct_ref.pdbx_db_accession          2HOK 
_struct_ref.pdbx_db_isoform            ? 
_struct_ref.pdbx_seq_one_letter_code   ? 
_struct_ref.pdbx_align_begin           ? 
# 
_struct_ref_seq.align_id                      1 
_struct_ref_seq.ref_id                        1 
_struct_ref_seq.pdbx_PDB_id_code              2HOK 
_struct_ref_seq.pdbx_strand_id                A 
_struct_ref_seq.seq_align_beg                 1 
_struct_ref_seq.pdbx_seq_align_beg_ins_code   ? 
_struct_ref_seq.seq_align_end                 83 
_struct_ref_seq.pdbx_seq_align_end_ins_code   ? 
_struct_ref_seq.pdbx_db_accession             2HOK 
_struct_ref_seq.db_align_beg                  9 
_struct_ref_seq.pdbx_db_align_beg_ins_code    ? 
_struct_ref_seq.db_align_end                  91 
_struct_ref_seq.pdbx_db_align_end_ins_code    ? 
_struct_ref_seq.pdbx_auth_seq_align_beg       9 
_struct_ref_seq.pdbx_auth_seq_align_end       91 
# 
_pdbx_struct_assembly.id                   1 
_pdbx_struct_assembly.details              author_defined_assembly 
_pdbx_struct_assembly.method_details       ? 
_pdbx_struct_assembly.oligomeric_details   monomeric 
_pdbx_struct_assembly.oligomeric_count     1 
# 
_pdbx_struct_assembly_gen.assembly_id       1 
_pdbx_struct_assembly_gen.oper_expression   1 
_pdbx_struct_assembly_gen.asym_id_list      A,B,C,D,E,F,G,H,I,J 
# 
_pdbx_struct_oper_list.id                   1 
_pdbx_struct_oper_list.type                 'identity operation' 
_pdbx_struct_oper_list.name                 1_555 
_pdbx_struct_oper_list.symmetry_operation   x,y,z 
_pdbx_struct_oper_list.matrix[1][1]         1.0000000000 
_pdbx_struct_oper_list.matrix[1][2]         0.0000000000 
_pdbx_struct_oper_list.matrix[1][3]         0.0000000000 
_pdbx_struct_oper_list.vector[1]            0.0000000000 
_pdbx_struct_oper_list.matrix[2][1]         0.0000000000 
_pdbx_struct_oper_list.matrix[2][2]         1.0000000000 
_pdbx_struct_oper_list.matrix[2][3]         0.0000000000 
_pdbx_struct_oper_list.vector[2]            0.0000000000 
_pdbx_struct_oper_list.matrix[3][1]         0.0000000000 
_pdbx_struct_oper_list.matrix[3][2]         0.0000000000 
_pdbx_struct_oper_list.matrix[3][3]         1.0000000000 
_pdbx_struct_oper_list.vector[3]            0.0000000000 
# 
_struct_biol.id                    1 
_struct_biol.details               'The biological assembly is a monomer' 
_struct_biol.pdbx_parent_biol_id   ? 
# 
loop_
_struct_conn.id 
_struct_conn.conn_type_id 
_struct_conn.pdbx_leaving_atom_flag 
_struct_conn.pdbx_PDB_id 
_struct_conn.ptnr1_label_asym_id 
_struct_conn.ptnr1_label_comp_id 
_struct_conn.ptnr1_label_seq_id 
_struct_conn.ptnr1_label_atom_id 
_struct_conn.pdbx_ptnr1_label_alt_id 
_struct_conn.pdbx_ptnr1_PDB_ins_code 
_struct_conn.pdbx_ptnr1_standard_comp_id 
_struct_conn.ptnr1_symmetry 
_struct_conn.ptnr2_label_asym_id 
_struct_conn.ptnr2_label_comp_id 
_struct_conn.ptnr2_label_seq_id 
_struct_conn.ptnr2_label_atom_id 
_struct_conn.pdbx_ptnr2_label_alt_id 
_struct_conn.pdbx_ptnr2_PDB_ins_code 
_struct_conn.ptnr1_auth_asym_id 
_struct_conn.ptnr1_auth_comp_id 
_struct_conn.ptnr1_auth_seq_id 
_struct_conn.ptnr2_auth_asym_id 
_struct_conn.ptnr2_auth_comp_id 
_struct_conn.ptnr2_auth_seq_id 
_struct_conn.ptnr2_symmetry 
_struct_conn.pdbx_ptnr3_label_atom_id 
_struct_conn.pdbx_ptnr3_label_seq_id 
_struct_conn.pdbx_ptnr3_label_comp_id 
_struct_conn.pdbx_ptnr3_label_asym_id 
_struct_conn.pdbx_ptnr3_label_alt_id 
_struct_conn.pdbx_ptnr3_PDB_ins_code 
_struct_conn.details 
_struct_conn.pdbx_dist_value 
_struct_conn.pdbx_value_order 
_struct_conn.pdbx_role 
covale1  covale none ? A G   70 N1    ? ? ? 1_555 I TPP .  O2B ? ? A G   78 A TPP 93 1_555 ? ? ? ? ? ? ?                    1.981 
? ? 
metalc1  metalc ?    ? A G   32 O6    ? ? ? 1_555 F CA  .  CA  ? ? A G   40 A CA  98 1_555 ? ? ? ? ? ? ?                    2.955 
? ? 
metalc2  metalc ?    ? A A   35 OP2   ? ? ? 1_555 F CA  .  CA  ? ? A A   43 A CA  98 1_555 ? ? ? ? ? ? ?                    2.329 
? ? 
metalc3  metalc ?    ? A U   51 O4    ? ? ? 1_555 C CA  .  CA  ? ? A U   59 A CA  95 1_555 ? ? ? ? ? ? ?                    3.363 
? ? 
metalc4  metalc ?    ? A G   52 O6    ? ? ? 1_555 C CA  .  CA  ? ? A G   60 A CA  95 1_555 ? ? ? ? ? ? ?                    2.025 
? ? 
metalc5  metalc ?    ? A C   55 OP1   ? ? ? 1_555 D CA  .  CA  ? ? A C   63 A CA  96 1_555 ? ? ? ? ? ? ?                    2.613 
? ? 
metalc6  metalc ?    ? A U   56 OP2   ? ? ? 1_555 D CA  .  CA  ? ? A U   64 A CA  96 1_555 ? ? ? ? ? ? ?                    2.340 
? ? 
metalc7  metalc ?    ? A U   56 OP1   ? ? ? 5_656 D CA  .  CA  ? ? A U   64 A CA  96 1_555 ? ? ? ? ? ? ?                    2.261 
? ? 
metalc8  metalc ?    ? A A   61 OP1   ? ? ? 1_555 E CA  .  CA  ? ? A A   69 A CA  97 1_555 ? ? ? ? ? ? ?                    2.331 
? ? 
metalc9  metalc ?    ? A G   70 O6    ? ? ? 1_555 C CA  .  CA  ? ? A G   78 A CA  95 1_555 ? ? ? ? ? ? ?                    2.402 
? ? 
metalc10 metalc ?    ? A A   72 OP2   ? ? ? 1_555 G CA  .  CA  ? ? A A   80 A CA  99 1_555 ? ? ? ? ? ? ?                    3.010 
? ? 
metalc11 metalc ?    ? A A   72 OP1   ? ? ? 1_555 G CA  .  CA  ? ? A A   80 A CA  99 1_555 ? ? ? ? ? ? ?                    2.696 
? ? 
metalc12 metalc ?    ? A G   73 OP2   ? ? ? 1_555 G CA  .  CA  ? ? A G   81 A CA  99 1_555 ? ? ? ? ? ? ?                    3.037 
? ? 
metalc13 metalc ?    ? A A   83 "O3'" ? ? ? 6_566 E CA  .  CA  ? ? A A   91 A CA  97 1_555 ? ? ? ? ? ? ?                    3.239 
? ? 
metalc14 metalc ?    ? J HOH .  O     ? ? ? 1_555 C CA  .  CA  ? ? A HOH 92 A CA  95 1_555 ? ? ? ? ? ? ?                    2.634 
? ? 
metalc15 metalc ?    ? I TPP .  O1B   ? ? ? 1_555 B CA  .  CA  ? ? A TPP 93 A CA  94 1_555 ? ? ? ? ? ? ?                    2.226 
? ? 
metalc16 metalc ?    ? I TPP .  O2A   ? ? ? 1_555 B CA  .  CA  ? ? A TPP 93 A CA  94 1_555 ? ? ? ? ? ? ?                    2.450 
? ? 
metalc17 metalc ?    ? I TPP .  O2B   ? ? ? 1_555 C CA  .  CA  ? ? A TPP 93 A CA  95 1_555 ? ? ? ? ? ? ?                    2.827 
? ? 
metalc18 metalc ?    ? I TPP .  O3A   ? ? ? 1_555 C CA  .  CA  ? ? A TPP 93 A CA  95 1_555 ? ? ? ? ? ? ?                    3.129 
? ? 
hydrog1  hydrog ?    ? A G   1  N1    ? ? ? 1_555 A C   82 N3  ? ? A G   9  A C   90 1_555 ? ? ? ? ? ? WATSON-CRICK         ?     
? ? 
hydrog2  hydrog ?    ? A G   1  N2    ? ? ? 1_555 A C   82 O2  ? ? A G   9  A C   90 1_555 ? ? ? ? ? ? WATSON-CRICK         ?     
? ? 
hydrog3  hydrog ?    ? A G   1  O6    ? ? ? 1_555 A C   82 N4  ? ? A G   9  A C   90 1_555 ? ? ? ? ? ? WATSON-CRICK         ?     
? ? 
hydrog4  hydrog ?    ? A C   2  N3    ? ? ? 1_555 A G   81 N1  ? ? A C   10 A G   89 1_555 ? ? ? ? ? ? WATSON-CRICK         ?     
? ? 
hydrog5  hydrog ?    ? A C   2  N4    ? ? ? 1_555 A G   81 O6  ? ? A C   10 A G   89 1_555 ? ? ? ? ? ? WATSON-CRICK         ?     
? ? 
hydrog6  hydrog ?    ? A C   2  O2    ? ? ? 1_555 A G   81 N2  ? ? A C   10 A G   89 1_555 ? ? ? ? ? ? WATSON-CRICK         ?     
? ? 
hydrog7  hydrog ?    ? A G   3  N1    ? ? ? 1_555 A C   80 N3  ? ? A G   11 A C   88 1_555 ? ? ? ? ? ? WATSON-CRICK         ?     
? ? 
hydrog8  hydrog ?    ? A G   3  N2    ? ? ? 1_555 A C   80 O2  ? ? A G   11 A C   88 1_555 ? ? ? ? ? ? WATSON-CRICK         ?     
? ? 
hydrog9  hydrog ?    ? A G   3  O6    ? ? ? 1_555 A C   80 N4  ? ? A G   11 A C   88 1_555 ? ? ? ? ? ? WATSON-CRICK         ?     
? ? 
hydrog10 hydrog ?    ? A A   4  N1    ? ? ? 1_555 A U   79 N3  ? ? A A   12 A U   87 1_555 ? ? ? ? ? ? WATSON-CRICK         ?     
? ? 
hydrog11 hydrog ?    ? A A   4  N6    ? ? ? 1_555 A U   79 O4  ? ? A A   12 A U   87 1_555 ? ? ? ? ? ? WATSON-CRICK         ?     
? ? 
hydrog12 hydrog ?    ? A C   5  N3    ? ? ? 1_555 A G   78 N1  ? ? A C   13 A G   86 1_555 ? ? ? ? ? ? WATSON-CRICK         ?     
? ? 
hydrog13 hydrog ?    ? A C   5  N4    ? ? ? 1_555 A G   78 O6  ? ? A C   13 A G   86 1_555 ? ? ? ? ? ? WATSON-CRICK         ?     
? ? 
hydrog14 hydrog ?    ? A C   5  O2    ? ? ? 1_555 A G   78 N2  ? ? A C   13 A G   86 1_555 ? ? ? ? ? ? WATSON-CRICK         ?     
? ? 
hydrog15 hydrog ?    ? A U   6  N3    ? ? ? 1_555 A A   77 N1  ? ? A U   14 A A   85 1_555 ? ? ? ? ? ? 'U-A PAIR'           ?     
? ? 
hydrog16 hydrog ?    ? A C   7  N3    ? ? ? 1_555 A G   43 N1  ? ? A C   15 A G   51 1_555 ? ? ? ? ? ? WATSON-CRICK         ?     
? ? 
hydrog17 hydrog ?    ? A C   7  N4    ? ? ? 1_555 A G   43 O6  ? ? A C   15 A G   51 1_555 ? ? ? ? ? ? WATSON-CRICK         ?     
? ? 
hydrog18 hydrog ?    ? A C   7  O2    ? ? ? 1_555 A G   43 N2  ? ? A C   15 A G   51 1_555 ? ? ? ? ? ? WATSON-CRICK         ?     
? ? 
hydrog19 hydrog ?    ? A G   8  N1    ? ? ? 1_555 A C   42 N3  ? ? A G   16 A C   50 1_555 ? ? ? ? ? ? 'G-C PAIR'           ?     
? ? 
hydrog20 hydrog ?    ? A G   9  N1    ? ? ? 1_555 A C   41 N3  ? ? A G   17 A C   49 1_555 ? ? ? ? ? ? WATSON-CRICK         ?     
? ? 
hydrog21 hydrog ?    ? A G   9  N2    ? ? ? 1_555 A C   41 O2  ? ? A G   17 A C   49 1_555 ? ? ? ? ? ? WATSON-CRICK         ?     
? ? 
hydrog22 hydrog ?    ? A G   9  O6    ? ? ? 1_555 A C   41 N4  ? ? A G   17 A C   49 1_555 ? ? ? ? ? ? WATSON-CRICK         ?     
? ? 
hydrog23 hydrog ?    ? A G   9  N2    ? ? ? 1_555 A A   48 N3  ? ? A G   17 A A   56 1_555 ? ? ? ? ? ? 'G-A MISPAIR'        ?     
? ? 
hydrog24 hydrog ?    ? A G   10 N1    ? ? ? 1_555 A C   40 N3  ? ? A G   18 A C   48 1_555 ? ? ? ? ? ? WATSON-CRICK         ?     
? ? 
hydrog25 hydrog ?    ? A G   10 N2    ? ? ? 1_555 A C   40 O2  ? ? A G   18 A C   48 1_555 ? ? ? ? ? ? WATSON-CRICK         ?     
? ? 
hydrog26 hydrog ?    ? A G   10 O6    ? ? ? 1_555 A C   40 N4  ? ? A G   18 A C   48 1_555 ? ? ? ? ? ? WATSON-CRICK         ?     
? ? 
hydrog27 hydrog ?    ? A G   11 N2    ? ? ? 1_555 A G   34 N3  ? ? A G   19 A G   42 1_555 ? ? ? ? ? ? TYPE_4_PAIR          ?     
? ? 
hydrog28 hydrog ?    ? A G   11 N3    ? ? ? 1_555 A G   34 N2  ? ? A G   19 A G   42 1_555 ? ? ? ? ? ? TYPE_4_PAIR          ?     
? ? 
hydrog29 hydrog ?    ? A G   11 N1    ? ? ? 1_555 A A   39 N1  ? ? A G   19 A A   47 1_555 ? ? ? ? ? ? TYPE_8_PAIR          ?     
? ? 
hydrog30 hydrog ?    ? A G   11 O6    ? ? ? 1_555 A A   39 N6  ? ? A G   19 A A   47 1_555 ? ? ? ? ? ? TYPE_8_PAIR          ?     
? ? 
hydrog31 hydrog ?    ? A G   11 N2    ? ? ? 1_555 A C   40 O2  ? ? A G   19 A C   48 1_555 ? ? ? ? ? ? 'G-C PAIR'           ?     
? ? 
hydrog32 hydrog ?    ? A U   12 N3    ? ? ? 1_555 A A   37 N1  ? ? A U   20 A A   45 1_555 ? ? ? ? ? ? WATSON-CRICK         ?     
? ? 
hydrog33 hydrog ?    ? A U   12 O4    ? ? ? 1_555 A A   37 N6  ? ? A U   20 A A   45 1_555 ? ? ? ? ? ? WATSON-CRICK         ?     
? ? 
hydrog34 hydrog ?    ? A G   13 N1    ? ? ? 1_555 A C   30 N3  ? ? A G   21 A C   38 1_555 ? ? ? ? ? ? WATSON-CRICK         ?     
? ? 
hydrog35 hydrog ?    ? A G   13 N2    ? ? ? 1_555 A C   30 O2  ? ? A G   21 A C   38 1_555 ? ? ? ? ? ? WATSON-CRICK         ?     
? ? 
hydrog36 hydrog ?    ? A G   13 O6    ? ? ? 1_555 A C   30 N4  ? ? A G   21 A C   38 1_555 ? ? ? ? ? ? WATSON-CRICK         ?     
? ? 
hydrog37 hydrog ?    ? A G   13 N2    ? ? ? 1_555 A U   63 O2  ? ? A G   21 A U   71 1_555 ? ? ? ? ? ? 'G-U MISPAIR'        ?     
? ? 
hydrog38 hydrog ?    ? A C   14 N3    ? ? ? 1_555 A G   29 N1  ? ? A C   22 A G   37 1_555 ? ? ? ? ? ? WATSON-CRICK         ?     
? ? 
hydrog39 hydrog ?    ? A C   14 N4    ? ? ? 1_555 A G   29 O6  ? ? A C   22 A G   37 1_555 ? ? ? ? ? ? WATSON-CRICK         ?     
? ? 
hydrog40 hydrog ?    ? A C   14 O2    ? ? ? 1_555 A G   29 N2  ? ? A C   22 A G   37 1_555 ? ? ? ? ? ? WATSON-CRICK         ?     
? ? 
hydrog41 hydrog ?    ? A C   15 N3    ? ? ? 1_555 A G   28 N1  ? ? A C   23 A G   36 1_555 ? ? ? ? ? ? WATSON-CRICK         ?     
? ? 
hydrog42 hydrog ?    ? A C   15 N4    ? ? ? 1_555 A G   28 O6  ? ? A C   23 A G   36 1_555 ? ? ? ? ? ? WATSON-CRICK         ?     
? ? 
hydrog43 hydrog ?    ? A C   15 O2    ? ? ? 1_555 A G   28 N2  ? ? A C   23 A G   36 1_555 ? ? ? ? ? ? WATSON-CRICK         ?     
? ? 
hydrog44 hydrog ?    ? A C   16 O2    ? ? ? 1_555 A A   27 N6  ? ? A C   24 A A   35 1_555 ? ? ? ? ? ? 'C-A MISPAIR'        ?     
? ? 
hydrog45 hydrog ?    ? A G   29 N2    ? ? ? 1_555 A A   61 N1  ? ? A G   37 A A   69 1_555 ? ? ? ? ? ? 'G-A MISPAIR'        ?     
? ? 
hydrog46 hydrog ?    ? A U   31 N3    ? ? ? 1_555 A A   35 N7  ? ? A U   39 A A   43 1_555 ? ? ? ? ? ? 'REVERSED HOOGSTEEN' ?     
? ? 
hydrog47 hydrog ?    ? A U   31 O2    ? ? ? 1_555 A A   35 N6  ? ? A U   39 A A   43 1_555 ? ? ? ? ? ? 'REVERSED HOOGSTEEN' ?     
? ? 
hydrog48 hydrog ?    ? A A   45 N6    ? ? ? 1_555 A A   76 N7  ? ? A A   53 A A   84 1_555 ? ? ? ? ? ? TYPE_2_PAIR          ?     
? ? 
hydrog49 hydrog ?    ? A A   45 N7    ? ? ? 1_555 A A   76 N6  ? ? A A   53 A A   84 1_555 ? ? ? ? ? ? TYPE_2_PAIR          ?     
? ? 
hydrog50 hydrog ?    ? A A   48 N7    ? ? ? 1_555 A G   75 N2  ? ? A A   56 A G   83 1_555 ? ? ? ? ? ? 'A-G MISPAIR'        ?     
? ? 
hydrog51 hydrog ?    ? A C   49 N3    ? ? ? 1_555 A G   74 N1  ? ? A C   57 A G   82 1_555 ? ? ? ? ? ? WATSON-CRICK         ?     
? ? 
hydrog52 hydrog ?    ? A C   49 N4    ? ? ? 1_555 A G   74 O6  ? ? A C   57 A G   82 1_555 ? ? ? ? ? ? WATSON-CRICK         ?     
? ? 
hydrog53 hydrog ?    ? A C   49 O2    ? ? ? 1_555 A G   74 N2  ? ? A C   57 A G   82 1_555 ? ? ? ? ? ? WATSON-CRICK         ?     
? ? 
hydrog54 hydrog ?    ? A C   50 N3    ? ? ? 1_555 A G   73 N1  ? ? A C   58 A G   81 1_555 ? ? ? ? ? ? WATSON-CRICK         ?     
? ? 
hydrog55 hydrog ?    ? A C   50 N4    ? ? ? 1_555 A G   73 O6  ? ? A C   58 A G   81 1_555 ? ? ? ? ? ? WATSON-CRICK         ?     
? ? 
hydrog56 hydrog ?    ? A C   50 O2    ? ? ? 1_555 A G   73 N2  ? ? A C   58 A G   81 1_555 ? ? ? ? ? ? WATSON-CRICK         ?     
? ? 
hydrog57 hydrog ?    ? A U   51 N3    ? ? ? 1_555 A A   72 N1  ? ? A U   59 A A   80 1_555 ? ? ? ? ? ? WATSON-CRICK         ?     
? ? 
hydrog58 hydrog ?    ? A U   51 O4    ? ? ? 1_555 A A   72 N6  ? ? A U   59 A A   80 1_555 ? ? ? ? ? ? WATSON-CRICK         ?     
? ? 
hydrog59 hydrog ?    ? A G   52 N1    ? ? ? 1_555 A C   69 O2  ? ? A G   60 A C   77 1_555 ? ? ? ? ? ? 'G-C PAIR'           ?     
? ? 
hydrog60 hydrog ?    ? A G   52 N1    ? ? ? 1_555 A G   70 O6  ? ? A G   60 A G   78 1_555 ? ? ? ? ? ? TYPE_6_PAIR          ?     
? ? 
hydrog61 hydrog ?    ? A G   52 N2    ? ? ? 1_555 A G   70 N7  ? ? A G   60 A G   78 1_555 ? ? ? ? ? ? TYPE_6_PAIR          ?     
? ? 
hydrog62 hydrog ?    ? A A   53 N6    ? ? ? 1_555 A C   69 O2  ? ? A A   61 A C   77 1_555 ? ? ? ? ? ? 'A-C MISPAIR'        ?     
? ? 
hydrog63 hydrog ?    ? A C   55 N3    ? ? ? 1_555 A G   68 N1  ? ? A C   63 A G   76 1_555 ? ? ? ? ? ? WATSON-CRICK         ?     
? ? 
hydrog64 hydrog ?    ? A C   55 N4    ? ? ? 1_555 A G   68 O6  ? ? A C   63 A G   76 1_555 ? ? ? ? ? ? WATSON-CRICK         ?     
? ? 
hydrog65 hydrog ?    ? A C   55 O2    ? ? ? 1_555 A G   68 N2  ? ? A C   63 A G   76 1_555 ? ? ? ? ? ? WATSON-CRICK         ?     
? ? 
hydrog66 hydrog ?    ? A U   56 N3    ? ? ? 1_555 A A   67 N1  ? ? A U   64 A A   75 1_555 ? ? ? ? ? ? 'U-A PAIR'           ?     
? ? 
hydrog67 hydrog ?    ? A G   57 N1    ? ? ? 1_555 A C   66 N3  ? ? A G   65 A C   74 1_555 ? ? ? ? ? ? WATSON-CRICK         ?     
? ? 
hydrog68 hydrog ?    ? A G   57 N2    ? ? ? 1_555 A C   66 O2  ? ? A G   65 A C   74 1_555 ? ? ? ? ? ? WATSON-CRICK         ?     
? ? 
hydrog69 hydrog ?    ? A G   57 O6    ? ? ? 1_555 A C   66 N4  ? ? A G   65 A C   74 1_555 ? ? ? ? ? ? WATSON-CRICK         ?     
? ? 
hydrog70 hydrog ?    ? A G   58 N1    ? ? ? 1_555 A C   65 N3  ? ? A G   66 A C   73 1_555 ? ? ? ? ? ? WATSON-CRICK         ?     
? ? 
hydrog71 hydrog ?    ? A G   58 N2    ? ? ? 1_555 A C   65 O2  ? ? A G   66 A C   73 1_555 ? ? ? ? ? ? WATSON-CRICK         ?     
? ? 
hydrog72 hydrog ?    ? A G   58 O6    ? ? ? 1_555 A C   65 N4  ? ? A G   66 A C   73 1_555 ? ? ? ? ? ? WATSON-CRICK         ?     
? ? 
# 
loop_
_struct_conn_type.id 
_struct_conn_type.criteria 
_struct_conn_type.reference 
covale ? ? 
metalc ? ? 
hydrog ? ? 
# 
loop_
_pdbx_struct_conn_angle.id 
_pdbx_struct_conn_angle.ptnr1_label_atom_id 
_pdbx_struct_conn_angle.ptnr1_label_alt_id 
_pdbx_struct_conn_angle.ptnr1_label_asym_id 
_pdbx_struct_conn_angle.ptnr1_label_comp_id 
_pdbx_struct_conn_angle.ptnr1_label_seq_id 
_pdbx_struct_conn_angle.ptnr1_auth_atom_id 
_pdbx_struct_conn_angle.ptnr1_auth_asym_id 
_pdbx_struct_conn_angle.ptnr1_auth_comp_id 
_pdbx_struct_conn_angle.ptnr1_auth_seq_id 
_pdbx_struct_conn_angle.ptnr1_PDB_ins_code 
_pdbx_struct_conn_angle.ptnr1_symmetry 
_pdbx_struct_conn_angle.ptnr2_label_atom_id 
_pdbx_struct_conn_angle.ptnr2_label_alt_id 
_pdbx_struct_conn_angle.ptnr2_label_asym_id 
_pdbx_struct_conn_angle.ptnr2_label_comp_id 
_pdbx_struct_conn_angle.ptnr2_label_seq_id 
_pdbx_struct_conn_angle.ptnr2_auth_atom_id 
_pdbx_struct_conn_angle.ptnr2_auth_asym_id 
_pdbx_struct_conn_angle.ptnr2_auth_comp_id 
_pdbx_struct_conn_angle.ptnr2_auth_seq_id 
_pdbx_struct_conn_angle.ptnr2_PDB_ins_code 
_pdbx_struct_conn_angle.ptnr2_symmetry 
_pdbx_struct_conn_angle.ptnr3_label_atom_id 
_pdbx_struct_conn_angle.ptnr3_label_alt_id 
_pdbx_struct_conn_angle.ptnr3_label_asym_id 
_pdbx_struct_conn_angle.ptnr3_label_comp_id 
_pdbx_struct_conn_angle.ptnr3_label_seq_id 
_pdbx_struct_conn_angle.ptnr3_auth_atom_id 
_pdbx_struct_conn_angle.ptnr3_auth_asym_id 
_pdbx_struct_conn_angle.ptnr3_auth_comp_id 
_pdbx_struct_conn_angle.ptnr3_auth_seq_id 
_pdbx_struct_conn_angle.ptnr3_PDB_ins_code 
_pdbx_struct_conn_angle.ptnr3_symmetry 
_pdbx_struct_conn_angle.value 
_pdbx_struct_conn_angle.value_esd 
1  O6  ? A G   32 ? A G   40 ? 1_555 CA ? F CA . ? A CA 98 ? 1_555 OP2   ? A A   35 ? A A   43 ? 1_555 79.3  ? 
2  O4  ? A U   51 ? A U   59 ? 1_555 CA ? C CA . ? A CA 95 ? 1_555 O6    ? A G   52 ? A G   60 ? 1_555 67.0  ? 
3  O4  ? A U   51 ? A U   59 ? 1_555 CA ? C CA . ? A CA 95 ? 1_555 O6    ? A G   70 ? A G   78 ? 1_555 75.7  ? 
4  O6  ? A G   52 ? A G   60 ? 1_555 CA ? C CA . ? A CA 95 ? 1_555 O6    ? A G   70 ? A G   78 ? 1_555 86.8  ? 
5  O4  ? A U   51 ? A U   59 ? 1_555 CA ? C CA . ? A CA 95 ? 1_555 O     ? J HOH .  ? A HOH 92 ? 1_555 140.3 ? 
6  O6  ? A G   52 ? A G   60 ? 1_555 CA ? C CA . ? A CA 95 ? 1_555 O     ? J HOH .  ? A HOH 92 ? 1_555 75.6  ? 
7  O6  ? A G   70 ? A G   78 ? 1_555 CA ? C CA . ? A CA 95 ? 1_555 O     ? J HOH .  ? A HOH 92 ? 1_555 89.6  ? 
8  O4  ? A U   51 ? A U   59 ? 1_555 CA ? C CA . ? A CA 95 ? 1_555 O2B   ? I TPP .  ? A TPP 93 ? 1_555 114.9 ? 
9  O6  ? A G   52 ? A G   60 ? 1_555 CA ? C CA . ? A CA 95 ? 1_555 O2B   ? I TPP .  ? A TPP 93 ? 1_555 153.8 ? 
10 O6  ? A G   70 ? A G   78 ? 1_555 CA ? C CA . ? A CA 95 ? 1_555 O2B   ? I TPP .  ? A TPP 93 ? 1_555 69.4  ? 
11 O   ? J HOH .  ? A HOH 92 ? 1_555 CA ? C CA . ? A CA 95 ? 1_555 O2B   ? I TPP .  ? A TPP 93 ? 1_555 92.9  ? 
12 O4  ? A U   51 ? A U   59 ? 1_555 CA ? C CA . ? A CA 95 ? 1_555 O3A   ? I TPP .  ? A TPP 93 ? 1_555 122.7 ? 
13 O6  ? A G   52 ? A G   60 ? 1_555 CA ? C CA . ? A CA 95 ? 1_555 O3A   ? I TPP .  ? A TPP 93 ? 1_555 151.1 ? 
14 O6  ? A G   70 ? A G   78 ? 1_555 CA ? C CA . ? A CA 95 ? 1_555 O3A   ? I TPP .  ? A TPP 93 ? 1_555 121.3 ? 
15 O   ? J HOH .  ? A HOH 92 ? 1_555 CA ? C CA . ? A CA 95 ? 1_555 O3A   ? I TPP .  ? A TPP 93 ? 1_555 96.5  ? 
16 O2B ? I TPP .  ? A TPP 93 ? 1_555 CA ? C CA . ? A CA 95 ? 1_555 O3A   ? I TPP .  ? A TPP 93 ? 1_555 52.1  ? 
17 OP1 ? A C   55 ? A C   63 ? 1_555 CA ? D CA . ? A CA 96 ? 1_555 OP2   ? A U   56 ? A U   64 ? 1_555 74.1  ? 
18 OP1 ? A C   55 ? A C   63 ? 1_555 CA ? D CA . ? A CA 96 ? 1_555 OP1   ? A U   56 ? A U   64 ? 5_656 99.9  ? 
19 OP2 ? A U   56 ? A U   64 ? 1_555 CA ? D CA . ? A CA 96 ? 1_555 OP1   ? A U   56 ? A U   64 ? 5_656 87.8  ? 
20 OP1 ? A A   61 ? A A   69 ? 1_555 CA ? E CA . ? A CA 97 ? 1_555 "O3'" ? A A   83 ? A A   91 ? 6_566 108.3 ? 
21 OP2 ? A A   72 ? A A   80 ? 1_555 CA ? G CA . ? A CA 99 ? 1_555 OP1   ? A A   72 ? A A   80 ? 1_555 53.2  ? 
22 OP2 ? A A   72 ? A A   80 ? 1_555 CA ? G CA . ? A CA 99 ? 1_555 OP2   ? A G   73 ? A G   81 ? 1_555 97.0  ? 
23 OP1 ? A A   72 ? A A   80 ? 1_555 CA ? G CA . ? A CA 99 ? 1_555 OP2   ? A G   73 ? A G   81 ? 1_555 83.8  ? 
24 O1B ? I TPP .  ? A TPP 93 ? 1_555 CA ? B CA . ? A CA 94 ? 1_555 O2A   ? I TPP .  ? A TPP 93 ? 1_555 48.4  ? 
# 
loop_
_struct_site.id 
_struct_site.pdbx_evidence_code 
_struct_site.pdbx_auth_asym_id 
_struct_site.pdbx_auth_comp_id 
_struct_site.pdbx_auth_seq_id 
_struct_site.pdbx_auth_ins_code 
_struct_site.pdbx_num_residues 
_struct_site.details 
AC1 Software A CA  94 ? 2  'BINDING SITE FOR RESIDUE CA A 94'  
AC2 Software A CA  95 ? 5  'BINDING SITE FOR RESIDUE CA A 95'  
AC3 Software A CA  96 ? 3  'BINDING SITE FOR RESIDUE CA A 96'  
AC4 Software A CA  97 ? 2  'BINDING SITE FOR RESIDUE CA A 97'  
AC5 Software A CA  98 ? 2  'BINDING SITE FOR RESIDUE CA A 98'  
AC6 Software A CA  99 ? 2  'BINDING SITE FOR RESIDUE CA A 99'  
AC7 Software A TPP 93 ? 12 'BINDING SITE FOR RESIDUE TPP A 93' 
# 
loop_
_struct_site_gen.id 
_struct_site_gen.site_id 
_struct_site_gen.pdbx_num_res 
_struct_site_gen.label_comp_id 
_struct_site_gen.label_asym_id 
_struct_site_gen.label_seq_id 
_struct_site_gen.pdbx_auth_ins_code 
_struct_site_gen.auth_comp_id 
_struct_site_gen.auth_asym_id 
_struct_site_gen.auth_seq_id 
_struct_site_gen.label_atom_id 
_struct_site_gen.label_alt_id 
_struct_site_gen.symmetry 
_struct_site_gen.details 
1  AC1 2  C   A 69 ? C   A 77 . ? 1_555 ? 
2  AC1 2  TPP I .  ? TPP A 93 . ? 1_555 ? 
3  AC2 5  U   A 51 ? U   A 59 . ? 1_555 ? 
4  AC2 5  G   A 52 ? G   A 60 . ? 1_555 ? 
5  AC2 5  G   A 70 ? G   A 78 . ? 1_555 ? 
6  AC2 5  HOH J .  ? HOH A 92 . ? 1_555 ? 
7  AC2 5  TPP I .  ? TPP A 93 . ? 1_555 ? 
8  AC3 3  C   A 55 ? C   A 63 . ? 1_555 ? 
9  AC3 3  U   A 56 ? U   A 64 . ? 5_656 ? 
10 AC3 3  U   A 56 ? U   A 64 . ? 1_555 ? 
11 AC4 2  A   A 61 ? A   A 69 . ? 1_555 ? 
12 AC4 2  A   A 83 ? A   A 91 . ? 6_566 ? 
13 AC5 2  G   A 32 ? G   A 40 . ? 1_555 ? 
14 AC5 2  A   A 35 ? A   A 43 . ? 1_555 ? 
15 AC6 2  A   A 72 ? A   A 80 . ? 1_555 ? 
16 AC6 2  G   A 73 ? G   A 81 . ? 1_555 ? 
17 AC7 12 G   A 11 ? G   A 19 . ? 1_555 ? 
18 AC7 12 U   A 12 ? U   A 20 . ? 1_555 ? 
19 AC7 12 G   A 32 ? G   A 40 . ? 1_555 ? 
20 AC7 12 G   A 34 ? G   A 42 . ? 1_555 ? 
21 AC7 12 A   A 35 ? A   A 43 . ? 1_555 ? 
22 AC7 12 C   A 49 ? C   A 57 . ? 1_555 ? 
23 AC7 12 C   A 50 ? C   A 58 . ? 1_555 ? 
24 AC7 12 G   A 64 ? G   A 72 . ? 1_555 ? 
25 AC7 12 C   A 69 ? C   A 77 . ? 1_555 ? 
26 AC7 12 G   A 70 ? G   A 78 . ? 1_555 ? 
27 AC7 12 CA  B .  ? CA  A 94 . ? 1_555 ? 
28 AC7 12 CA  C .  ? CA  A 95 . ? 1_555 ? 
# 
loop_
_pdbx_validate_rmsd_angle.id 
_pdbx_validate_rmsd_angle.PDB_model_num 
_pdbx_validate_rmsd_angle.auth_atom_id_1 
_pdbx_validate_rmsd_angle.auth_asym_id_1 
_pdbx_validate_rmsd_angle.auth_comp_id_1 
_pdbx_validate_rmsd_angle.auth_seq_id_1 
_pdbx_validate_rmsd_angle.PDB_ins_code_1 
_pdbx_validate_rmsd_angle.label_alt_id_1 
_pdbx_validate_rmsd_angle.auth_atom_id_2 
_pdbx_validate_rmsd_angle.auth_asym_id_2 
_pdbx_validate_rmsd_angle.auth_comp_id_2 
_pdbx_validate_rmsd_angle.auth_seq_id_2 
_pdbx_validate_rmsd_angle.PDB_ins_code_2 
_pdbx_validate_rmsd_angle.label_alt_id_2 
_pdbx_validate_rmsd_angle.auth_atom_id_3 
_pdbx_validate_rmsd_angle.auth_asym_id_3 
_pdbx_validate_rmsd_angle.auth_comp_id_3 
_pdbx_validate_rmsd_angle.auth_seq_id_3 
_pdbx_validate_rmsd_angle.PDB_ins_code_3 
_pdbx_validate_rmsd_angle.label_alt_id_3 
_pdbx_validate_rmsd_angle.angle_value 
_pdbx_validate_rmsd_angle.angle_target_value 
_pdbx_validate_rmsd_angle.angle_deviation 
_pdbx_validate_rmsd_angle.angle_standard_deviation 
_pdbx_validate_rmsd_angle.linker_flag 
1 1 "C2'" A U 20 ? ? "C3'" A U 20 ? ? "O3'" A U 20 ? ? 128.63 113.70 14.93 1.60 N 
2 1 "C4'" A U 20 ? ? "C3'" A U 20 ? ? "C2'" A U 20 ? ? 108.76 102.60 6.16  1.00 N 
3 1 "C2'" A A 44 ? ? "C3'" A A 44 ? ? "O3'" A A 44 ? ? 125.02 113.70 11.32 1.60 N 
4 1 "C2'" A G 78 ? ? "C3'" A G 78 ? ? "O3'" A G 78 ? ? 126.33 113.70 12.63 1.60 N 
# 
_pdbx_validate_chiral.id              1 
_pdbx_validate_chiral.PDB_model_num   1 
_pdbx_validate_chiral.auth_atom_id    "C3'" 
_pdbx_validate_chiral.label_alt_id    ? 
_pdbx_validate_chiral.auth_asym_id    A 
_pdbx_validate_chiral.auth_comp_id    U 
_pdbx_validate_chiral.auth_seq_id     20 
_pdbx_validate_chiral.PDB_ins_code    ? 
_pdbx_validate_chiral.details         PLANAR 
_pdbx_validate_chiral.omega           . 
# 
loop_
_pdbx_unobs_or_zero_occ_residues.id 
_pdbx_unobs_or_zero_occ_residues.PDB_model_num 
_pdbx_unobs_or_zero_occ_residues.polymer_flag 
_pdbx_unobs_or_zero_occ_residues.occupancy_flag 
_pdbx_unobs_or_zero_occ_residues.auth_asym_id 
_pdbx_unobs_or_zero_occ_residues.auth_comp_id 
_pdbx_unobs_or_zero_occ_residues.auth_seq_id 
_pdbx_unobs_or_zero_occ_residues.PDB_ins_code 
_pdbx_unobs_or_zero_occ_residues.label_asym_id 
_pdbx_unobs_or_zero_occ_residues.label_comp_id 
_pdbx_unobs_or_zero_occ_residues.label_seq_id 
1 1 Y 1 A U 26 ? A U 18 
2 1 Y 1 A C 27 ? A C 19 
3 1 Y 1 A U 28 ? A U 20 
4 1 Y 1 A U 54 ? A U 46 
5 1 Y 1 A C 55 ? A C 47 
# 
loop_
_chem_comp_atom.comp_id 
_chem_comp_atom.atom_id 
_chem_comp_atom.type_symbol 
_chem_comp_atom.pdbx_aromatic_flag 
_chem_comp_atom.pdbx_stereo_config 
_chem_comp_atom.pdbx_ordinal 
A   OP3    O  N N 1   
A   P      P  N N 2   
A   OP1    O  N N 3   
A   OP2    O  N N 4   
A   "O5'"  O  N N 5   
A   "C5'"  C  N N 6   
A   "C4'"  C  N R 7   
A   "O4'"  O  N N 8   
A   "C3'"  C  N S 9   
A   "O3'"  O  N N 10  
A   "C2'"  C  N R 11  
A   "O2'"  O  N N 12  
A   "C1'"  C  N R 13  
A   N9     N  Y N 14  
A   C8     C  Y N 15  
A   N7     N  Y N 16  
A   C5     C  Y N 17  
A   C6     C  Y N 18  
A   N6     N  N N 19  
A   N1     N  Y N 20  
A   C2     C  Y N 21  
A   N3     N  Y N 22  
A   C4     C  Y N 23  
A   HOP3   H  N N 24  
A   HOP2   H  N N 25  
A   "H5'"  H  N N 26  
A   "H5''" H  N N 27  
A   "H4'"  H  N N 28  
A   "H3'"  H  N N 29  
A   "HO3'" H  N N 30  
A   "H2'"  H  N N 31  
A   "HO2'" H  N N 32  
A   "H1'"  H  N N 33  
A   H8     H  N N 34  
A   H61    H  N N 35  
A   H62    H  N N 36  
A   H2     H  N N 37  
C   OP3    O  N N 38  
C   P      P  N N 39  
C   OP1    O  N N 40  
C   OP2    O  N N 41  
C   "O5'"  O  N N 42  
C   "C5'"  C  N N 43  
C   "C4'"  C  N R 44  
C   "O4'"  O  N N 45  
C   "C3'"  C  N S 46  
C   "O3'"  O  N N 47  
C   "C2'"  C  N R 48  
C   "O2'"  O  N N 49  
C   "C1'"  C  N R 50  
C   N1     N  N N 51  
C   C2     C  N N 52  
C   O2     O  N N 53  
C   N3     N  N N 54  
C   C4     C  N N 55  
C   N4     N  N N 56  
C   C5     C  N N 57  
C   C6     C  N N 58  
C   HOP3   H  N N 59  
C   HOP2   H  N N 60  
C   "H5'"  H  N N 61  
C   "H5''" H  N N 62  
C   "H4'"  H  N N 63  
C   "H3'"  H  N N 64  
C   "HO3'" H  N N 65  
C   "H2'"  H  N N 66  
C   "HO2'" H  N N 67  
C   "H1'"  H  N N 68  
C   H41    H  N N 69  
C   H42    H  N N 70  
C   H5     H  N N 71  
C   H6     H  N N 72  
CA  CA     CA N N 73  
G   OP3    O  N N 74  
G   P      P  N N 75  
G   OP1    O  N N 76  
G   OP2    O  N N 77  
G   "O5'"  O  N N 78  
G   "C5'"  C  N N 79  
G   "C4'"  C  N R 80  
G   "O4'"  O  N N 81  
G   "C3'"  C  N S 82  
G   "O3'"  O  N N 83  
G   "C2'"  C  N R 84  
G   "O2'"  O  N N 85  
G   "C1'"  C  N R 86  
G   N9     N  Y N 87  
G   C8     C  Y N 88  
G   N7     N  Y N 89  
G   C5     C  Y N 90  
G   C6     C  N N 91  
G   O6     O  N N 92  
G   N1     N  N N 93  
G   C2     C  N N 94  
G   N2     N  N N 95  
G   N3     N  N N 96  
G   C4     C  Y N 97  
G   HOP3   H  N N 98  
G   HOP2   H  N N 99  
G   "H5'"  H  N N 100 
G   "H5''" H  N N 101 
G   "H4'"  H  N N 102 
G   "H3'"  H  N N 103 
G   "HO3'" H  N N 104 
G   "H2'"  H  N N 105 
G   "HO2'" H  N N 106 
G   "H1'"  H  N N 107 
G   H8     H  N N 108 
G   H1     H  N N 109 
G   H21    H  N N 110 
G   H22    H  N N 111 
HOH O      O  N N 112 
HOH H1     H  N N 113 
HOH H2     H  N N 114 
TPP "N1'"  N  Y N 115 
TPP "C2'"  C  Y N 116 
TPP CM2    C  N N 117 
TPP "N3'"  N  Y N 118 
TPP "C4'"  C  Y N 119 
TPP "N4'"  N  N N 120 
TPP "C5'"  C  Y N 121 
TPP "C6'"  C  Y N 122 
TPP "C7'"  C  N N 123 
TPP N3     N  Y N 124 
TPP C2     C  Y N 125 
TPP S1     S  Y N 126 
TPP C5     C  Y N 127 
TPP C4     C  Y N 128 
TPP CM4    C  N N 129 
TPP C6     C  N N 130 
TPP C7     C  N N 131 
TPP O7     O  N N 132 
TPP PA     P  N S 133 
TPP O1A    O  N N 134 
TPP O2A    O  N N 135 
TPP O3A    O  N N 136 
TPP PB     P  N N 137 
TPP O1B    O  N N 138 
TPP O2B    O  N N 139 
TPP O3B    O  N N 140 
TPP HM21   H  N N 141 
TPP HM22   H  N N 142 
TPP HM23   H  N N 143 
TPP HN41   H  N N 144 
TPP HN42   H  N N 145 
TPP "H6'"  H  N N 146 
TPP "H7'1" H  N N 147 
TPP "H7'2" H  N N 148 
TPP H2     H  N N 149 
TPP HM41   H  N N 150 
TPP HM42   H  N N 151 
TPP HM43   H  N N 152 
TPP H61    H  N N 153 
TPP H62    H  N N 154 
TPP H71    H  N N 155 
TPP H72    H  N N 156 
TPP HOA2   H  N N 157 
TPP HOB2   H  N N 158 
TPP HOB3   H  N N 159 
U   OP3    O  N N 160 
U   P      P  N N 161 
U   OP1    O  N N 162 
U   OP2    O  N N 163 
U   "O5'"  O  N N 164 
U   "C5'"  C  N N 165 
U   "C4'"  C  N R 166 
U   "O4'"  O  N N 167 
U   "C3'"  C  N S 168 
U   "O3'"  O  N N 169 
U   "C2'"  C  N R 170 
U   "O2'"  O  N N 171 
U   "C1'"  C  N R 172 
U   N1     N  N N 173 
U   C2     C  N N 174 
U   O2     O  N N 175 
U   N3     N  N N 176 
U   C4     C  N N 177 
U   O4     O  N N 178 
U   C5     C  N N 179 
U   C6     C  N N 180 
U   HOP3   H  N N 181 
U   HOP2   H  N N 182 
U   "H5'"  H  N N 183 
U   "H5''" H  N N 184 
U   "H4'"  H  N N 185 
U   "H3'"  H  N N 186 
U   "HO3'" H  N N 187 
U   "H2'"  H  N N 188 
U   "HO2'" H  N N 189 
U   "H1'"  H  N N 190 
U   H3     H  N N 191 
U   H5     H  N N 192 
U   H6     H  N N 193 
# 
loop_
_chem_comp_bond.comp_id 
_chem_comp_bond.atom_id_1 
_chem_comp_bond.atom_id_2 
_chem_comp_bond.value_order 
_chem_comp_bond.pdbx_aromatic_flag 
_chem_comp_bond.pdbx_stereo_config 
_chem_comp_bond.pdbx_ordinal 
A   OP3   P      sing N N 1   
A   OP3   HOP3   sing N N 2   
A   P     OP1    doub N N 3   
A   P     OP2    sing N N 4   
A   P     "O5'"  sing N N 5   
A   OP2   HOP2   sing N N 6   
A   "O5'" "C5'"  sing N N 7   
A   "C5'" "C4'"  sing N N 8   
A   "C5'" "H5'"  sing N N 9   
A   "C5'" "H5''" sing N N 10  
A   "C4'" "O4'"  sing N N 11  
A   "C4'" "C3'"  sing N N 12  
A   "C4'" "H4'"  sing N N 13  
A   "O4'" "C1'"  sing N N 14  
A   "C3'" "O3'"  sing N N 15  
A   "C3'" "C2'"  sing N N 16  
A   "C3'" "H3'"  sing N N 17  
A   "O3'" "HO3'" sing N N 18  
A   "C2'" "O2'"  sing N N 19  
A   "C2'" "C1'"  sing N N 20  
A   "C2'" "H2'"  sing N N 21  
A   "O2'" "HO2'" sing N N 22  
A   "C1'" N9     sing N N 23  
A   "C1'" "H1'"  sing N N 24  
A   N9    C8     sing Y N 25  
A   N9    C4     sing Y N 26  
A   C8    N7     doub Y N 27  
A   C8    H8     sing N N 28  
A   N7    C5     sing Y N 29  
A   C5    C6     sing Y N 30  
A   C5    C4     doub Y N 31  
A   C6    N6     sing N N 32  
A   C6    N1     doub Y N 33  
A   N6    H61    sing N N 34  
A   N6    H62    sing N N 35  
A   N1    C2     sing Y N 36  
A   C2    N3     doub Y N 37  
A   C2    H2     sing N N 38  
A   N3    C4     sing Y N 39  
C   OP3   P      sing N N 40  
C   OP3   HOP3   sing N N 41  
C   P     OP1    doub N N 42  
C   P     OP2    sing N N 43  
C   P     "O5'"  sing N N 44  
C   OP2   HOP2   sing N N 45  
C   "O5'" "C5'"  sing N N 46  
C   "C5'" "C4'"  sing N N 47  
C   "C5'" "H5'"  sing N N 48  
C   "C5'" "H5''" sing N N 49  
C   "C4'" "O4'"  sing N N 50  
C   "C4'" "C3'"  sing N N 51  
C   "C4'" "H4'"  sing N N 52  
C   "O4'" "C1'"  sing N N 53  
C   "C3'" "O3'"  sing N N 54  
C   "C3'" "C2'"  sing N N 55  
C   "C3'" "H3'"  sing N N 56  
C   "O3'" "HO3'" sing N N 57  
C   "C2'" "O2'"  sing N N 58  
C   "C2'" "C1'"  sing N N 59  
C   "C2'" "H2'"  sing N N 60  
C   "O2'" "HO2'" sing N N 61  
C   "C1'" N1     sing N N 62  
C   "C1'" "H1'"  sing N N 63  
C   N1    C2     sing N N 64  
C   N1    C6     sing N N 65  
C   C2    O2     doub N N 66  
C   C2    N3     sing N N 67  
C   N3    C4     doub N N 68  
C   C4    N4     sing N N 69  
C   C4    C5     sing N N 70  
C   N4    H41    sing N N 71  
C   N4    H42    sing N N 72  
C   C5    C6     doub N N 73  
C   C5    H5     sing N N 74  
C   C6    H6     sing N N 75  
G   OP3   P      sing N N 76  
G   OP3   HOP3   sing N N 77  
G   P     OP1    doub N N 78  
G   P     OP2    sing N N 79  
G   P     "O5'"  sing N N 80  
G   OP2   HOP2   sing N N 81  
G   "O5'" "C5'"  sing N N 82  
G   "C5'" "C4'"  sing N N 83  
G   "C5'" "H5'"  sing N N 84  
G   "C5'" "H5''" sing N N 85  
G   "C4'" "O4'"  sing N N 86  
G   "C4'" "C3'"  sing N N 87  
G   "C4'" "H4'"  sing N N 88  
G   "O4'" "C1'"  sing N N 89  
G   "C3'" "O3'"  sing N N 90  
G   "C3'" "C2'"  sing N N 91  
G   "C3'" "H3'"  sing N N 92  
G   "O3'" "HO3'" sing N N 93  
G   "C2'" "O2'"  sing N N 94  
G   "C2'" "C1'"  sing N N 95  
G   "C2'" "H2'"  sing N N 96  
G   "O2'" "HO2'" sing N N 97  
G   "C1'" N9     sing N N 98  
G   "C1'" "H1'"  sing N N 99  
G   N9    C8     sing Y N 100 
G   N9    C4     sing Y N 101 
G   C8    N7     doub Y N 102 
G   C8    H8     sing N N 103 
G   N7    C5     sing Y N 104 
G   C5    C6     sing N N 105 
G   C5    C4     doub Y N 106 
G   C6    O6     doub N N 107 
G   C6    N1     sing N N 108 
G   N1    C2     sing N N 109 
G   N1    H1     sing N N 110 
G   C2    N2     sing N N 111 
G   C2    N3     doub N N 112 
G   N2    H21    sing N N 113 
G   N2    H22    sing N N 114 
G   N3    C4     sing N N 115 
HOH O     H1     sing N N 116 
HOH O     H2     sing N N 117 
TPP "N1'" "C2'"  doub Y N 118 
TPP "N1'" "C6'"  sing Y N 119 
TPP "C2'" CM2    sing N N 120 
TPP "C2'" "N3'"  sing Y N 121 
TPP CM2   HM21   sing N N 122 
TPP CM2   HM22   sing N N 123 
TPP CM2   HM23   sing N N 124 
TPP "N3'" "C4'"  doub Y N 125 
TPP "C4'" "N4'"  sing N N 126 
TPP "C4'" "C5'"  sing Y N 127 
TPP "N4'" HN41   sing N N 128 
TPP "N4'" HN42   sing N N 129 
TPP "C5'" "C6'"  doub Y N 130 
TPP "C5'" "C7'"  sing N N 131 
TPP "C6'" "H6'"  sing N N 132 
TPP "C7'" N3     sing N N 133 
TPP "C7'" "H7'1" sing N N 134 
TPP "C7'" "H7'2" sing N N 135 
TPP N3    C2     doub Y N 136 
TPP N3    C4     sing Y N 137 
TPP C2    S1     sing Y N 138 
TPP C2    H2     sing N N 139 
TPP S1    C5     sing Y N 140 
TPP C5    C4     doub Y N 141 
TPP C5    C6     sing N N 142 
TPP C4    CM4    sing N N 143 
TPP CM4   HM41   sing N N 144 
TPP CM4   HM42   sing N N 145 
TPP CM4   HM43   sing N N 146 
TPP C6    C7     sing N N 147 
TPP C6    H61    sing N N 148 
TPP C6    H62    sing N N 149 
TPP C7    O7     sing N N 150 
TPP C7    H71    sing N N 151 
TPP C7    H72    sing N N 152 
TPP O7    PA     sing N N 153 
TPP PA    O1A    doub N N 154 
TPP PA    O2A    sing N N 155 
TPP PA    O3A    sing N N 156 
TPP O2A   HOA2   sing N N 157 
TPP O3A   PB     sing N N 158 
TPP PB    O1B    doub N N 159 
TPP PB    O2B    sing N N 160 
TPP PB    O3B    sing N N 161 
TPP O2B   HOB2   sing N N 162 
TPP O3B   HOB3   sing N N 163 
U   OP3   P      sing N N 164 
U   OP3   HOP3   sing N N 165 
U   P     OP1    doub N N 166 
U   P     OP2    sing N N 167 
U   P     "O5'"  sing N N 168 
U   OP2   HOP2   sing N N 169 
U   "O5'" "C5'"  sing N N 170 
U   "C5'" "C4'"  sing N N 171 
U   "C5'" "H5'"  sing N N 172 
U   "C5'" "H5''" sing N N 173 
U   "C4'" "O4'"  sing N N 174 
U   "C4'" "C3'"  sing N N 175 
U   "C4'" "H4'"  sing N N 176 
U   "O4'" "C1'"  sing N N 177 
U   "C3'" "O3'"  sing N N 178 
U   "C3'" "C2'"  sing N N 179 
U   "C3'" "H3'"  sing N N 180 
U   "O3'" "HO3'" sing N N 181 
U   "C2'" "O2'"  sing N N 182 
U   "C2'" "C1'"  sing N N 183 
U   "C2'" "H2'"  sing N N 184 
U   "O2'" "HO2'" sing N N 185 
U   "C1'" N1     sing N N 186 
U   "C1'" "H1'"  sing N N 187 
U   N1    C2     sing N N 188 
U   N1    C6     sing N N 189 
U   C2    O2     doub N N 190 
U   C2    N3     sing N N 191 
U   N3    C4     sing N N 192 
U   N3    H3     sing N N 193 
U   C4    O4     doub N N 194 
U   C4    C5     sing N N 195 
U   C5    C6     doub N N 196 
U   C5    H5     sing N N 197 
U   C6    H6     sing N N 198 
# 
loop_
_ndb_struct_conf_na.entry_id 
_ndb_struct_conf_na.feature 
2HOK 'double helix'         
2HOK 'a-form double helix'  
2HOK 'hairpin loop'         
2HOK 'bulge loop'           
2HOK 'mismatched base pair' 
2HOK 'internal loop'        
2HOK 'three-way junction'   
# 
loop_
_ndb_struct_na_base_pair.model_number 
_ndb_struct_na_base_pair.i_label_asym_id 
_ndb_struct_na_base_pair.i_label_comp_id 
_ndb_struct_na_base_pair.i_label_seq_id 
_ndb_struct_na_base_pair.i_symmetry 
_ndb_struct_na_base_pair.j_label_asym_id 
_ndb_struct_na_base_pair.j_label_comp_id 
_ndb_struct_na_base_pair.j_label_seq_id 
_ndb_struct_na_base_pair.j_symmetry 
_ndb_struct_na_base_pair.shear 
_ndb_struct_na_base_pair.stretch 
_ndb_struct_na_base_pair.stagger 
_ndb_struct_na_base_pair.buckle 
_ndb_struct_na_base_pair.propeller 
_ndb_struct_na_base_pair.opening 
_ndb_struct_na_base_pair.pair_number 
_ndb_struct_na_base_pair.pair_name 
_ndb_struct_na_base_pair.i_auth_asym_id 
_ndb_struct_na_base_pair.i_auth_seq_id 
_ndb_struct_na_base_pair.i_PDB_ins_code 
_ndb_struct_na_base_pair.j_auth_asym_id 
_ndb_struct_na_base_pair.j_auth_seq_id 
_ndb_struct_na_base_pair.j_PDB_ins_code 
_ndb_struct_na_base_pair.hbond_type_28 
_ndb_struct_na_base_pair.hbond_type_12 
1 A G 1  1_555 A C 82 1_555 0.248  -0.070 -0.267 -9.537  -17.537 3.312   1  A_G9:C90_A  A 9  ? A 90 ? 19 1  
1 A C 2  1_555 A G 81 1_555 0.288  -0.251 0.185  -5.064  -14.326 -0.743  2  A_C10:G89_A A 10 ? A 89 ? 19 1  
1 A G 3  1_555 A C 80 1_555 -0.258 -0.386 -0.570 -12.633 -16.365 2.986   3  A_G11:C88_A A 11 ? A 88 ? 19 1  
1 A A 4  1_555 A U 79 1_555 0.544  -0.341 0.109  -6.684  -6.227  -0.705  4  A_A12:U87_A A 12 ? A 87 ? 20 1  
1 A C 5  1_555 A G 78 1_555 0.278  -0.175 -0.211 2.722   -16.928 -0.153  5  A_C13:G86_A A 13 ? A 86 ? 19 1  
1 A U 6  1_555 A A 77 1_555 -0.578 0.240  0.189  -10.873 -15.494 16.117  6  A_U14:A85_A A 14 ? A 85 ? ?  ?  
1 A C 7  1_555 A G 43 1_555 -0.676 -0.060 -0.222 1.221   -10.144 4.936   7  A_C15:G51_A A 15 ? A 51 ? 19 1  
1 A G 8  1_555 A C 42 1_555 0.096  0.222  0.061  -2.549  -12.534 10.107  8  A_G16:C50_A A 16 ? A 50 ? ?  1  
1 A G 9  1_555 A C 41 1_555 -0.758 -0.134 0.410  -8.440  -5.912  6.138   9  A_G17:C49_A A 17 ? A 49 ? 19 1  
1 A G 10 1_555 A C 40 1_555 -0.852 -0.218 -0.208 -17.409 -16.109 -9.582  10 A_G18:C48_A A 18 ? A 48 ? 19 1  
1 A G 11 1_555 A A 39 1_555 0.081  1.648  -0.622 -2.512  -15.095 -26.685 11 A_G19:A47_A A 19 ? A 47 ? 8  ?  
1 A U 12 1_555 A A 37 1_555 0.619  -0.235 -1.023 26.176  -0.520  3.681   12 A_U20:A45_A A 20 ? A 45 ? 20 1  
1 A A 27 1_555 A C 16 1_555 -3.137 -0.692 -0.199 -2.020  -6.744  -22.918 13 A_A35:C24_A A 35 ? A 24 ? ?  1  
1 A G 28 1_555 A C 15 1_555 -0.690 -0.123 -0.095 4.041   -9.297  9.301   14 A_G36:C23_A A 36 ? A 23 ? 19 1  
1 A G 29 1_555 A C 14 1_555 -0.793 -0.027 0.054  -5.827  -10.043 10.492  15 A_G37:C22_A A 37 ? A 22 ? 19 1  
1 A C 30 1_555 A G 13 1_555 0.446  -0.370 0.803  -16.275 2.888   -6.848  16 A_C38:G21_A A 38 ? A 21 ? 19 1  
1 A U 31 1_555 A A 35 1_555 4.283  -1.910 0.007  3.889   11.910  -91.115 17 A_U39:A43_A A 39 ? A 43 ? 24 4  
1 A A 45 1_555 A A 76 1_555 5.495  -5.408 0.612  -18.998 18.271  173.424 18 A_A53:A84_A A 53 ? A 84 ? 2  7  
1 A A 48 1_555 A G 75 1_555 -7.171 -4.547 0.026  17.011  -14.199 -13.100 19 A_A56:G83_A A 56 ? A 83 ? ?  10 
1 A C 49 1_555 A G 74 1_555 1.341  -0.149 0.110  6.662   -11.345 -1.841  20 A_C57:G82_A A 57 ? A 82 ? 19 1  
1 A C 50 1_555 A G 73 1_555 0.747  -0.719 -0.224 2.891   -7.312  -5.287  21 A_C58:G81_A A 58 ? A 81 ? 19 1  
1 A U 51 1_555 A A 72 1_555 0.395  0.172  0.305  -23.524 -12.745 1.157   22 A_U59:A80_A A 59 ? A 80 ? 20 1  
1 A G 52 1_555 A G 70 1_555 1.477  3.139  0.500  -12.438 3.587   -94.130 23 A_G60:G78_A A 60 ? A 78 ? 6  ?  
1 A A 53 1_555 A C 69 1_555 -1.811 2.266  -1.115 8.803   -20.268 111.968 24 A_A61:C77_A A 61 ? A 77 ? ?  ?  
1 A C 55 1_555 A G 68 1_555 0.782  -0.315 -0.436 9.937   -17.810 0.978   25 A_C63:G76_A A 63 ? A 76 ? 19 1  
1 A U 56 1_555 A A 67 1_555 -0.140 0.268  0.393  5.726   -16.068 4.450   26 A_U64:A75_A A 64 ? A 75 ? ?  ?  
1 A G 57 1_555 A C 66 1_555 0.613  0.089  -0.319 -8.210  13.078  4.639   27 A_G65:C74_A A 65 ? A 74 ? 19 1  
1 A G 58 1_555 A C 65 1_555 0.648  -0.238 -0.214 -10.055 -3.987  -1.114  28 A_G66:C73_A A 66 ? A 73 ? 19 1  
# 
loop_
_ndb_struct_na_base_pair_step.model_number 
_ndb_struct_na_base_pair_step.i_label_asym_id_1 
_ndb_struct_na_base_pair_step.i_label_comp_id_1 
_ndb_struct_na_base_pair_step.i_label_seq_id_1 
_ndb_struct_na_base_pair_step.i_symmetry_1 
_ndb_struct_na_base_pair_step.j_label_asym_id_1 
_ndb_struct_na_base_pair_step.j_label_comp_id_1 
_ndb_struct_na_base_pair_step.j_label_seq_id_1 
_ndb_struct_na_base_pair_step.j_symmetry_1 
_ndb_struct_na_base_pair_step.i_label_asym_id_2 
_ndb_struct_na_base_pair_step.i_label_comp_id_2 
_ndb_struct_na_base_pair_step.i_label_seq_id_2 
_ndb_struct_na_base_pair_step.i_symmetry_2 
_ndb_struct_na_base_pair_step.j_label_asym_id_2 
_ndb_struct_na_base_pair_step.j_label_comp_id_2 
_ndb_struct_na_base_pair_step.j_label_seq_id_2 
_ndb_struct_na_base_pair_step.j_symmetry_2 
_ndb_struct_na_base_pair_step.shift 
_ndb_struct_na_base_pair_step.slide 
_ndb_struct_na_base_pair_step.rise 
_ndb_struct_na_base_pair_step.tilt 
_ndb_struct_na_base_pair_step.roll 
_ndb_struct_na_base_pair_step.twist 
_ndb_struct_na_base_pair_step.x_displacement 
_ndb_struct_na_base_pair_step.y_displacement 
_ndb_struct_na_base_pair_step.helical_rise 
_ndb_struct_na_base_pair_step.inclination 
_ndb_struct_na_base_pair_step.tip 
_ndb_struct_na_base_pair_step.helical_twist 
_ndb_struct_na_base_pair_step.step_number 
_ndb_struct_na_base_pair_step.step_name 
_ndb_struct_na_base_pair_step.i_auth_asym_id_1 
_ndb_struct_na_base_pair_step.i_auth_seq_id_1 
_ndb_struct_na_base_pair_step.i_PDB_ins_code_1 
_ndb_struct_na_base_pair_step.j_auth_asym_id_1 
_ndb_struct_na_base_pair_step.j_auth_seq_id_1 
_ndb_struct_na_base_pair_step.j_PDB_ins_code_1 
_ndb_struct_na_base_pair_step.i_auth_asym_id_2 
_ndb_struct_na_base_pair_step.i_auth_seq_id_2 
_ndb_struct_na_base_pair_step.i_PDB_ins_code_2 
_ndb_struct_na_base_pair_step.j_auth_asym_id_2 
_ndb_struct_na_base_pair_step.j_auth_seq_id_2 
_ndb_struct_na_base_pair_step.j_PDB_ins_code_2 
1 A G 1  1_555 A C 82 1_555 A C 2  1_555 A G 81 1_555 -0.323 -0.961 3.154  -6.117  3.161    37.985  -1.829 -0.238 3.081  4.808   
9.304   38.581   1  AA_G9C10:G89C90_AA  A 9  ? A 90 ? A 10 ? A 89 ? 
1 A C 2  1_555 A G 81 1_555 A G 3  1_555 A C 80 1_555 0.268  -1.684 3.394  5.600   11.520   28.898  -5.137 0.499  2.559  21.783  
-10.589 31.554   2  AA_C10G11:C88G89_AA A 10 ? A 89 ? A 11 ? A 88 ? 
1 A G 3  1_555 A C 80 1_555 A A 4  1_555 A U 79 1_555 -0.675 -1.008 3.037  -9.715  1.394    34.213  -1.844 -0.245 3.067  2.312   
16.107  35.552   3  AA_G11A12:U87C88_AA A 11 ? A 88 ? A 12 ? A 87 ? 
1 A A 4  1_555 A U 79 1_555 A C 5  1_555 A G 78 1_555 -0.515 -1.605 3.029  1.778   2.201    30.209  -3.468 1.308  2.873  4.211   
-3.403  30.338   4  AA_A12C13:G86U87_AA A 12 ? A 87 ? A 13 ? A 86 ? 
1 A C 5  1_555 A G 78 1_555 A U 6  1_555 A A 77 1_555 1.220  -0.683 3.464  0.938   5.571    28.628  -2.626 -2.209 3.312  11.129  
-1.873  29.168   5  AA_C13U14:A85G86_AA A 13 ? A 86 ? A 14 ? A 85 ? 
1 A U 6  1_555 A A 77 1_555 A C 7  1_555 A G 43 1_555 0.796  -0.235 2.971  2.239   4.271    40.498  -0.766 -0.917 2.970  6.144   
-3.220  40.772   6  AA_U14C15:G51A85_AA A 14 ? A 85 ? A 15 ? A 51 ? 
1 A C 7  1_555 A G 43 1_555 A G 8  1_555 A C 42 1_555 1.282  -1.569 3.283  -2.280  6.702    35.197  -3.457 -2.390 2.860  10.947  
3.724   35.880   7  AA_C15G16:C50G51_AA A 15 ? A 51 ? A 16 ? A 50 ? 
1 A G 8  1_555 A C 42 1_555 A G 9  1_555 A C 41 1_555 -0.353 -1.740 3.296  0.076   -0.262   32.338  -3.077 0.647  3.308  -0.470  
-0.137  32.339   8  AA_G16G17:C49C50_AA A 16 ? A 50 ? A 17 ? A 49 ? 
1 A G 9  1_555 A C 41 1_555 A G 10 1_555 A C 40 1_555 -0.207 -1.941 3.319  8.205   13.858   28.373  -5.592 1.629  2.042  25.812  
-15.282 32.544   9  AA_G17G18:C48C49_AA A 17 ? A 49 ? A 18 ? A 48 ? 
1 A G 10 1_555 A C 40 1_555 A G 11 1_555 A A 39 1_555 -1.125 -0.767 2.857  6.316   6.745    41.119  -1.647 2.108  2.515  9.459   
-8.857  42.101   10 AA_G18G19:A47C48_AA A 18 ? A 48 ? A 19 ? A 47 ? 
1 A G 11 1_555 A A 39 1_555 A U 12 1_555 A A 37 1_555 0.316  0.842  2.627  8.572   6.072    10.792  -1.284 5.143  2.405  25.635  
-36.191 15.049   11 AA_G19U20:A45A47_AA A 19 ? A 47 ? A 20 ? A 45 ? 
1 A A 27 1_555 A C 16 1_555 A G 28 1_555 A C 15 1_555 0.891  -1.352 3.260  -2.177  6.166    35.685  -2.998 -1.723 2.935  9.959   
3.516   36.260   12 AA_A35G36:C23C24_AA A 35 ? A 24 ? A 36 ? A 23 ? 
1 A G 28 1_555 A C 15 1_555 A G 29 1_555 A C 14 1_555 -0.275 -1.650 3.356  -5.181  8.344    32.907  -4.071 -0.326 2.874  14.337  
8.902   34.303   13 AA_G36G37:C22C23_AA A 36 ? A 23 ? A 37 ? A 22 ? 
1 A G 29 1_555 A C 14 1_555 A C 30 1_555 A G 13 1_555 -0.682 -1.869 3.488  -3.284  12.504   41.442  -3.746 0.604  2.877  17.174  
4.511   43.326   14 AA_G37C38:G21C22_AA A 37 ? A 22 ? A 38 ? A 21 ? 
1 A C 30 1_555 A G 13 1_555 A U 31 1_555 A A 35 1_555 -3.046 -1.233 2.634  15.438  -0.338   65.606  -1.104 3.180  1.962  -0.307  
-14.047 67.200   15 AA_C38U39:A43G21_AA A 38 ? A 21 ? A 39 ? A 43 ? 
1 A A 45 1_555 A A 76 1_555 A A 48 1_555 A G 75 1_555 -2.313 -2.121 -0.298 149.718 -82.800  -11.325 1.210  -0.895 0.963  43.343  
78.373  -171.132 16 AA_A53A56:G83A84_AA A 53 ? A 84 ? A 56 ? A 83 ? 
1 A A 48 1_555 A G 75 1_555 A C 49 1_555 A G 74 1_555 1.253  -0.710 3.734  -3.751  6.149    72.698  -0.821 -1.190 3.614  5.175   
3.157   73.005   17 AA_A56C57:G82G83_AA A 56 ? A 83 ? A 57 ? A 82 ? 
1 A C 49 1_555 A G 74 1_555 A C 50 1_555 A G 73 1_555 -0.793 -2.100 3.238  0.094   3.651    27.538  -5.208 1.673  2.937  7.626   
-0.197  27.774   18 AA_C57C58:G81G82_AA A 57 ? A 82 ? A 58 ? A 81 ? 
1 A C 50 1_555 A G 73 1_555 A U 51 1_555 A A 72 1_555 0.616  -1.294 3.722  2.845   17.379   40.306  -3.508 -0.535 2.982  23.890  
-3.911  43.838   19 AA_C58U59:A80G81_AA A 58 ? A 81 ? A 59 ? A 80 ? 
1 A U 51 1_555 A A 72 1_555 A G 52 1_555 A G 70 1_555 2.197  -1.985 2.551  10.665  -0.301   88.669  -1.409 -1.386 2.753  -0.214  
-7.608  89.175   20 AA_U59G60:G78A80_AA A 59 ? A 80 ? A 60 ? A 78 ? 
1 A G 52 1_555 A G 70 1_555 A A 53 1_555 A C 69 1_555 2.612  1.753  -1.083 30.856  -165.658 -45.615 -0.998 1.290  0.725  86.282  
16.071  -169.408 21 AA_G60A61:C77G78_AA A 60 ? A 78 ? A 61 ? A 77 ? 
1 A A 53 1_555 A C 69 1_555 A C 55 1_555 A G 68 1_555 -2.160 -2.880 -1.170 98.699  -134.178 157.547 -1.524 1.019  -0.947 -67.192 
-49.425 177.391  22 AA_A61C63:G76C77_AA A 61 ? A 77 ? A 63 ? A 76 ? 
1 A C 55 1_555 A G 68 1_555 A U 56 1_555 A A 67 1_555 0.071  -1.750 3.358  -6.909  5.234    28.567  -4.467 -1.546 2.903  10.311  
13.611  29.827   23 AA_C63U64:A75G76_AA A 63 ? A 76 ? A 64 ? A 75 ? 
1 A U 56 1_555 A A 67 1_555 A G 57 1_555 A C 66 1_555 -0.567 -1.460 3.170  0.375   18.075   38.193  -3.672 0.824  2.279  25.926  
-0.538  42.111   24 AA_U64G65:C74A75_AA A 64 ? A 75 ? A 65 ? A 74 ? 
1 A G 57 1_555 A C 66 1_555 A G 58 1_555 A C 65 1_555 0.155  -2.276 3.348  3.710   -0.790   31.821  -3.977 0.411  3.398  -1.434  
-6.737  32.040   25 AA_G65G66:C73C74_AA A 65 ? A 74 ? A 66 ? A 73 ? 
# 
_atom_sites.entry_id                    2HOK 
_atom_sites.fract_transf_matrix[1][1]   -0.00186881 
_atom_sites.fract_transf_matrix[1][2]   -0.00551434 
_atom_sites.fract_transf_matrix[1][3]   0.01641419 
_atom_sites.fract_transf_matrix[2][1]   0.00924896 
_atom_sites.fract_transf_matrix[2][2]   -0.01360233 
_atom_sites.fract_transf_matrix[2][3]   0.00572280 
_atom_sites.fract_transf_matrix[3][1]   0.00718364 
_atom_sites.fract_transf_matrix[3][2]   0.00608932 
_atom_sites.fract_transf_matrix[3][3]   0.00286358 
_atom_sites.fract_transf_vector[1]      0.677977 
_atom_sites.fract_transf_vector[2]      0.683786 
_atom_sites.fract_transf_vector[3]      0.622391 
# 
loop_
_atom_type.symbol 
C  
CA 
N  
O  
P  
S  
# 
loop_
_atom_site.group_PDB 
_atom_site.id 
_atom_site.type_symbol 
_atom_site.label_atom_id 
_atom_site.label_alt_id 
_atom_site.label_comp_id 
_atom_site.label_asym_id 
_atom_site.label_entity_id 
_atom_site.label_seq_id 
_atom_site.pdbx_PDB_ins_code 
_atom_site.Cartn_x 
_atom_site.Cartn_y 
_atom_site.Cartn_z 
_atom_site.occupancy 
_atom_site.B_iso_or_equiv 
_atom_site.pdbx_formal_charge 
_atom_site.auth_seq_id 
_atom_site.auth_comp_id 
_atom_site.auth_asym_id 
_atom_site.auth_atom_id 
_atom_site.pdbx_PDB_model_num 
ATOM   1    O  "O5'" . G   A 1 1  ? -23.799 -11.834 5.546   1.00 53.98 ? 9   G   A "O5'" 1 
ATOM   2    C  "C5'" . G   A 1 1  ? -23.078 -12.804 6.323   1.00 51.19 ? 9   G   A "C5'" 1 
ATOM   3    C  "C4'" . G   A 1 1  ? -22.846 -14.135 5.634   1.00 50.30 ? 9   G   A "C4'" 1 
ATOM   4    O  "O4'" . G   A 1 1  ? -24.102 -14.648 5.109   1.00 49.61 ? 9   G   A "O4'" 1 
ATOM   5    C  "C3'" . G   A 1 1  ? -21.939 -14.134 4.413   1.00 49.08 ? 9   G   A "C3'" 1 
ATOM   6    O  "O3'" . G   A 1 1  ? -20.565 -14.168 4.768   1.00 49.10 ? 9   G   A "O3'" 1 
ATOM   7    C  "C2'" . G   A 1 1  ? -22.331 -15.442 3.754   1.00 48.27 ? 9   G   A "C2'" 1 
ATOM   8    O  "O2'" . G   A 1 1  ? -21.783 -16.524 4.470   1.00 46.26 ? 9   G   A "O2'" 1 
ATOM   9    C  "C1'" . G   A 1 1  ? -23.844 -15.433 3.957   1.00 47.66 ? 9   G   A "C1'" 1 
ATOM   10   N  N9    . G   A 1 1  ? -24.596 -14.874 2.838   1.00 46.70 ? 9   G   A N9    1 
ATOM   11   C  C8    . G   A 1 1  ? -25.263 -13.678 2.808   1.00 47.50 ? 9   G   A C8    1 
ATOM   12   N  N7    . G   A 1 1  ? -25.904 -13.477 1.688   1.00 48.19 ? 9   G   A N7    1 
ATOM   13   C  C5    . G   A 1 1  ? -25.625 -14.602 0.928   1.00 46.65 ? 9   G   A C5    1 
ATOM   14   C  C6    . G   A 1 1  ? -26.043 -14.953 -0.379  1.00 47.66 ? 9   G   A C6    1 
ATOM   15   O  O6    . G   A 1 1  ? -26.772 -14.319 -1.160  1.00 50.10 ? 9   G   A O6    1 
ATOM   16   N  N1    . G   A 1 1  ? -25.526 -16.181 -0.762  1.00 47.87 ? 9   G   A N1    1 
ATOM   17   C  C2    . G   A 1 1  ? -24.710 -16.971 0.004   1.00 47.48 ? 9   G   A C2    1 
ATOM   18   N  N2    . G   A 1 1  ? -24.298 -18.125 -0.554  1.00 45.17 ? 9   G   A N2    1 
ATOM   19   N  N3    . G   A 1 1  ? -24.320 -16.655 1.224   1.00 47.87 ? 9   G   A N3    1 
ATOM   20   C  C4    . G   A 1 1  ? -24.809 -15.466 1.618   1.00 46.25 ? 9   G   A C4    1 
ATOM   21   P  P     . C   A 1 2  ? -19.499 -13.344 3.884   1.00 50.22 ? 10  C   A P     1 
ATOM   22   O  OP1   . C   A 1 2  ? -18.260 -13.179 4.702   1.00 49.52 ? 10  C   A OP1   1 
ATOM   23   O  OP2   . C   A 1 2  ? -20.184 -12.139 3.336   1.00 48.52 ? 10  C   A OP2   1 
ATOM   24   O  "O5'" . C   A 1 2  ? -19.185 -14.333 2.678   1.00 47.45 ? 10  C   A "O5'" 1 
ATOM   25   C  "C5'" . C   A 1 2  ? -18.603 -15.603 2.935   1.00 46.55 ? 10  C   A "C5'" 1 
ATOM   26   C  "C4'" . C   A 1 2  ? -18.637 -16.467 1.698   1.00 45.50 ? 10  C   A "C4'" 1 
ATOM   27   O  "O4'" . C   A 1 2  ? -19.997 -16.893 1.427   1.00 44.24 ? 10  C   A "O4'" 1 
ATOM   28   C  "C3'" . C   A 1 2  ? -18.191 -15.827 0.398   1.00 44.81 ? 10  C   A "C3'" 1 
ATOM   29   O  "O3'" . C   A 1 2  ? -16.783 -15.815 0.257   1.00 43.81 ? 10  C   A "O3'" 1 
ATOM   30   C  "C2'" . C   A 1 2  ? -18.827 -16.762 -0.611  1.00 44.83 ? 10  C   A "C2'" 1 
ATOM   31   O  "O2'" . C   A 1 2  ? -18.138 -17.994 -0.647  1.00 46.15 ? 10  C   A "O2'" 1 
ATOM   32   C  "C1'" . C   A 1 2  ? -20.195 -16.984 0.028   1.00 43.71 ? 10  C   A "C1'" 1 
ATOM   33   N  N1    . C   A 1 2  ? -21.133 -15.929 -0.356  1.00 41.74 ? 10  C   A N1    1 
ATOM   34   C  C2    . C   A 1 2  ? -21.749 -15.998 -1.597  1.00 41.24 ? 10  C   A C2    1 
ATOM   35   O  O2    . C   A 1 2  ? -21.540 -16.983 -2.314  1.00 39.58 ? 10  C   A O2    1 
ATOM   36   N  N3    . C   A 1 2  ? -22.566 -14.987 -1.986  1.00 42.23 ? 10  C   A N3    1 
ATOM   37   C  C4    . C   A 1 2  ? -22.787 -13.953 -1.170  1.00 40.10 ? 10  C   A C4    1 
ATOM   38   N  N4    . C   A 1 2  ? -23.583 -12.981 -1.595  1.00 38.40 ? 10  C   A N4    1 
ATOM   39   C  C5    . C   A 1 2  ? -22.196 -13.877 0.117   1.00 41.78 ? 10  C   A C5    1 
ATOM   40   C  C6    . C   A 1 2  ? -21.383 -14.878 0.480   1.00 42.98 ? 10  C   A C6    1 
ATOM   41   P  P     . G   A 1 3  ? -16.105 -14.743 -0.724  1.00 44.86 ? 11  G   A P     1 
ATOM   42   O  OP1   . G   A 1 3  ? -14.637 -14.986 -0.788  1.00 45.74 ? 11  G   A OP1   1 
ATOM   43   O  OP2   . G   A 1 3  ? -16.608 -13.396 -0.345  1.00 44.38 ? 11  G   A OP2   1 
ATOM   44   O  "O5'" . G   A 1 3  ? -16.690 -15.142 -2.143  1.00 42.13 ? 11  G   A "O5'" 1 
ATOM   45   C  "C5'" . G   A 1 3  ? -16.281 -16.354 -2.738  1.00 42.57 ? 11  G   A "C5'" 1 
ATOM   46   C  "C4'" . G   A 1 3  ? -16.870 -16.496 -4.112  1.00 42.85 ? 11  G   A "C4'" 1 
ATOM   47   O  "O4'" . G   A 1 3  ? -18.312 -16.540 -4.018  1.00 43.66 ? 11  G   A "O4'" 1 
ATOM   48   C  "C3'" . G   A 1 3  ? -16.593 -15.386 -5.100  1.00 42.17 ? 11  G   A "C3'" 1 
ATOM   49   O  "O3'" . G   A 1 3  ? -15.333 -15.643 -5.696  1.00 43.59 ? 11  G   A "O3'" 1 
ATOM   50   C  "C2'" . G   A 1 3  ? -17.705 -15.627 -6.098  1.00 42.34 ? 11  G   A "C2'" 1 
ATOM   51   O  "O2'" . G   A 1 3  ? -17.405 -16.802 -6.812  1.00 43.53 ? 11  G   A "O2'" 1 
ATOM   52   C  "C1'" . G   A 1 3  ? -18.874 -15.950 -5.168  1.00 42.64 ? 11  G   A "C1'" 1 
ATOM   53   N  N9    . G   A 1 3  ? -19.664 -14.803 -4.737  1.00 42.86 ? 11  G   A N9    1 
ATOM   54   C  C8    . G   A 1 3  ? -19.581 -14.134 -3.538  1.00 44.89 ? 11  G   A C8    1 
ATOM   55   N  N7    . G   A 1 3  ? -20.436 -13.154 -3.435  1.00 44.34 ? 11  G   A N7    1 
ATOM   56   C  C5    . G   A 1 3  ? -21.118 -13.178 -4.642  1.00 45.13 ? 11  G   A C5    1 
ATOM   57   C  C6    . G   A 1 3  ? -22.165 -12.358 -5.122  1.00 45.81 ? 11  G   A C6    1 
ATOM   58   O  O6    . G   A 1 3  ? -22.724 -11.410 -4.561  1.00 44.92 ? 11  G   A O6    1 
ATOM   59   N  N1    . G   A 1 3  ? -22.560 -12.735 -6.396  1.00 46.48 ? 11  G   A N1    1 
ATOM   60   C  C2    . G   A 1 3  ? -22.017 -13.767 -7.116  1.00 47.18 ? 11  G   A C2    1 
ATOM   61   N  N2    . G   A 1 3  ? -22.535 -13.984 -8.335  1.00 49.33 ? 11  G   A N2    1 
ATOM   62   N  N3    . G   A 1 3  ? -21.043 -14.534 -6.681  1.00 45.41 ? 11  G   A N3    1 
ATOM   63   C  C4    . G   A 1 3  ? -20.647 -14.190 -5.451  1.00 43.31 ? 11  G   A C4    1 
ATOM   64   P  P     . A   A 1 4  ? -14.578 -14.490 -6.520  1.00 46.22 ? 12  A   A P     1 
ATOM   65   O  OP1   . A   A 1 4  ? -13.288 -15.075 -6.979  1.00 45.85 ? 12  A   A OP1   1 
ATOM   66   O  OP2   . A   A 1 4  ? -14.570 -13.224 -5.732  1.00 46.12 ? 12  A   A OP2   1 
ATOM   67   O  "O5'" . A   A 1 4  ? -15.506 -14.274 -7.794  1.00 43.82 ? 12  A   A "O5'" 1 
ATOM   68   C  "C5'" . A   A 1 4  ? -15.673 -15.314 -8.745  1.00 42.23 ? 12  A   A "C5'" 1 
ATOM   69   C  "C4'" . A   A 1 4  ? -16.704 -14.925 -9.767  1.00 40.46 ? 12  A   A "C4'" 1 
ATOM   70   O  "O4'" . A   A 1 4  ? -18.001 -14.815 -9.137  1.00 38.91 ? 12  A   A "O4'" 1 
ATOM   71   C  "C3'" . A   A 1 4  ? -16.469 -13.580 -10.422 1.00 40.82 ? 12  A   A "C3'" 1 
ATOM   72   O  "O3'" . A   A 1 4  ? -15.631 -13.754 -11.551 1.00 42.21 ? 12  A   A "O3'" 1 
ATOM   73   C  "C2'" . A   A 1 4  ? -17.867 -13.205 -10.870 1.00 41.63 ? 12  A   A "C2'" 1 
ATOM   74   O  "O2'" . A   A 1 4  ? -18.190 -13.890 -12.063 1.00 43.48 ? 12  A   A "O2'" 1 
ATOM   75   C  "C1'" . A   A 1 4  ? -18.719 -13.751 -9.723  1.00 41.26 ? 12  A   A "C1'" 1 
ATOM   76   N  N9    . A   A 1 4  ? -19.041 -12.785 -8.675  1.00 41.53 ? 12  A   A N9    1 
ATOM   77   C  C8    . A   A 1 4  ? -18.512 -12.733 -7.414  1.00 45.27 ? 12  A   A C8    1 
ATOM   78   N  N7    . A   A 1 4  ? -19.003 -11.776 -6.670  1.00 44.75 ? 12  A   A N7    1 
ATOM   79   C  C5    . A   A 1 4  ? -19.912 -11.150 -7.502  1.00 43.65 ? 12  A   A C5    1 
ATOM   80   C  C6    . A   A 1 4  ? -20.759 -10.062 -7.302  1.00 44.54 ? 12  A   A C6    1 
ATOM   81   N  N6    . A   A 1 4  ? -20.817 -9.383  -6.163  1.00 46.70 ? 12  A   A N6    1 
ATOM   82   N  N1    . A   A 1 4  ? -21.551 -9.685  -8.322  1.00 46.70 ? 12  A   A N1    1 
ATOM   83   C  C2    . A   A 1 4  ? -21.476 -10.369 -9.471  1.00 48.56 ? 12  A   A C2    1 
ATOM   84   N  N3    . A   A 1 4  ? -20.708 -11.411 -9.784  1.00 46.48 ? 12  A   A N3    1 
ATOM   85   C  C4    . A   A 1 4  ? -19.942 -11.757 -8.741  1.00 42.69 ? 12  A   A C4    1 
ATOM   86   P  P     . C   A 1 5  ? -14.859 -12.494 -12.170 1.00 45.44 ? 13  C   A P     1 
ATOM   87   O  OP1   . C   A 1 5  ? -14.006 -12.960 -13.297 1.00 45.79 ? 13  C   A OP1   1 
ATOM   88   O  OP2   . C   A 1 5  ? -14.230 -11.771 -11.034 1.00 46.23 ? 13  C   A OP2   1 
ATOM   89   O  "O5'" . C   A 1 5  ? -16.029 -11.612 -12.790 1.00 44.76 ? 13  C   A "O5'" 1 
ATOM   90   C  "C5'" . C   A 1 5  ? -16.784 -12.094 -13.897 1.00 45.98 ? 13  C   A "C5'" 1 
ATOM   91   C  "C4'" . C   A 1 5  ? -17.819 -11.080 -14.304 1.00 47.35 ? 13  C   A "C4'" 1 
ATOM   92   O  "O4'" . C   A 1 5  ? -18.818 -10.953 -13.266 1.00 48.41 ? 13  C   A "O4'" 1 
ATOM   93   C  "C3'" . C   A 1 5  ? -17.294 -9.672  -14.486 1.00 49.04 ? 13  C   A "C3'" 1 
ATOM   94   O  "O3'" . C   A 1 5  ? -16.780 -9.554  -15.803 1.00 51.89 ? 13  C   A "O3'" 1 
ATOM   95   C  "C2'" . C   A 1 5  ? -18.556 -8.845  -14.313 1.00 48.21 ? 13  C   A "C2'" 1 
ATOM   96   O  "O2'" . C   A 1 5  ? -19.348 -8.928  -15.472 1.00 50.73 ? 13  C   A "O2'" 1 
ATOM   97   C  "C1'" . C   A 1 5  ? -19.282 -9.617  -13.215 1.00 47.88 ? 13  C   A "C1'" 1 
ATOM   98   N  N1    . C   A 1 5  ? -19.084 -9.102  -11.852 1.00 47.36 ? 13  C   A N1    1 
ATOM   99   C  C2    . C   A 1 5  ? -19.976 -8.146  -11.358 1.00 47.83 ? 13  C   A C2    1 
ATOM   100  O  O2    . C   A 1 5  ? -20.892 -7.746  -12.084 1.00 48.52 ? 13  C   A O2    1 
ATOM   101  N  N3    . C   A 1 5  ? -19.819 -7.685  -10.100 1.00 48.20 ? 13  C   A N3    1 
ATOM   102  C  C4    . C   A 1 5  ? -18.822 -8.138  -9.344  1.00 47.91 ? 13  C   A C4    1 
ATOM   103  N  N4    . C   A 1 5  ? -18.717 -7.658  -8.110  1.00 48.78 ? 13  C   A N4    1 
ATOM   104  C  C5    . C   A 1 5  ? -17.891 -9.106  -9.822  1.00 48.37 ? 13  C   A C5    1 
ATOM   105  C  C6    . C   A 1 5  ? -18.057 -9.554  -11.071 1.00 48.11 ? 13  C   A C6    1 
ATOM   106  P  P     . U   A 1 6  ? -15.884 -8.286  -16.208 1.00 54.05 ? 14  U   A P     1 
ATOM   107  O  OP1   . U   A 1 6  ? -15.663 -8.426  -17.677 1.00 52.72 ? 14  U   A OP1   1 
ATOM   108  O  OP2   . U   A 1 6  ? -14.706 -8.178  -15.292 1.00 53.62 ? 14  U   A OP2   1 
ATOM   109  O  "O5'" . U   A 1 6  ? -16.827 -7.035  -15.899 1.00 52.90 ? 14  U   A "O5'" 1 
ATOM   110  C  "C5'" . U   A 1 6  ? -17.856 -6.656  -16.803 1.00 53.62 ? 14  U   A "C5'" 1 
ATOM   111  C  "C4'" . U   A 1 6  ? -18.694 -5.548  -16.216 1.00 53.77 ? 14  U   A "C4'" 1 
ATOM   112  O  "O4'" . U   A 1 6  ? -19.235 -5.987  -14.939 1.00 55.10 ? 14  U   A "O4'" 1 
ATOM   113  C  "C3'" . U   A 1 6  ? -17.959 -4.276  -15.849 1.00 54.18 ? 14  U   A "C3'" 1 
ATOM   114  O  "O3'" . U   A 1 6  ? -17.679 -3.448  -16.964 1.00 52.35 ? 14  U   A "O3'" 1 
ATOM   115  C  "C2'" . U   A 1 6  ? -18.919 -3.641  -14.852 1.00 55.57 ? 14  U   A "C2'" 1 
ATOM   116  O  "O2'" . U   A 1 6  ? -20.049 -3.030  -15.444 1.00 56.20 ? 14  U   A "O2'" 1 
ATOM   117  C  "C1'" . U   A 1 6  ? -19.371 -4.872  -14.067 1.00 55.95 ? 14  U   A "C1'" 1 
ATOM   118  N  N1    . U   A 1 6  ? -18.546 -5.104  -12.870 1.00 57.10 ? 14  U   A N1    1 
ATOM   119  C  C2    . U   A 1 6  ? -18.826 -4.342  -11.761 1.00 57.91 ? 14  U   A C2    1 
ATOM   120  O  O2    . U   A 1 6  ? -19.699 -3.493  -11.756 1.00 60.44 ? 14  U   A O2    1 
ATOM   121  N  N3    . U   A 1 6  ? -18.052 -4.609  -10.657 1.00 57.65 ? 14  U   A N3    1 
ATOM   122  C  C4    . U   A 1 6  ? -17.047 -5.542  -10.560 1.00 57.28 ? 14  U   A C4    1 
ATOM   123  O  O4    . U   A 1 6  ? -16.452 -5.680  -9.490  1.00 57.08 ? 14  U   A O4    1 
ATOM   124  C  C5    . U   A 1 6  ? -16.807 -6.282  -11.756 1.00 57.28 ? 14  U   A C5    1 
ATOM   125  C  C6    . U   A 1 6  ? -17.545 -6.043  -12.846 1.00 57.12 ? 14  U   A C6    1 
ATOM   126  P  P     . C   A 1 7  ? -16.272 -2.677  -17.022 1.00 53.84 ? 15  C   A P     1 
ATOM   127  O  OP1   . C   A 1 7  ? -15.987 -2.237  -18.415 1.00 53.47 ? 15  C   A OP1   1 
ATOM   128  O  OP2   . C   A 1 7  ? -15.289 -3.550  -16.311 1.00 53.00 ? 15  C   A OP2   1 
ATOM   129  O  "O5'" . C   A 1 7  ? -16.510 -1.384  -16.118 1.00 53.16 ? 15  C   A "O5'" 1 
ATOM   130  C  "C5'" . C   A 1 7  ? -17.479 -0.413  -16.485 1.00 52.86 ? 15  C   A "C5'" 1 
ATOM   131  C  "C4'" . C   A 1 7  ? -17.901 0.392   -15.281 1.00 51.96 ? 15  C   A "C4'" 1 
ATOM   132  O  "O4'" . C   A 1 7  ? -18.387 -0.524  -14.270 1.00 51.50 ? 15  C   A "O4'" 1 
ATOM   133  C  "C3'" . C   A 1 7  ? -16.806 1.160   -14.559 1.00 52.14 ? 15  C   A "C3'" 1 
ATOM   134  O  "O3'" . C   A 1 7  ? -16.536 2.424   -15.145 1.00 50.96 ? 15  C   A "O3'" 1 
ATOM   135  C  "C2'" . C   A 1 7  ? -17.410 1.340   -13.178 1.00 52.17 ? 15  C   A "C2'" 1 
ATOM   136  O  "O2'" . C   A 1 7  ? -18.342 2.400   -13.120 1.00 51.65 ? 15  C   A "O2'" 1 
ATOM   137  C  "C1'" . C   A 1 7  ? -18.094 -0.010  -12.983 1.00 52.82 ? 15  C   A "C1'" 1 
ATOM   138  N  N1    . C   A 1 7  ? -17.184 -0.939  -12.321 1.00 54.99 ? 15  C   A N1    1 
ATOM   139  C  C2    . C   A 1 7  ? -17.091 -0.901  -10.928 1.00 57.67 ? 15  C   A C2    1 
ATOM   140  O  O2    . C   A 1 7  ? -17.806 -0.104  -10.305 1.00 58.39 ? 15  C   A O2    1 
ATOM   141  N  N3    . C   A 1 7  ? -16.229 -1.728  -10.298 1.00 59.52 ? 15  C   A N3    1 
ATOM   142  C  C4    . C   A 1 7  ? -15.482 -2.573  -11.012 1.00 61.00 ? 15  C   A C4    1 
ATOM   143  N  N4    . C   A 1 7  ? -14.639 -3.370  -10.353 1.00 63.35 ? 15  C   A N4    1 
ATOM   144  C  C5    . C   A 1 7  ? -15.567 -2.640  -12.437 1.00 59.58 ? 15  C   A C5    1 
ATOM   145  C  C6    . C   A 1 7  ? -16.426 -1.814  -13.042 1.00 55.83 ? 15  C   A C6    1 
ATOM   146  P  P     . G   A 1 8  ? -15.075 3.072   -14.979 1.00 50.48 ? 16  G   A P     1 
ATOM   147  O  OP1   . G   A 1 8  ? -15.087 4.360   -15.712 1.00 49.69 ? 16  G   A OP1   1 
ATOM   148  O  OP2   . G   A 1 8  ? -14.089 2.019   -15.345 1.00 49.96 ? 16  G   A OP2   1 
ATOM   149  O  "O5'" . G   A 1 8  ? -14.916 3.338   -13.412 1.00 47.81 ? 16  G   A "O5'" 1 
ATOM   150  C  "C5'" . G   A 1 8  ? -15.755 4.269   -12.742 1.00 45.12 ? 16  G   A "C5'" 1 
ATOM   151  C  "C4'" . G   A 1 8  ? -15.597 4.155   -11.236 1.00 43.54 ? 16  G   A "C4'" 1 
ATOM   152  O  "O4'" . G   A 1 8  ? -15.965 2.810   -10.802 1.00 43.15 ? 16  G   A "O4'" 1 
ATOM   153  C  "C3'" . G   A 1 8  ? -14.206 4.339   -10.649 1.00 42.50 ? 16  G   A "C3'" 1 
ATOM   154  O  "O3'" . G   A 1 8  ? -13.815 5.705   -10.525 1.00 43.26 ? 16  G   A "O3'" 1 
ATOM   155  C  "C2'" . G   A 1 8  ? -14.383 3.699   -9.281  1.00 40.80 ? 16  G   A "C2'" 1 
ATOM   156  O  "O2'" . G   A 1 8  ? -15.113 4.544   -8.422  1.00 37.46 ? 16  G   A "O2'" 1 
ATOM   157  C  "C1'" . G   A 1 8  ? -15.216 2.465   -9.638  1.00 40.45 ? 16  G   A "C1'" 1 
ATOM   158  N  N9    . G   A 1 8  ? -14.367 1.311   -9.940  1.00 37.58 ? 16  G   A N9    1 
ATOM   159  C  C8    . G   A 1 8  ? -14.112 0.752   -11.169 1.00 36.43 ? 16  G   A C8    1 
ATOM   160  N  N7    . G   A 1 8  ? -13.284 -0.257  -11.113 1.00 36.01 ? 16  G   A N7    1 
ATOM   161  C  C5    . G   A 1 8  ? -12.977 -0.371  -9.764  1.00 36.31 ? 16  G   A C5    1 
ATOM   162  C  C6    . G   A 1 8  ? -12.111 -1.286  -9.074  1.00 35.23 ? 16  G   A C6    1 
ATOM   163  O  O6    . G   A 1 8  ? -11.411 -2.203  -9.542  1.00 31.91 ? 16  G   A O6    1 
ATOM   164  N  N1    . G   A 1 8  ? -12.105 -1.040  -7.706  1.00 33.20 ? 16  G   A N1    1 
ATOM   165  C  C2    . G   A 1 8  ? -12.816 -0.044  -7.079  1.00 34.21 ? 16  G   A C2    1 
ATOM   166  N  N2    . G   A 1 8  ? -12.670 0.058   -5.753  1.00 33.56 ? 16  G   A N2    1 
ATOM   167  N  N3    . G   A 1 8  ? -13.611 0.801   -7.703  1.00 35.52 ? 16  G   A N3    1 
ATOM   168  C  C4    . G   A 1 8  ? -13.644 0.585   -9.029  1.00 36.13 ? 16  G   A C4    1 
ATOM   169  P  P     . G   A 1 9  ? -12.252 6.074   -10.322 1.00 44.02 ? 17  G   A P     1 
ATOM   170  O  OP1   . G   A 1 9  ? -12.076 7.543   -10.352 1.00 43.15 ? 17  G   A OP1   1 
ATOM   171  O  OP2   . G   A 1 9  ? -11.454 5.219   -11.243 1.00 43.06 ? 17  G   A OP2   1 
ATOM   172  O  "O5'" . G   A 1 9  ? -11.961 5.646   -8.822  1.00 43.57 ? 17  G   A "O5'" 1 
ATOM   173  C  "C5'" . G   A 1 9  ? -12.739 6.197   -7.773  1.00 44.40 ? 17  G   A "C5'" 1 
ATOM   174  C  "C4'" . G   A 1 9  ? -12.133 5.848   -6.451  1.00 44.19 ? 17  G   A "C4'" 1 
ATOM   175  O  "O4'" . G   A 1 9  ? -12.394 4.455   -6.116  1.00 44.50 ? 17  G   A "O4'" 1 
ATOM   176  C  "C3'" . G   A 1 9  ? -10.624 5.921   -6.446  1.00 44.19 ? 17  G   A "C3'" 1 
ATOM   177  O  "O3'" . G   A 1 9  ? -10.157 7.241   -6.311  1.00 46.53 ? 17  G   A "O3'" 1 
ATOM   178  C  "C2'" . G   A 1 9  ? -10.313 5.077   -5.231  1.00 43.59 ? 17  G   A "C2'" 1 
ATOM   179  O  "O2'" . G   A 1 9  ? -10.713 5.770   -4.062  1.00 41.47 ? 17  G   A "O2'" 1 
ATOM   180  C  "C1'" . G   A 1 9  ? -11.240 3.890   -5.496  1.00 41.92 ? 17  G   A "C1'" 1 
ATOM   181  N  N9    . G   A 1 9  ? -10.647 2.943   -6.437  1.00 37.58 ? 17  G   A N9    1 
ATOM   182  C  C8    . G   A 1 9  ? -10.856 2.901   -7.790  1.00 36.14 ? 17  G   A C8    1 
ATOM   183  N  N7    . G   A 1 9  ? -10.203 1.946   -8.383  1.00 34.59 ? 17  G   A N7    1 
ATOM   184  C  C5    . G   A 1 9  ? -9.514  1.320   -7.364  1.00 34.99 ? 17  G   A C5    1 
ATOM   185  C  C6    . G   A 1 9  ? -8.637  0.213   -7.406  1.00 35.64 ? 17  G   A C6    1 
ATOM   186  O  O6    . G   A 1 9  ? -8.290  -0.447  -8.383  1.00 36.25 ? 17  G   A O6    1 
ATOM   187  N  N1    . G   A 1 9  ? -8.150  -0.107  -6.142  1.00 37.48 ? 17  G   A N1    1 
ATOM   188  C  C2    . G   A 1 9  ? -8.469  0.564   -4.984  1.00 38.27 ? 17  G   A C2    1 
ATOM   189  N  N2    . G   A 1 9  ? -7.899  0.113   -3.866  1.00 37.02 ? 17  G   A N2    1 
ATOM   190  N  N3    . G   A 1 9  ? -9.290  1.607   -4.933  1.00 39.34 ? 17  G   A N3    1 
ATOM   191  C  C4    . G   A 1 9  ? -9.773  1.925   -6.153  1.00 37.44 ? 17  G   A C4    1 
ATOM   192  P  P     . G   A 1 10 ? -8.597  7.529   -6.487  1.00 46.10 ? 18  G   A P     1 
ATOM   193  O  OP1   . G   A 1 10 ? -8.366  8.989   -6.606  1.00 46.22 ? 18  G   A OP1   1 
ATOM   194  O  OP2   . G   A 1 10 ? -8.093  6.616   -7.537  1.00 46.10 ? 18  G   A OP2   1 
ATOM   195  O  "O5'" . G   A 1 10 ? -7.998  7.015   -5.118  1.00 46.05 ? 18  G   A "O5'" 1 
ATOM   196  C  "C5'" . G   A 1 10 ? -6.612  6.903   -4.973  1.00 48.47 ? 18  G   A "C5'" 1 
ATOM   197  C  "C4'" . G   A 1 10 ? -6.281  5.784   -4.048  1.00 49.78 ? 18  G   A "C4'" 1 
ATOM   198  O  "O4'" . G   A 1 10 ? -6.961  4.575   -4.462  1.00 50.85 ? 18  G   A "O4'" 1 
ATOM   199  C  "C3'" . G   A 1 10 ? -4.820  5.425   -4.133  1.00 51.25 ? 18  G   A "C3'" 1 
ATOM   200  O  "O3'" . G   A 1 10 ? -4.093  6.345   -3.351  1.00 49.09 ? 18  G   A "O3'" 1 
ATOM   201  C  "C2'" . G   A 1 10 ? -4.810  3.988   -3.632  1.00 52.23 ? 18  G   A "C2'" 1 
ATOM   202  O  "O2'" . G   A 1 10 ? -4.896  3.897   -2.225  1.00 54.46 ? 18  G   A "O2'" 1 
ATOM   203  C  "C1'" . G   A 1 10 ? -6.115  3.463   -4.230  1.00 51.41 ? 18  G   A "C1'" 1 
ATOM   204  N  N9    . G   A 1 10 ? -5.942  2.755   -5.487  1.00 49.91 ? 18  G   A N9    1 
ATOM   205  C  C8    . G   A 1 10 ? -6.470  3.087   -6.705  1.00 50.12 ? 18  G   A C8    1 
ATOM   206  N  N7    . G   A 1 10 ? -6.192  2.216   -7.635  1.00 51.72 ? 18  G   A N7    1 
ATOM   207  C  C5    . G   A 1 10 ? -5.422  1.264   -6.987  1.00 51.86 ? 18  G   A C5    1 
ATOM   208  C  C6    . G   A 1 10 ? -4.843  0.079   -7.474  1.00 52.45 ? 18  G   A C6    1 
ATOM   209  O  O6    . G   A 1 10 ? -4.901  -0.382  -8.614  1.00 53.82 ? 18  G   A O6    1 
ATOM   210  N  N1    . G   A 1 10 ? -4.139  -0.595  -6.480  1.00 52.10 ? 18  G   A N1    1 
ATOM   211  C  C2    . G   A 1 10 ? -4.016  -0.173  -5.180  1.00 53.49 ? 18  G   A C2    1 
ATOM   212  N  N2    . G   A 1 10 ? -3.293  -0.951  -4.355  1.00 54.16 ? 18  G   A N2    1 
ATOM   213  N  N3    . G   A 1 10 ? -4.561  0.934   -4.715  1.00 53.38 ? 18  G   A N3    1 
ATOM   214  C  C4    . G   A 1 10 ? -5.246  1.595   -5.665  1.00 51.40 ? 18  G   A C4    1 
ATOM   215  P  P     . G   A 1 11 ? -2.987  7.265   -4.052  1.00 48.85 ? 19  G   A P     1 
ATOM   216  O  OP1   . G   A 1 11 ? -3.159  8.620   -3.471  1.00 50.74 ? 19  G   A OP1   1 
ATOM   217  O  OP2   . G   A 1 11 ? -3.010  7.093   -5.526  1.00 47.03 ? 19  G   A OP2   1 
ATOM   218  O  "O5'" . G   A 1 11 ? -1.641  6.632   -3.507  1.00 48.17 ? 19  G   A "O5'" 1 
ATOM   219  C  "C5'" . G   A 1 11 ? -1.544  6.190   -2.153  1.00 47.30 ? 19  G   A "C5'" 1 
ATOM   220  C  "C4'" . G   A 1 11 ? -0.505  5.109   -2.047  1.00 45.90 ? 19  G   A "C4'" 1 
ATOM   221  O  "O4'" . G   A 1 11 ? -1.044  3.839   -2.491  1.00 46.85 ? 19  G   A "O4'" 1 
ATOM   222  C  "C3'" . G   A 1 11 ? 0.654   5.356   -2.981  1.00 44.76 ? 19  G   A "C3'" 1 
ATOM   223  O  "O3'" . G   A 1 11 ? 1.559   6.249   -2.380  1.00 42.33 ? 19  G   A "O3'" 1 
ATOM   224  C  "C2'" . G   A 1 11 ? 1.215   3.965   -3.181  1.00 45.11 ? 19  G   A "C2'" 1 
ATOM   225  O  "O2'" . G   A 1 11 ? 1.960   3.571   -2.058  1.00 47.87 ? 19  G   A "O2'" 1 
ATOM   226  C  "C1'" . G   A 1 11 ? -0.066  3.138   -3.231  1.00 46.45 ? 19  G   A "C1'" 1 
ATOM   227  N  N9    . G   A 1 11 ? -0.605  2.922   -4.566  1.00 48.66 ? 19  G   A N9    1 
ATOM   228  C  C8    . G   A 1 11 ? -1.256  3.836   -5.359  1.00 49.07 ? 19  G   A C8    1 
ATOM   229  N  N7    . G   A 1 11 ? -1.675  3.325   -6.483  1.00 50.07 ? 19  G   A N7    1 
ATOM   230  C  C5    . G   A 1 11 ? -1.265  2.000   -6.431  1.00 50.92 ? 19  G   A C5    1 
ATOM   231  C  C6    . G   A 1 11 ? -1.441  0.950   -7.357  1.00 51.99 ? 19  G   A C6    1 
ATOM   232  O  O6    . G   A 1 11 ? -2.012  0.980   -8.451  1.00 57.05 ? 19  G   A O6    1 
ATOM   233  N  N1    . G   A 1 11 ? -0.869  -0.234  -6.905  1.00 50.41 ? 19  G   A N1    1 
ATOM   234  C  C2    . G   A 1 11 ? -0.210  -0.385  -5.719  1.00 49.75 ? 19  G   A C2    1 
ATOM   235  N  N2    . G   A 1 11 ? 0.282   -1.602  -5.460  1.00 49.34 ? 19  G   A N2    1 
ATOM   236  N  N3    . G   A 1 11 ? -0.040  0.586   -4.845  1.00 50.93 ? 19  G   A N3    1 
ATOM   237  C  C4    . G   A 1 11 ? -0.591  1.742   -5.262  1.00 50.09 ? 19  G   A C4    1 
ATOM   238  P  P     . U   A 1 12 ? 2.787   6.791   -3.231  1.00 41.08 ? 20  U   A P     1 
ATOM   239  O  OP1   . U   A 1 12 ? 3.640   7.638   -2.359  1.00 40.28 ? 20  U   A OP1   1 
ATOM   240  O  OP2   . U   A 1 12 ? 2.255   7.344   -4.503  1.00 41.52 ? 20  U   A OP2   1 
ATOM   241  O  "O5'" . U   A 1 12 ? 3.556   5.446   -3.565  1.00 40.12 ? 20  U   A "O5'" 1 
ATOM   242  C  "C5'" . U   A 1 12 ? 4.597   5.427   -4.506  1.00 39.74 ? 20  U   A "C5'" 1 
ATOM   243  C  "C4'" . U   A 1 12 ? 5.318   4.123   -4.431  1.00 38.36 ? 20  U   A "C4'" 1 
ATOM   244  O  "O4'" . U   A 1 12 ? 4.375   3.078   -4.750  1.00 38.24 ? 20  U   A "O4'" 1 
ATOM   245  C  "C3'" . U   A 1 12 ? 6.395   3.992   -5.471  1.00 39.37 ? 20  U   A "C3'" 1 
ATOM   246  O  "O3'" . U   A 1 12 ? 7.688   4.505   -5.289  1.00 40.90 ? 20  U   A "O3'" 1 
ATOM   247  C  "C2'" . U   A 1 12 ? 5.847   3.209   -6.642  1.00 38.85 ? 20  U   A "C2'" 1 
ATOM   248  O  "O2'" . U   A 1 12 ? 6.735   2.187   -7.033  1.00 42.17 ? 20  U   A "O2'" 1 
ATOM   249  C  "C1'" . U   A 1 12 ? 4.625   2.537   -6.034  1.00 36.81 ? 20  U   A "C1'" 1 
ATOM   250  N  N1    . U   A 1 12 ? 3.445   2.790   -6.861  1.00 36.20 ? 20  U   A N1    1 
ATOM   251  C  C2    . U   A 1 12 ? 2.842   1.709   -7.446  1.00 36.92 ? 20  U   A C2    1 
ATOM   252  O  O2    . U   A 1 12 ? 3.243   0.579   -7.292  1.00 39.96 ? 20  U   A O2    1 
ATOM   253  N  N3    . U   A 1 12 ? 1.745   1.997   -8.215  1.00 36.10 ? 20  U   A N3    1 
ATOM   254  C  C4    . U   A 1 12 ? 1.206   3.236   -8.449  1.00 36.45 ? 20  U   A C4    1 
ATOM   255  O  O4    . U   A 1 12 ? 0.223   3.334   -9.179  1.00 37.16 ? 20  U   A O4    1 
ATOM   256  C  C5    . U   A 1 12 ? 1.890   4.314   -7.806  1.00 36.17 ? 20  U   A C5    1 
ATOM   257  C  C6    . U   A 1 12 ? 2.962   4.059   -7.053  1.00 36.26 ? 20  U   A C6    1 
ATOM   258  P  P     . G   A 1 13 ? 7.879   6.093   -5.223  1.00 40.98 ? 21  G   A P     1 
ATOM   259  O  OP1   . G   A 1 13 ? 6.671   6.767   -5.741  1.00 40.46 ? 21  G   A OP1   1 
ATOM   260  O  OP2   . G   A 1 13 ? 9.189   6.364   -5.854  1.00 42.33 ? 21  G   A OP2   1 
ATOM   261  O  "O5'" . G   A 1 13 ? 7.955   6.377   -3.661  1.00 41.80 ? 21  G   A "O5'" 1 
ATOM   262  C  "C5'" . G   A 1 13 ? 9.199   6.316   -2.993  1.00 43.37 ? 21  G   A "C5'" 1 
ATOM   263  C  "C4'" . G   A 1 13 ? 9.054   5.666   -1.644  1.00 45.01 ? 21  G   A "C4'" 1 
ATOM   264  O  "O4'" . G   A 1 13 ? 8.464   4.346   -1.770  1.00 46.77 ? 21  G   A "O4'" 1 
ATOM   265  C  "C3'" . G   A 1 13 ? 10.409  5.396   -1.039  1.00 46.24 ? 21  G   A "C3'" 1 
ATOM   266  O  "O3'" . G   A 1 13 ? 10.885  6.584   -0.452  1.00 48.60 ? 21  G   A "O3'" 1 
ATOM   267  C  "C2'" . G   A 1 13 ? 10.133  4.242   -0.085  1.00 45.71 ? 21  G   A "C2'" 1 
ATOM   268  O  "O2'" . G   A 1 13 ? 9.505   4.613   1.122   1.00 43.74 ? 21  G   A "O2'" 1 
ATOM   269  C  "C1'" . G   A 1 13 ? 9.134   3.436   -0.905  1.00 46.26 ? 21  G   A "C1'" 1 
ATOM   270  N  N9    . G   A 1 13 ? 9.722   2.373   -1.720  1.00 45.67 ? 21  G   A N9    1 
ATOM   271  C  C8    . G   A 1 13 ? 9.629   2.238   -3.081  1.00 45.35 ? 21  G   A C8    1 
ATOM   272  N  N7    . G   A 1 13 ? 10.201  1.156   -3.528  1.00 45.69 ? 21  G   A N7    1 
ATOM   273  C  C5    . G   A 1 13 ? 10.713  0.548   -2.395  1.00 46.39 ? 21  G   A C5    1 
ATOM   274  C  C6    . G   A 1 13 ? 11.442  -0.661  -2.254  1.00 49.06 ? 21  G   A C6    1 
ATOM   275  O  O6    . G   A 1 13 ? 11.795  -1.461  -3.134  1.00 48.90 ? 21  G   A O6    1 
ATOM   276  N  N1    . G   A 1 13 ? 11.772  -0.902  -0.924  1.00 48.94 ? 21  G   A N1    1 
ATOM   277  C  C2    . G   A 1 13 ? 11.452  -0.084  0.128   1.00 45.62 ? 21  G   A C2    1 
ATOM   278  N  N2    . G   A 1 13 ? 11.873  -0.493  1.330   1.00 45.24 ? 21  G   A N2    1 
ATOM   279  N  N3    . G   A 1 13 ? 10.776  1.046   0.007   1.00 44.56 ? 21  G   A N3    1 
ATOM   280  C  C4    . G   A 1 13 ? 10.439  1.296   -1.272  1.00 44.52 ? 21  G   A C4    1 
ATOM   281  P  P     . C   A 1 14 ? 12.340  7.120   -0.845  1.00 50.88 ? 22  C   A P     1 
ATOM   282  O  OP1   . C   A 1 14 ? 12.483  8.419   -0.121  1.00 49.47 ? 22  C   A OP1   1 
ATOM   283  O  OP2   . C   A 1 14 ? 12.510  7.060   -2.327  1.00 47.07 ? 22  C   A OP2   1 
ATOM   284  O  "O5'" . C   A 1 14 ? 13.300  6.042   -0.169  1.00 51.23 ? 22  C   A "O5'" 1 
ATOM   285  C  "C5'" . C   A 1 14 ? 13.291  5.877   1.250   1.00 52.68 ? 22  C   A "C5'" 1 
ATOM   286  C  "C4'" . C   A 1 14 ? 14.178  4.735   1.661   1.00 52.25 ? 22  C   A "C4'" 1 
ATOM   287  O  "O4'" . C   A 1 14 ? 13.554  3.468   1.337   1.00 52.86 ? 22  C   A "O4'" 1 
ATOM   288  C  "C3'" . C   A 1 14 ? 15.503  4.681   0.945   1.00 53.33 ? 22  C   A "C3'" 1 
ATOM   289  O  "O3'" . C   A 1 14 ? 16.422  5.577   1.536   1.00 55.60 ? 22  C   A "O3'" 1 
ATOM   290  C  "C2'" . C   A 1 14 ? 15.894  3.222   1.127   1.00 52.90 ? 22  C   A "C2'" 1 
ATOM   291  O  "O2'" . C   A 1 14 ? 16.390  2.965   2.424   1.00 55.47 ? 22  C   A "O2'" 1 
ATOM   292  C  "C1'" . C   A 1 14 ? 14.544  2.527   0.958   1.00 50.72 ? 22  C   A "C1'" 1 
ATOM   293  N  N1    . C   A 1 14 ? 14.274  2.118   -0.427  1.00 47.59 ? 22  C   A N1    1 
ATOM   294  C  C2    . C   A 1 14 ? 14.825  0.928   -0.903  1.00 45.75 ? 22  C   A C2    1 
ATOM   295  O  O2    . C   A 1 14 ? 15.518  0.246   -0.140  1.00 44.25 ? 22  C   A O2    1 
ATOM   296  N  N3    . C   A 1 14 ? 14.587  0.553   -2.180  1.00 43.84 ? 22  C   A N3    1 
ATOM   297  C  C4    . C   A 1 14 ? 13.832  1.323   -2.966  1.00 44.68 ? 22  C   A C4    1 
ATOM   298  N  N4    . C   A 1 14 ? 13.616  0.920   -4.215  1.00 46.43 ? 22  C   A N4    1 
ATOM   299  C  C5    . C   A 1 14 ? 13.257  2.539   -2.506  1.00 45.29 ? 22  C   A C5    1 
ATOM   300  C  C6    . C   A 1 14 ? 13.499  2.894   -1.243  1.00 47.02 ? 22  C   A C6    1 
ATOM   301  P  P     . C   A 1 15 ? 17.636  6.143   0.654   1.00 59.36 ? 23  C   A P     1 
ATOM   302  O  OP1   . C   A 1 15 ? 18.412  7.090   1.499   1.00 59.28 ? 23  C   A OP1   1 
ATOM   303  O  OP2   . C   A 1 15 ? 17.078  6.608   -0.650  1.00 59.41 ? 23  C   A OP2   1 
ATOM   304  O  "O5'" . C   A 1 15 ? 18.519  4.848   0.376   1.00 58.68 ? 23  C   A "O5'" 1 
ATOM   305  C  "C5'" . C   A 1 15 ? 19.041  4.081   1.453   1.00 60.59 ? 23  C   A "C5'" 1 
ATOM   306  C  "C4'" . C   A 1 15 ? 19.824  2.912   0.921   1.00 62.98 ? 23  C   A "C4'" 1 
ATOM   307  O  "O4'" . C   A 1 15 ? 18.937  1.903   0.371   1.00 62.96 ? 23  C   A "O4'" 1 
ATOM   308  C  "C3'" . C   A 1 15 ? 20.730  3.248   -0.243  1.00 64.40 ? 23  C   A "C3'" 1 
ATOM   309  O  "O3'" . C   A 1 15 ? 21.926  3.829   0.228   1.00 66.67 ? 23  C   A "O3'" 1 
ATOM   310  C  "C2'" . C   A 1 15 ? 20.962  1.881   -0.864  1.00 63.21 ? 23  C   A "C2'" 1 
ATOM   311  O  "O2'" . C   A 1 15 ? 21.918  1.133   -0.147  1.00 62.33 ? 23  C   A "O2'" 1 
ATOM   312  C  "C1'" . C   A 1 15 ? 19.582  1.246   -0.705  1.00 62.50 ? 23  C   A "C1'" 1 
ATOM   313  N  N1    . C   A 1 15 ? 18.758  1.428   -1.895  1.00 62.49 ? 23  C   A N1    1 
ATOM   314  C  C2    . C   A 1 15 ? 18.824  0.476   -2.906  1.00 63.47 ? 23  C   A C2    1 
ATOM   315  O  O2    . C   A 1 15 ? 19.594  -0.496  -2.765  1.00 61.48 ? 23  C   A O2    1 
ATOM   316  N  N3    . C   A 1 15 ? 18.051  0.633   -4.009  1.00 63.00 ? 23  C   A N3    1 
ATOM   317  C  C4    . C   A 1 15 ? 17.243  1.693   -4.111  1.00 62.21 ? 23  C   A C4    1 
ATOM   318  N  N4    . C   A 1 15 ? 16.494  1.808   -5.204  1.00 64.43 ? 23  C   A N4    1 
ATOM   319  C  C5    . C   A 1 15 ? 17.165  2.681   -3.095  1.00 62.26 ? 23  C   A C5    1 
ATOM   320  C  C6    . C   A 1 15 ? 17.933  2.511   -2.014  1.00 62.69 ? 23  C   A C6    1 
ATOM   321  P  P     . C   A 1 16 ? 22.720  4.861   -0.701  1.00 68.27 ? 24  C   A P     1 
ATOM   322  O  OP1   . C   A 1 16 ? 22.844  6.116   0.082   1.00 69.52 ? 24  C   A OP1   1 
ATOM   323  O  OP2   . C   A 1 16 ? 22.066  4.895   -2.033  1.00 66.79 ? 24  C   A OP2   1 
ATOM   324  O  "O5'" . C   A 1 16 ? 24.152  4.174   -0.814  1.00 68.61 ? 24  C   A "O5'" 1 
ATOM   325  C  "C5'" . C   A 1 16 ? 24.741  3.889   -2.069  1.00 70.02 ? 24  C   A "C5'" 1 
ATOM   326  C  "C4'" . C   A 1 16 ? 24.334  2.514   -2.536  1.00 71.09 ? 24  C   A "C4'" 1 
ATOM   327  O  "O4'" . C   A 1 16 ? 22.946  2.521   -2.906  1.00 71.73 ? 24  C   A "O4'" 1 
ATOM   328  C  "C3'" . C   A 1 16 ? 25.078  2.059   -3.775  1.00 72.42 ? 24  C   A "C3'" 1 
ATOM   329  O  "O3'" . C   A 1 16 ? 26.149  1.269   -3.281  1.00 75.37 ? 24  C   A "O3'" 1 
ATOM   330  C  "C2'" . C   A 1 16 ? 24.086  1.184   -4.540  1.00 71.59 ? 24  C   A "C2'" 1 
ATOM   331  O  "O2'" . C   A 1 16 ? 24.310  -0.185  -4.317  1.00 73.02 ? 24  C   A "O2'" 1 
ATOM   332  C  "C1'" . C   A 1 16 ? 22.738  1.581   -3.931  1.00 71.53 ? 24  C   A "C1'" 1 
ATOM   333  N  N1    . C   A 1 16 ? 21.650  2.054   -4.799  1.00 70.56 ? 24  C   A N1    1 
ATOM   334  C  C2    . C   A 1 16 ? 21.282  1.299   -5.922  1.00 70.57 ? 24  C   A C2    1 
ATOM   335  O  O2    . C   A 1 16 ? 21.931  0.277   -6.211  1.00 68.61 ? 24  C   A O2    1 
ATOM   336  N  N3    . C   A 1 16 ? 20.229  1.705   -6.664  1.00 71.69 ? 24  C   A N3    1 
ATOM   337  C  C4    . C   A 1 16 ? 19.563  2.818   -6.333  1.00 71.55 ? 24  C   A C4    1 
ATOM   338  N  N4    . C   A 1 16 ? 18.525  3.183   -7.097  1.00 72.93 ? 24  C   A N4    1 
ATOM   339  C  C5    . C   A 1 16 ? 19.930  3.608   -5.212  1.00 70.06 ? 24  C   A C5    1 
ATOM   340  C  C6    . C   A 1 16 ? 20.972  3.198   -4.485  1.00 69.82 ? 24  C   A C6    1 
ATOM   341  P  P     . U   A 1 17 ? 27.473  1.075   -4.153  1.00 78.03 ? 25  U   A P     1 
ATOM   342  O  OP1   . U   A 1 17 ? 28.305  2.297   -4.002  1.00 77.66 ? 25  U   A OP1   1 
ATOM   343  O  OP2   . U   A 1 17 ? 27.057  0.616   -5.511  1.00 77.72 ? 25  U   A OP2   1 
ATOM   344  O  "O5'" . U   A 1 17 ? 28.227  -0.113  -3.413  1.00 78.72 ? 25  U   A "O5'" 1 
ATOM   345  C  "C5'" . U   A 1 17 ? 29.238  0.158   -2.452  1.00 79.53 ? 25  U   A "C5'" 1 
ATOM   346  C  "C4'" . U   A 1 17 ? 29.488  -1.063  -1.605  1.00 80.16 ? 25  U   A "C4'" 1 
ATOM   347  O  "O4'" . U   A 1 17 ? 28.357  -1.272  -0.717  1.00 78.85 ? 25  U   A "O4'" 1 
ATOM   348  C  "C3'" . U   A 1 17 ? 29.619  -2.378  -2.364  1.00 80.52 ? 25  U   A "C3'" 1 
ATOM   349  O  "O3'" . U   A 1 17 ? 30.939  -2.572  -2.873  1.00 80.81 ? 25  U   A "O3'" 1 
ATOM   350  C  "C2'" . U   A 1 17 ? 29.283  -3.388  -1.275  1.00 80.30 ? 25  U   A "C2'" 1 
ATOM   351  O  "O2'" . U   A 1 17 ? 30.390  -3.620  -0.419  1.00 80.28 ? 25  U   A "O2'" 1 
ATOM   352  C  "C1'" . U   A 1 17 ? 28.152  -2.662  -0.530  1.00 78.90 ? 25  U   A "C1'" 1 
ATOM   353  N  N1    . U   A 1 17 ? 26.820  -2.992  -1.054  1.00 76.85 ? 25  U   A N1    1 
ATOM   354  C  C2    . U   A 1 17 ? 26.041  -3.873  -0.331  1.00 75.29 ? 25  U   A C2    1 
ATOM   355  O  O2    . U   A 1 17 ? 26.412  -4.374  0.713   1.00 75.22 ? 25  U   A O2    1 
ATOM   356  N  N3    . U   A 1 17 ? 24.811  -4.143  -0.879  1.00 72.51 ? 25  U   A N3    1 
ATOM   357  C  C4    . U   A 1 17 ? 24.301  -3.632  -2.054  1.00 72.76 ? 25  U   A C4    1 
ATOM   358  O  O4    . U   A 1 17 ? 23.182  -3.974  -2.428  1.00 72.34 ? 25  U   A O4    1 
ATOM   359  C  C5    . U   A 1 17 ? 25.168  -2.732  -2.740  1.00 73.34 ? 25  U   A C5    1 
ATOM   360  C  C6    . U   A 1 17 ? 26.366  -2.447  -2.229  1.00 75.68 ? 25  U   A C6    1 
ATOM   361  P  P     . G   A 1 21 ? 34.216  6.103   -1.147  1.00 96.25 ? 29  G   A P     1 
ATOM   362  O  OP1   . G   A 1 21 ? 33.558  6.398   0.157   1.00 94.91 ? 29  G   A OP1   1 
ATOM   363  O  OP2   . G   A 1 21 ? 35.700  5.989   -1.222  1.00 95.45 ? 29  G   A OP2   1 
ATOM   364  O  "O5'" . G   A 1 21 ? 33.729  7.189   -2.212  1.00 94.12 ? 29  G   A "O5'" 1 
ATOM   365  C  "C5'" . G   A 1 21 ? 34.130  7.121   -3.582  1.00 90.63 ? 29  G   A "C5'" 1 
ATOM   366  C  "C4'" . G   A 1 21 ? 34.221  8.513   -4.158  1.00 88.21 ? 29  G   A "C4'" 1 
ATOM   367  O  "O4'" . G   A 1 21 ? 34.863  8.476   -5.459  1.00 87.99 ? 29  G   A "O4'" 1 
ATOM   368  C  "C3'" . G   A 1 21 ? 32.914  9.233   -4.452  1.00 86.87 ? 29  G   A "C3'" 1 
ATOM   369  O  "O3'" . G   A 1 21 ? 32.300  9.756   -3.275  1.00 85.83 ? 29  G   A "O3'" 1 
ATOM   370  C  "C2'" . G   A 1 21 ? 33.377  10.339  -5.400  1.00 85.99 ? 29  G   A "C2'" 1 
ATOM   371  O  "O2'" . G   A 1 21 ? 33.940  11.461  -4.743  1.00 83.60 ? 29  G   A "O2'" 1 
ATOM   372  C  "C1'" . G   A 1 21 ? 34.461  9.616   -6.207  1.00 86.40 ? 29  G   A "C1'" 1 
ATOM   373  N  N9    . G   A 1 21 ? 34.016  9.187   -7.530  1.00 85.84 ? 29  G   A N9    1 
ATOM   374  C  C8    . G   A 1 21 ? 33.945  7.899   -8.013  1.00 86.29 ? 29  G   A C8    1 
ATOM   375  N  N7    . G   A 1 21 ? 33.506  7.836   -9.243  1.00 86.15 ? 29  G   A N7    1 
ATOM   376  C  C5    . G   A 1 21 ? 33.273  9.163   -9.596  1.00 84.59 ? 29  G   A C5    1 
ATOM   377  C  C6    . G   A 1 21 ? 32.785  9.729   -10.813 1.00 82.53 ? 29  G   A C6    1 
ATOM   378  O  O6    . G   A 1 21 ? 32.450  9.151   -11.856 1.00 81.33 ? 29  G   A O6    1 
ATOM   379  N  N1    . G   A 1 21 ? 32.704  11.117  -10.735 1.00 80.86 ? 29  G   A N1    1 
ATOM   380  C  C2    . G   A 1 21 ? 33.042  11.868  -9.636  1.00 81.03 ? 29  G   A C2    1 
ATOM   381  N  N2    . G   A 1 21 ? 32.893  13.194  -9.761  1.00 79.52 ? 29  G   A N2    1 
ATOM   382  N  N3    . G   A 1 21 ? 33.493  11.358  -8.500  1.00 82.26 ? 29  G   A N3    1 
ATOM   383  C  C4    . G   A 1 21 ? 33.583  10.009  -8.549  1.00 84.46 ? 29  G   A C4    1 
ATOM   384  P  P     . C   A 1 22 ? 30.696  9.929   -3.217  1.00 84.69 ? 30  C   A P     1 
ATOM   385  O  OP1   . C   A 1 22 ? 30.297  9.909   -1.788  1.00 84.88 ? 30  C   A OP1   1 
ATOM   386  O  OP2   . C   A 1 22 ? 30.076  8.957   -4.165  1.00 83.59 ? 30  C   A OP2   1 
ATOM   387  O  "O5'" . C   A 1 22 ? 30.428  11.400  -3.779  1.00 82.54 ? 30  C   A "O5'" 1 
ATOM   388  C  "C5'" . C   A 1 22 ? 29.166  11.733  -4.347  1.00 80.00 ? 30  C   A "C5'" 1 
ATOM   389  C  "C4'" . C   A 1 22 ? 29.286  12.923  -5.273  1.00 78.44 ? 30  C   A "C4'" 1 
ATOM   390  O  "O4'" . C   A 1 22 ? 30.430  12.757  -6.158  1.00 76.58 ? 30  C   A "O4'" 1 
ATOM   391  C  "C3'" . C   A 1 22 ? 28.097  13.058  -6.211  1.00 78.65 ? 30  C   A "C3'" 1 
ATOM   392  O  "O3'" . C   A 1 22 ? 27.010  13.753  -5.625  1.00 80.65 ? 30  C   A "O3'" 1 
ATOM   393  C  "C2'" . C   A 1 22 ? 28.712  13.739  -7.420  1.00 76.47 ? 30  C   A "C2'" 1 
ATOM   394  O  "O2'" . C   A 1 22 ? 28.947  15.120  -7.215  1.00 76.05 ? 30  C   A "O2'" 1 
ATOM   395  C  "C1'" . C   A 1 22 ? 30.035  12.982  -7.501  1.00 74.07 ? 30  C   A "C1'" 1 
ATOM   396  N  N1    . C   A 1 22 ? 29.899  11.659  -8.128  1.00 69.41 ? 30  C   A N1    1 
ATOM   397  C  C2    . C   A 1 22 ? 29.299  11.545  -9.389  1.00 67.67 ? 30  C   A C2    1 
ATOM   398  O  O2    . C   A 1 22 ? 28.884  12.567  -9.952  1.00 67.22 ? 30  C   A O2    1 
ATOM   399  N  N3    . C   A 1 22 ? 29.186  10.322  -9.961  1.00 66.29 ? 30  C   A N3    1 
ATOM   400  C  C4    . C   A 1 22 ? 29.638  9.241   -9.319  1.00 66.32 ? 30  C   A C4    1 
ATOM   401  N  N4    . C   A 1 22 ? 29.502  8.053   -9.914  1.00 64.77 ? 30  C   A N4    1 
ATOM   402  C  C5    . C   A 1 22 ? 30.250  9.330   -8.036  1.00 67.20 ? 30  C   A C5    1 
ATOM   403  C  C6    . C   A 1 22 ? 30.359  10.545  -7.484  1.00 67.70 ? 30  C   A C6    1 
ATOM   404  P  P     . G   A 1 23 ? 25.613  12.988  -5.439  1.00 81.65 ? 31  G   A P     1 
ATOM   405  O  OP1   . G   A 1 23 ? 25.098  13.208  -4.062  1.00 82.59 ? 31  G   A OP1   1 
ATOM   406  O  OP2   . G   A 1 23 ? 25.843  11.600  -5.914  1.00 81.61 ? 31  G   A OP2   1 
ATOM   407  O  "O5'" . G   A 1 23 ? 24.642  13.680  -6.492  1.00 81.83 ? 31  G   A "O5'" 1 
ATOM   408  C  "C5'" . G   A 1 23 ? 23.623  12.911  -7.116  1.00 82.64 ? 31  G   A "C5'" 1 
ATOM   409  C  "C4'" . G   A 1 23 ? 23.632  13.123  -8.611  1.00 82.78 ? 31  G   A "C4'" 1 
ATOM   410  O  "O4'" . G   A 1 23 ? 24.971  12.944  -9.143  1.00 81.41 ? 31  G   A "O4'" 1 
ATOM   411  C  "C3'" . G   A 1 23 ? 22.804  12.105  -9.372  1.00 83.68 ? 31  G   A "C3'" 1 
ATOM   412  O  "O3'" . G   A 1 23 ? 21.432  12.439  -9.319  1.00 86.07 ? 31  G   A "O3'" 1 
ATOM   413  C  "C2'" . G   A 1 23 ? 23.432  12.170  -10.752 1.00 82.72 ? 31  G   A "C2'" 1 
ATOM   414  O  "O2'" . G   A 1 23 ? 23.089  13.336  -11.484 1.00 83.38 ? 31  G   A "O2'" 1 
ATOM   415  C  "C1'" . G   A 1 23 ? 24.905  12.220  -10.359 1.00 80.53 ? 31  G   A "C1'" 1 
ATOM   416  N  N9    . G   A 1 23 ? 25.438  10.891  -10.090 1.00 78.31 ? 31  G   A N9    1 
ATOM   417  C  C8    . G   A 1 23 ? 26.039  10.472  -8.930  1.00 77.96 ? 31  G   A C8    1 
ATOM   418  N  N7    . G   A 1 23 ? 26.466  9.241   -8.992  1.00 77.67 ? 31  G   A N7    1 
ATOM   419  C  C5    . G   A 1 23 ? 26.115  8.822   -10.266 1.00 77.37 ? 31  G   A C5    1 
ATOM   420  C  C6    . G   A 1 23 ? 26.326  7.585   -10.910 1.00 77.67 ? 31  G   A C6    1 
ATOM   421  O  O6    . G   A 1 23 ? 26.891  6.577   -10.471 1.00 78.80 ? 31  G   A O6    1 
ATOM   422  N  N1    . G   A 1 23 ? 25.804  7.583   -12.196 1.00 76.99 ? 31  G   A N1    1 
ATOM   423  C  C2    . G   A 1 23 ? 25.160  8.636   -12.787 1.00 76.60 ? 31  G   A C2    1 
ATOM   424  N  N2    . G   A 1 23 ? 24.717  8.429   -14.035 1.00 76.47 ? 31  G   A N2    1 
ATOM   425  N  N3    . G   A 1 23 ? 24.962  9.804   -12.199 1.00 76.43 ? 31  G   A N3    1 
ATOM   426  C  C4    . G   A 1 23 ? 25.463  9.825   -10.949 1.00 77.05 ? 31  G   A C4    1 
ATOM   427  P  P     . U   A 1 24 ? 20.575  11.979  -8.048  1.00 88.29 ? 32  U   A P     1 
ATOM   428  O  OP1   . U   A 1 24 ? 20.339  13.157  -7.171  1.00 88.44 ? 32  U   A OP1   1 
ATOM   429  O  OP2   . U   A 1 24 ? 21.263  10.782  -7.494  1.00 87.81 ? 32  U   A OP2   1 
ATOM   430  O  "O5'" . U   A 1 24 ? 19.185  11.536  -8.675  1.00 88.90 ? 32  U   A "O5'" 1 
ATOM   431  C  "C5'" . U   A 1 24 ? 18.942  10.180  -9.005  1.00 89.63 ? 32  U   A "C5'" 1 
ATOM   432  C  "C4'" . U   A 1 24 ? 19.280  9.932   -10.454 1.00 89.97 ? 32  U   A "C4'" 1 
ATOM   433  O  "O4'" . U   A 1 24 ? 20.726  9.940   -10.626 1.00 88.86 ? 32  U   A "O4'" 1 
ATOM   434  C  "C3'" . U   A 1 24 ? 18.852  8.564   -10.958 1.00 90.42 ? 32  U   A "C3'" 1 
ATOM   435  O  "O3'" . U   A 1 24 ? 17.507  8.612   -11.413 1.00 91.01 ? 32  U   A "O3'" 1 
ATOM   436  C  "C2'" . U   A 1 24 ? 19.799  8.345   -12.129 1.00 90.04 ? 32  U   A "C2'" 1 
ATOM   437  O  "O2'" . U   A 1 24 ? 19.371  9.019   -13.300 1.00 90.52 ? 32  U   A "O2'" 1 
ATOM   438  C  "C1'" . U   A 1 24 ? 21.092  8.970   -11.597 1.00 89.21 ? 32  U   A "C1'" 1 
ATOM   439  N  N1    . U   A 1 24 ? 22.009  8.000   -10.973 1.00 89.01 ? 32  U   A N1    1 
ATOM   440  C  C2    . U   A 1 24 ? 22.382  6.882   -11.717 1.00 88.99 ? 32  U   A C2    1 
ATOM   441  O  O2    . U   A 1 24 ? 21.969  6.661   -12.847 1.00 88.63 ? 32  U   A O2    1 
ATOM   442  N  N3    . U   A 1 24 ? 23.255  6.029   -11.083 1.00 87.75 ? 32  U   A N3    1 
ATOM   443  C  C4    . U   A 1 24 ? 23.778  6.167   -9.816  1.00 87.08 ? 32  U   A C4    1 
ATOM   444  O  O4    . U   A 1 24 ? 24.555  5.310   -9.388  1.00 86.97 ? 32  U   A O4    1 
ATOM   445  C  C5    . U   A 1 24 ? 23.344  7.335   -9.111  1.00 86.98 ? 32  U   A C5    1 
ATOM   446  C  C6    . U   A 1 24 ? 22.495  8.190   -9.697  1.00 88.17 ? 32  U   A C6    1 
ATOM   447  P  P     . G   A 1 25 ? 16.303  8.653   -10.352 1.00 91.43 ? 33  G   A P     1 
ATOM   448  O  OP1   . G   A 1 25 ? 15.110  8.101   -11.047 1.00 92.26 ? 33  G   A OP1   1 
ATOM   449  O  OP2   . G   A 1 25 ? 16.250  10.015  -9.769  1.00 92.47 ? 33  G   A OP2   1 
ATOM   450  O  "O5'" . G   A 1 25 ? 16.731  7.634   -9.208  1.00 90.46 ? 33  G   A "O5'" 1 
ATOM   451  C  "C5'" . G   A 1 25 ? 16.329  6.274   -9.281  1.00 90.48 ? 33  G   A "C5'" 1 
ATOM   452  C  "C4'" . G   A 1 25 ? 17.014  5.616   -10.446 1.00 89.24 ? 33  G   A "C4'" 1 
ATOM   453  O  "O4'" . G   A 1 25 ? 18.437  5.734   -10.253 1.00 87.89 ? 33  G   A "O4'" 1 
ATOM   454  C  "C3'" . G   A 1 25 ? 16.787  4.128   -10.649 1.00 89.50 ? 33  G   A "C3'" 1 
ATOM   455  O  "O3'" . G   A 1 25 ? 15.580  3.941   -11.394 1.00 90.76 ? 33  G   A "O3'" 1 
ATOM   456  C  "C2'" . G   A 1 25 ? 18.011  3.730   -11.472 1.00 88.87 ? 33  G   A "C2'" 1 
ATOM   457  O  "O2'" . G   A 1 25 ? 17.817  3.997   -12.849 1.00 90.17 ? 33  G   A "O2'" 1 
ATOM   458  C  "C1'" . G   A 1 25 ? 19.083  4.691   -10.945 1.00 86.71 ? 33  G   A "C1'" 1 
ATOM   459  N  N9    . G   A 1 25 ? 20.140  4.143   -10.099 1.00 82.16 ? 33  G   A N9    1 
ATOM   460  C  C8    . G   A 1 25 ? 20.890  3.020   -10.336 1.00 79.71 ? 33  G   A C8    1 
ATOM   461  N  N7    . G   A 1 25 ? 21.843  2.844   -9.462  1.00 78.63 ? 33  G   A N7    1 
ATOM   462  C  C5    . G   A 1 25 ? 21.698  3.902   -8.578  1.00 80.33 ? 33  G   A C5    1 
ATOM   463  C  C6    . G   A 1 25 ? 22.453  4.248   -7.416  1.00 81.14 ? 33  G   A C6    1 
ATOM   464  O  O6    . G   A 1 25 ? 23.442  3.664   -6.926  1.00 80.09 ? 33  G   A O6    1 
ATOM   465  N  N1    . G   A 1 25 ? 21.952  5.404   -6.811  1.00 80.79 ? 33  G   A N1    1 
ATOM   466  C  C2    . G   A 1 25 ? 20.868  6.128   -7.261  1.00 79.66 ? 33  G   A C2    1 
ATOM   467  N  N2    . G   A 1 25 ? 20.536  7.205   -6.538  1.00 79.40 ? 33  G   A N2    1 
ATOM   468  N  N3    . G   A 1 25 ? 20.166  5.817   -8.338  1.00 79.05 ? 33  G   A N3    1 
ATOM   469  C  C4    . G   A 1 25 ? 20.634  4.702   -8.945  1.00 80.67 ? 33  G   A C4    1 
ATOM   470  P  P     . A   A 1 26 ? 15.179  2.474   -11.931 1.00 92.50 ? 34  A   A P     1 
ATOM   471  O  OP1   . A   A 1 26 ? 13.831  2.553   -12.554 1.00 93.09 ? 34  A   A OP1   1 
ATOM   472  O  OP2   . A   A 1 26 ? 15.426  1.495   -10.835 1.00 93.45 ? 34  A   A OP2   1 
ATOM   473  O  "O5'" . A   A 1 26 ? 16.233  2.169   -13.088 1.00 90.58 ? 34  A   A "O5'" 1 
ATOM   474  C  "C5'" . A   A 1 26 ? 15.887  2.328   -14.457 1.00 87.12 ? 34  A   A "C5'" 1 
ATOM   475  C  "C4'" . A   A 1 26 ? 16.715  1.398   -15.311 1.00 84.90 ? 34  A   A "C4'" 1 
ATOM   476  O  "O4'" . A   A 1 26 ? 18.107  1.813   -15.289 1.00 83.60 ? 34  A   A "O4'" 1 
ATOM   477  C  "C3'" . A   A 1 26 ? 16.770  -0.047  -14.844 1.00 83.70 ? 34  A   A "C3'" 1 
ATOM   478  O  "O3'" . A   A 1 26 ? 15.605  -0.774  -15.225 1.00 82.92 ? 34  A   A "O3'" 1 
ATOM   479  C  "C2'" . A   A 1 26 ? 18.035  -0.558  -15.531 1.00 83.10 ? 34  A   A "C2'" 1 
ATOM   480  O  "O2'" . A   A 1 26 ? 17.853  -0.949  -16.876 1.00 82.73 ? 34  A   A "O2'" 1 
ATOM   481  C  "C1'" . A   A 1 26 ? 18.936  0.678   -15.478 1.00 82.39 ? 34  A   A "C1'" 1 
ATOM   482  N  N9    . A   A 1 26 ? 19.899  0.612   -14.385 1.00 80.53 ? 34  A   A N9    1 
ATOM   483  C  C8    . A   A 1 26 ? 19.963  1.374   -13.248 1.00 79.03 ? 34  A   A C8    1 
ATOM   484  N  N7    . A   A 1 26 ? 20.962  1.058   -12.460 1.00 79.12 ? 34  A   A N7    1 
ATOM   485  C  C5    . A   A 1 26 ? 21.600  0.018   -13.124 1.00 79.08 ? 34  A   A C5    1 
ATOM   486  C  C6    . A   A 1 26 ? 22.737  -0.759  -12.812 1.00 78.96 ? 34  A   A C6    1 
ATOM   487  N  N6    . A   A 1 26 ? 23.471  -0.599  -11.706 1.00 79.25 ? 34  A   A N6    1 
ATOM   488  N  N1    . A   A 1 26 ? 23.099  -1.719  -13.690 1.00 78.67 ? 34  A   A N1    1 
ATOM   489  C  C2    . A   A 1 26 ? 22.369  -1.880  -14.801 1.00 79.11 ? 34  A   A C2    1 
ATOM   490  N  N3    . A   A 1 26 ? 21.287  -1.214  -15.204 1.00 79.55 ? 34  A   A N3    1 
ATOM   491  C  C4    . A   A 1 26 ? 20.952  -0.268  -14.309 1.00 79.90 ? 34  A   A C4    1 
ATOM   492  P  P     . A   A 1 27 ? 14.989  -1.880  -14.224 1.00 82.24 ? 35  A   A P     1 
ATOM   493  O  OP1   . A   A 1 27 ? 13.922  -2.636  -14.942 1.00 82.04 ? 35  A   A OP1   1 
ATOM   494  O  OP2   . A   A 1 27 ? 14.668  -1.190  -12.941 1.00 81.09 ? 35  A   A OP2   1 
ATOM   495  O  "O5'" . A   A 1 27 ? 16.198  -2.891  -13.980 1.00 78.96 ? 35  A   A "O5'" 1 
ATOM   496  C  "C5'" . A   A 1 27 ? 16.553  -3.862  -14.963 1.00 73.50 ? 35  A   A "C5'" 1 
ATOM   497  C  "C4'" . A   A 1 27 ? 17.871  -4.501  -14.604 1.00 70.60 ? 35  A   A "C4'" 1 
ATOM   498  O  "O4'" . A   A 1 27 ? 18.870  -3.452  -14.538 1.00 69.68 ? 35  A   A "O4'" 1 
ATOM   499  C  "C3'" . A   A 1 27 ? 17.945  -5.147  -13.225 1.00 69.70 ? 35  A   A "C3'" 1 
ATOM   500  O  "O3'" . A   A 1 27 ? 17.445  -6.477  -13.190 1.00 68.54 ? 35  A   A "O3'" 1 
ATOM   501  C  "C2'" . A   A 1 27 ? 19.435  -5.109  -12.945 1.00 68.61 ? 35  A   A "C2'" 1 
ATOM   502  O  "O2'" . A   A 1 27 ? 20.143  -6.106  -13.655 1.00 66.64 ? 35  A   A "O2'" 1 
ATOM   503  C  "C1'" . A   A 1 27 ? 19.778  -3.720  -13.478 1.00 69.15 ? 35  A   A "C1'" 1 
ATOM   504  N  N9    . A   A 1 27 ? 19.597  -2.695  -12.449 1.00 68.95 ? 35  A   A N9    1 
ATOM   505  C  C8    . A   A 1 27 ? 18.606  -1.748  -12.356 1.00 68.59 ? 35  A   A C8    1 
ATOM   506  N  N7    . A   A 1 27 ? 18.718  -0.968  -11.308 1.00 68.56 ? 35  A   A N7    1 
ATOM   507  C  C5    . A   A 1 27 ? 19.858  -1.433  -10.667 1.00 68.68 ? 35  A   A C5    1 
ATOM   508  C  C6    . A   A 1 27 ? 20.519  -1.029  -9.492  1.00 69.21 ? 35  A   A C6    1 
ATOM   509  N  N6    . A   A 1 27 ? 20.107  -0.026  -8.716  1.00 70.18 ? 35  A   A N6    1 
ATOM   510  N  N1    . A   A 1 27 ? 21.632  -1.704  -9.134  1.00 70.12 ? 35  A   A N1    1 
ATOM   511  C  C2    . A   A 1 27 ? 22.043  -2.714  -9.906  1.00 69.98 ? 35  A   A C2    1 
ATOM   512  N  N3    . A   A 1 27 ? 21.509  -3.189  -11.029 1.00 69.20 ? 35  A   A N3    1 
ATOM   513  C  C4    . A   A 1 27 ? 20.407  -2.497  -11.359 1.00 68.55 ? 35  A   A C4    1 
ATOM   514  P  P     . G   A 1 28 ? 16.614  -6.976  -11.904 1.00 66.89 ? 36  G   A P     1 
ATOM   515  O  OP1   . G   A 1 28 ? 16.208  -8.388  -12.154 1.00 66.85 ? 36  G   A OP1   1 
ATOM   516  O  OP2   . G   A 1 28 ? 15.565  -5.953  -11.629 1.00 65.37 ? 36  G   A OP2   1 
ATOM   517  O  "O5'" . G   A 1 28 ? 17.686  -6.941  -10.716 1.00 63.34 ? 36  G   A "O5'" 1 
ATOM   518  C  "C5'" . G   A 1 28 ? 18.702  -7.941  -10.600 1.00 58.17 ? 36  G   A "C5'" 1 
ATOM   519  C  "C4'" . G   A 1 28 ? 19.599  -7.665  -9.403  1.00 54.86 ? 36  G   A "C4'" 1 
ATOM   520  O  "O4'" . G   A 1 28 ? 20.205  -6.345  -9.531  1.00 55.60 ? 36  G   A "O4'" 1 
ATOM   521  C  "C3'" . G   A 1 28 ? 18.935  -7.619  -8.039  1.00 51.73 ? 36  G   A "C3'" 1 
ATOM   522  O  "O3'" . G   A 1 28 ? 18.786  -8.910  -7.488  1.00 46.67 ? 36  G   A "O3'" 1 
ATOM   523  C  "C2'" . G   A 1 28 ? 19.939  -6.804  -7.236  1.00 52.95 ? 36  G   A "C2'" 1 
ATOM   524  O  "O2'" . G   A 1 28 ? 21.097  -7.535  -6.904  1.00 53.06 ? 36  G   A "O2'" 1 
ATOM   525  C  "C1'" . G   A 1 28 ? 20.313  -5.730  -8.249  1.00 53.71 ? 36  G   A "C1'" 1 
ATOM   526  N  N9    . G   A 1 28 ? 19.371  -4.617  -8.200  1.00 53.69 ? 36  G   A N9    1 
ATOM   527  C  C8    . G   A 1 28 ? 18.343  -4.381  -9.081  1.00 55.17 ? 36  G   A C8    1 
ATOM   528  N  N7    . G   A 1 28 ? 17.651  -3.319  -8.788  1.00 55.75 ? 36  G   A N7    1 
ATOM   529  C  C5    . G   A 1 28 ? 18.259  -2.817  -7.648  1.00 54.97 ? 36  G   A C5    1 
ATOM   530  C  C6    . G   A 1 28 ? 17.947  -1.671  -6.877  1.00 56.55 ? 36  G   A C6    1 
ATOM   531  O  O6    . G   A 1 28 ? 17.042  -0.842  -7.056  1.00 58.41 ? 36  G   A O6    1 
ATOM   532  N  N1    . G   A 1 28 ? 18.813  -1.530  -5.801  1.00 56.46 ? 36  G   A N1    1 
ATOM   533  C  C2    . G   A 1 28 ? 19.842  -2.385  -5.504  1.00 57.02 ? 36  G   A C2    1 
ATOM   534  N  N2    . G   A 1 28 ? 20.558  -2.073  -4.411  1.00 58.32 ? 36  G   A N2    1 
ATOM   535  N  N3    . G   A 1 28 ? 20.147  -3.462  -6.220  1.00 54.83 ? 36  G   A N3    1 
ATOM   536  C  C4    . G   A 1 28 ? 19.321  -3.612  -7.271  1.00 53.39 ? 36  G   A C4    1 
ATOM   537  P  P     . G   A 1 29 ? 17.758  -9.139  -6.281  1.00 44.20 ? 37  G   A P     1 
ATOM   538  O  OP1   . G   A 1 29 ? 17.755  -10.588 -5.977  1.00 44.29 ? 37  G   A OP1   1 
ATOM   539  O  OP2   . G   A 1 29 ? 16.489  -8.459  -6.606  1.00 43.89 ? 37  G   A OP2   1 
ATOM   540  O  "O5'" . G   A 1 29 ? 18.400  -8.351  -5.058  1.00 42.51 ? 37  G   A "O5'" 1 
ATOM   541  C  "C5'" . G   A 1 29 ? 19.482  -8.905  -4.318  1.00 39.15 ? 37  G   A "C5'" 1 
ATOM   542  C  "C4'" . G   A 1 29 ? 19.798  -8.037  -3.120  1.00 37.64 ? 37  G   A "C4'" 1 
ATOM   543  O  "O4'" . G   A 1 29 ? 20.125  -6.692  -3.571  1.00 36.11 ? 37  G   A "O4'" 1 
ATOM   544  C  "C3'" . G   A 1 29 ? 18.670  -7.807  -2.130  1.00 36.69 ? 37  G   A "C3'" 1 
ATOM   545  O  "O3'" . G   A 1 29 ? 18.519  -8.886  -1.228  1.00 36.15 ? 37  G   A "O3'" 1 
ATOM   546  C  "C2'" . G   A 1 29 ? 19.126  -6.529  -1.447  1.00 35.69 ? 37  G   A "C2'" 1 
ATOM   547  O  "O2'" . G   A 1 29 ? 20.230  -6.727  -0.579  1.00 34.05 ? 37  G   A "O2'" 1 
ATOM   548  C  "C1'" . G   A 1 29 ? 19.602  -5.741  -2.661  1.00 35.69 ? 37  G   A "C1'" 1 
ATOM   549  N  N9    . G   A 1 29 ? 18.518  -5.042  -3.341  1.00 34.89 ? 37  G   A N9    1 
ATOM   550  C  C8    . G   A 1 29 ? 18.026  -5.334  -4.581  1.00 34.37 ? 37  G   A C8    1 
ATOM   551  N  N7    . G   A 1 29 ? 17.078  -4.522  -4.956  1.00 36.34 ? 37  G   A N7    1 
ATOM   552  C  C5    . G   A 1 29 ? 16.931  -3.644  -3.895  1.00 33.70 ? 37  G   A C5    1 
ATOM   553  C  C6    . G   A 1 29 ? 16.063  -2.549  -3.737  1.00 34.35 ? 37  G   A C6    1 
ATOM   554  O  O6    . G   A 1 29 ? 15.224  -2.111  -4.532  1.00 34.97 ? 37  G   A O6    1 
ATOM   555  N  N1    . G   A 1 29 ? 16.239  -1.932  -2.509  1.00 36.00 ? 37  G   A N1    1 
ATOM   556  C  C2    . G   A 1 29 ? 17.142  -2.317  -1.556  1.00 35.83 ? 37  G   A C2    1 
ATOM   557  N  N2    . G   A 1 29 ? 17.167  -1.583  -0.428  1.00 35.85 ? 37  G   A N2    1 
ATOM   558  N  N3    . G   A 1 29 ? 17.962  -3.339  -1.695  1.00 35.26 ? 37  G   A N3    1 
ATOM   559  C  C4    . G   A 1 29 ? 17.803  -3.954  -2.883  1.00 34.63 ? 37  G   A C4    1 
ATOM   560  P  P     . C   A 1 30 ? 17.046  -9.371  -0.835  1.00 36.52 ? 38  C   A P     1 
ATOM   561  O  OP1   . C   A 1 30 ? 17.222  -10.608 -0.029  1.00 37.65 ? 38  C   A OP1   1 
ATOM   562  O  OP2   . C   A 1 30 ? 16.243  -9.408  -2.087  1.00 35.51 ? 38  C   A OP2   1 
ATOM   563  O  "O5'" . C   A 1 30 ? 16.491  -8.214  0.104   1.00 33.17 ? 38  C   A "O5'" 1 
ATOM   564  C  "C5'" . C   A 1 30 ? 17.140  -7.939  1.333   1.00 32.85 ? 38  C   A "C5'" 1 
ATOM   565  C  "C4'" . C   A 1 30 ? 16.367  -6.933  2.129   1.00 30.95 ? 38  C   A "C4'" 1 
ATOM   566  O  "O4'" . C   A 1 30 ? 16.441  -5.644  1.485   1.00 32.21 ? 38  C   A "O4'" 1 
ATOM   567  C  "C3'" . C   A 1 30 ? 14.889  -7.210  2.201   1.00 31.87 ? 38  C   A "C3'" 1 
ATOM   568  O  "O3'" . C   A 1 30 ? 14.595  -8.191  3.178   1.00 31.69 ? 38  C   A "O3'" 1 
ATOM   569  C  "C2'" . C   A 1 30 ? 14.335  -5.835  2.537   1.00 32.80 ? 38  C   A "C2'" 1 
ATOM   570  O  "O2'" . C   A 1 30 ? 14.502  -5.467  3.893   1.00 34.49 ? 38  C   A "O2'" 1 
ATOM   571  C  "C1'" . C   A 1 30 ? 15.220  -4.946  1.667   1.00 32.92 ? 38  C   A "C1'" 1 
ATOM   572  N  N1    . C   A 1 30 ? 14.633  -4.651  0.345   1.00 33.25 ? 38  C   A N1    1 
ATOM   573  C  C2    . C   A 1 30 ? 13.606  -3.706  0.258   1.00 34.97 ? 38  C   A C2    1 
ATOM   574  O  O2    . C   A 1 30 ? 13.222  -3.128  1.288   1.00 38.97 ? 38  C   A O2    1 
ATOM   575  N  N3    . C   A 1 30 ? 13.056  -3.443  -0.942  1.00 34.97 ? 38  C   A N3    1 
ATOM   576  C  C4    . C   A 1 30 ? 13.485  -4.078  -2.024  1.00 35.92 ? 38  C   A C4    1 
ATOM   577  N  N4    . C   A 1 30 ? 12.894  -3.792  -3.181  1.00 40.80 ? 38  C   A N4    1 
ATOM   578  C  C5    . C   A 1 30 ? 14.531  -5.034  -1.970  1.00 34.87 ? 38  C   A C5    1 
ATOM   579  C  C6    . C   A 1 30 ? 15.074  -5.288  -0.777  1.00 34.01 ? 38  C   A C6    1 
ATOM   580  P  P     . U   A 1 31 ? 13.309  -9.119  2.984   1.00 31.71 ? 39  U   A P     1 
ATOM   581  O  OP1   . U   A 1 31 ? 13.376  -10.239 3.950   1.00 32.27 ? 39  U   A OP1   1 
ATOM   582  O  OP2   . U   A 1 31 ? 13.179  -9.397  1.522   1.00 31.77 ? 39  U   A OP2   1 
ATOM   583  O  "O5'" . U   A 1 31 ? 12.109  -8.176  3.405   1.00 29.08 ? 39  U   A "O5'" 1 
ATOM   584  C  "C5'" . U   A 1 31 ? 11.999  -7.705  4.724   1.00 29.34 ? 39  U   A "C5'" 1 
ATOM   585  C  "C4'" . U   A 1 31 ? 10.854  -6.740  4.820   1.00 29.91 ? 39  U   A "C4'" 1 
ATOM   586  O  "O4'" . U   A 1 31 ? 11.163  -5.562  4.046   1.00 29.86 ? 39  U   A "O4'" 1 
ATOM   587  C  "C3'" . U   A 1 31 ? 9.557   -7.226  4.217   1.00 30.11 ? 39  U   A "C3'" 1 
ATOM   588  O  "O3'" . U   A 1 31 ? 8.832   -7.993  5.159   1.00 31.67 ? 39  U   A "O3'" 1 
ATOM   589  C  "C2'" . U   A 1 31 ? 8.831   -5.925  3.970   1.00 29.29 ? 39  U   A "C2'" 1 
ATOM   590  O  "O2'" . U   A 1 31 ? 8.329   -5.474  5.202   1.00 30.40 ? 39  U   A "O2'" 1 
ATOM   591  C  "C1'" . U   A 1 31 ? 9.975   -5.025  3.505   1.00 29.35 ? 39  U   A "C1'" 1 
ATOM   592  N  N1    . U   A 1 31 ? 10.129  -4.968  2.049   1.00 29.37 ? 39  U   A N1    1 
ATOM   593  C  C2    . U   A 1 31 ? 9.522   -3.936  1.382   1.00 31.82 ? 39  U   A C2    1 
ATOM   594  O  O2    . U   A 1 31 ? 8.870   -3.085  1.944   1.00 32.07 ? 39  U   A O2    1 
ATOM   595  N  N3    . U   A 1 31 ? 9.703   -3.935  0.025   1.00 35.25 ? 39  U   A N3    1 
ATOM   596  C  C4    . U   A 1 31 ? 10.413  -4.851  -0.713  1.00 35.55 ? 39  U   A C4    1 
ATOM   597  O  O4    . U   A 1 31 ? 10.486  -4.722  -1.940  1.00 37.78 ? 39  U   A O4    1 
ATOM   598  C  C5    . U   A 1 31 ? 11.012  -5.890  0.059   1.00 33.98 ? 39  U   A C5    1 
ATOM   599  C  C6    . U   A 1 31 ? 10.853  -5.909  1.380   1.00 30.64 ? 39  U   A C6    1 
ATOM   600  P  P     . G   A 1 32 ? 7.769   -9.080  4.645   1.00 32.99 ? 40  G   A P     1 
ATOM   601  O  OP1   . G   A 1 32 ? 7.023   -9.573  5.848   1.00 31.61 ? 40  G   A OP1   1 
ATOM   602  O  OP2   . G   A 1 32 ? 8.480   -10.043 3.751   1.00 29.34 ? 40  G   A OP2   1 
ATOM   603  O  "O5'" . G   A 1 32 ? 6.764   -8.242  3.752   1.00 30.38 ? 40  G   A "O5'" 1 
ATOM   604  C  "C5'" . G   A 1 32 ? 5.754   -7.468  4.354   1.00 30.74 ? 40  G   A "C5'" 1 
ATOM   605  C  "C4'" . G   A 1 32 ? 4.839   -6.928  3.298   1.00 31.99 ? 40  G   A "C4'" 1 
ATOM   606  O  "O4'" . G   A 1 32 ? 5.575   -6.003  2.462   1.00 34.72 ? 40  G   A "O4'" 1 
ATOM   607  C  "C3'" . G   A 1 32 ? 4.319   -7.931  2.298   1.00 30.90 ? 40  G   A "C3'" 1 
ATOM   608  O  "O3'" . G   A 1 32 ? 3.181   -8.571  2.825   1.00 33.35 ? 40  G   A "O3'" 1 
ATOM   609  C  "C2'" . G   A 1 32 ? 3.875   -7.007  1.189   1.00 30.73 ? 40  G   A "C2'" 1 
ATOM   610  O  "O2'" . G   A 1 32 ? 2.695   -6.404  1.641   1.00 29.95 ? 40  G   A "O2'" 1 
ATOM   611  C  "C1'" . G   A 1 32 ? 5.012   -5.983  1.165   1.00 31.58 ? 40  G   A "C1'" 1 
ATOM   612  N  N9    . G   A 1 32 ? 6.063   -6.310  0.207   1.00 31.56 ? 40  G   A N9    1 
ATOM   613  C  C8    . G   A 1 32 ? 6.983   -7.306  0.335   1.00 32.98 ? 40  G   A C8    1 
ATOM   614  N  N7    . G   A 1 32 ? 7.743   -7.440  -0.715  1.00 36.01 ? 40  G   A N7    1 
ATOM   615  C  C5    . G   A 1 32 ? 7.312   -6.456  -1.582  1.00 33.86 ? 40  G   A C5    1 
ATOM   616  C  C6    . G   A 1 32 ? 7.754   -6.133  -2.886  1.00 34.57 ? 40  G   A C6    1 
ATOM   617  O  O6    . G   A 1 32 ? 8.644   -6.677  -3.559  1.00 35.35 ? 40  G   A O6    1 
ATOM   618  N  N1    . G   A 1 32 ? 7.048   -5.061  -3.408  1.00 34.22 ? 40  G   A N1    1 
ATOM   619  C  C2    . G   A 1 32 ? 6.050   -4.387  -2.761  1.00 34.75 ? 40  G   A C2    1 
ATOM   620  N  N2    . G   A 1 32 ? 5.494   -3.373  -3.429  1.00 36.18 ? 40  G   A N2    1 
ATOM   621  N  N3    . G   A 1 32 ? 5.625   -4.683  -1.545  1.00 35.45 ? 40  G   A N3    1 
ATOM   622  C  C4    . G   A 1 32 ? 6.294   -5.726  -1.021  1.00 33.61 ? 40  G   A C4    1 
ATOM   623  P  P     . A   A 1 33 ? 2.731   -10.009 2.256   1.00 36.99 ? 41  A   A P     1 
ATOM   624  O  OP1   . A   A 1 33 ? 1.653   -10.494 3.168   1.00 37.32 ? 41  A   A OP1   1 
ATOM   625  O  OP2   . A   A 1 33 ? 3.940   -10.853 2.021   1.00 33.80 ? 41  A   A OP2   1 
ATOM   626  O  "O5'" . A   A 1 33 ? 2.057   -9.687  0.845   1.00 34.82 ? 41  A   A "O5'" 1 
ATOM   627  C  "C5'" . A   A 1 33 ? 1.687   -10.739 -0.031  1.00 34.40 ? 41  A   A "C5'" 1 
ATOM   628  C  "C4'" . A   A 1 33 ? 1.049   -10.187 -1.276  1.00 34.13 ? 41  A   A "C4'" 1 
ATOM   629  O  "O4'" . A   A 1 33 ? -0.235  -9.606  -0.964  1.00 35.98 ? 41  A   A "O4'" 1 
ATOM   630  C  "C3'" . A   A 1 33 ? 1.826   -9.090  -1.963  1.00 33.25 ? 41  A   A "C3'" 1 
ATOM   631  O  "O3'" . A   A 1 33 ? 2.732   -9.705  -2.858  1.00 31.74 ? 41  A   A "O3'" 1 
ATOM   632  C  "C2'" . A   A 1 33 ? 0.734   -8.356  -2.723  1.00 34.63 ? 41  A   A "C2'" 1 
ATOM   633  O  "O2'" . A   A 1 33 ? 0.398   -9.050  -3.895  1.00 33.16 ? 41  A   A "O2'" 1 
ATOM   634  C  "C1'" . A   A 1 33 ? -0.444  -8.461  -1.758  1.00 36.16 ? 41  A   A "C1'" 1 
ATOM   635  N  N9    . A   A 1 33 ? -0.645  -7.333  -0.852  1.00 39.47 ? 41  A   A N9    1 
ATOM   636  C  C8    . A   A 1 33 ? -0.509  -7.354  0.513   1.00 42.39 ? 41  A   A C8    1 
ATOM   637  N  N7    . A   A 1 33 ? -0.840  -6.231  1.098   1.00 42.55 ? 41  A   A N7    1 
ATOM   638  C  C5    . A   A 1 33 ? -1.194  -5.406  0.045   1.00 42.13 ? 41  A   A C5    1 
ATOM   639  C  C6    . A   A 1 33 ? -1.639  -4.089  0.008   1.00 42.84 ? 41  A   A C6    1 
ATOM   640  N  N6    . A   A 1 33 ? -1.798  -3.342  1.097   1.00 43.46 ? 41  A   A N6    1 
ATOM   641  N  N1    . A   A 1 33 ? -1.914  -3.553  -1.199  1.00 44.81 ? 41  A   A N1    1 
ATOM   642  C  C2    . A   A 1 33 ? -1.737  -4.307  -2.290  1.00 45.02 ? 41  A   A C2    1 
ATOM   643  N  N3    . A   A 1 33 ? -1.314  -5.566  -2.383  1.00 43.69 ? 41  A   A N3    1 
ATOM   644  C  C4    . A   A 1 33 ? -1.060  -6.064  -1.163  1.00 41.68 ? 41  A   A C4    1 
ATOM   645  P  P     . G   A 1 34 ? 4.184   -9.066  -3.095  1.00 32.75 ? 42  G   A P     1 
ATOM   646  O  OP1   . G   A 1 34 ? 4.893   -9.962  -4.042  1.00 34.37 ? 42  G   A OP1   1 
ATOM   647  O  OP2   . G   A 1 34 ? 4.814   -8.751  -1.786  1.00 29.38 ? 42  G   A OP2   1 
ATOM   648  O  "O5'" . G   A 1 34 ? 3.875   -7.742  -3.919  1.00 33.67 ? 42  G   A "O5'" 1 
ATOM   649  C  "C5'" . G   A 1 34 ? 3.504   -7.818  -5.295  1.00 34.15 ? 42  G   A "C5'" 1 
ATOM   650  C  "C4'" . G   A 1 34 ? 2.895   -6.515  -5.737  1.00 35.95 ? 42  G   A "C4'" 1 
ATOM   651  O  "O4'" . G   A 1 34 ? 1.788   -6.226  -4.861  1.00 36.02 ? 42  G   A "O4'" 1 
ATOM   652  C  "C3'" . G   A 1 34 ? 3.812   -5.306  -5.667  1.00 38.18 ? 42  G   A "C3'" 1 
ATOM   653  O  "O3'" . G   A 1 34 ? 4.414   -5.127  -6.958  1.00 41.78 ? 42  G   A "O3'" 1 
ATOM   654  C  "C2'" . G   A 1 34 ? 2.835   -4.171  -5.394  1.00 38.17 ? 42  G   A "C2'" 1 
ATOM   655  O  "O2'" . G   A 1 34 ? 2.214   -3.750  -6.590  1.00 41.22 ? 42  G   A "O2'" 1 
ATOM   656  C  "C1'" . G   A 1 34 ? 1.778   -4.860  -4.531  1.00 37.20 ? 42  G   A "C1'" 1 
ATOM   657  N  N9    . G   A 1 34 ? 1.944   -4.752  -3.085  1.00 38.58 ? 42  G   A N9    1 
ATOM   658  C  C8    . G   A 1 34 ? 2.602   -5.631  -2.258  1.00 37.26 ? 42  G   A C8    1 
ATOM   659  N  N7    . G   A 1 34 ? 2.569   -5.282  -1.001  1.00 35.04 ? 42  G   A N7    1 
ATOM   660  C  C5    . G   A 1 34 ? 1.851   -4.095  -0.992  1.00 38.56 ? 42  G   A C5    1 
ATOM   661  C  C6    . G   A 1 34 ? 1.485   -3.249  0.088   1.00 39.21 ? 42  G   A C6    1 
ATOM   662  O  O6    . G   A 1 34 ? 1.728   -3.379  1.298   1.00 40.99 ? 42  G   A O6    1 
ATOM   663  N  N1    . G   A 1 34 ? 0.756   -2.153  -0.349  1.00 40.84 ? 42  G   A N1    1 
ATOM   664  C  C2    . G   A 1 34 ? 0.414   -1.891  -1.647  1.00 42.60 ? 42  G   A C2    1 
ATOM   665  N  N2    . G   A 1 34 ? -0.296  -0.764  -1.840  1.00 45.74 ? 42  G   A N2    1 
ATOM   666  N  N3    . G   A 1 34 ? 0.739   -2.672  -2.671  1.00 41.83 ? 42  G   A N3    1 
ATOM   667  C  C4    . G   A 1 34 ? 1.456   -3.750  -2.271  1.00 40.45 ? 42  G   A C4    1 
ATOM   668  P  P     . A   A 1 35 ? 5.985   -4.814  -7.092  1.00 43.67 ? 43  A   A P     1 
ATOM   669  O  OP1   . A   A 1 35 ? 6.299   -4.756  -8.529  1.00 44.21 ? 43  A   A OP1   1 
ATOM   670  O  OP2   . A   A 1 35 ? 6.734   -5.754  -6.224  1.00 44.26 ? 43  A   A OP2   1 
ATOM   671  O  "O5'" . A   A 1 35 ? 6.149   -3.344  -6.495  1.00 47.01 ? 43  A   A "O5'" 1 
ATOM   672  C  "C5'" . A   A 1 35 ? 5.712   -2.195  -7.226  1.00 49.75 ? 43  A   A "C5'" 1 
ATOM   673  C  "C4'" . A   A 1 35 ? 6.494   -0.968  -6.801  1.00 51.12 ? 43  A   A "C4'" 1 
ATOM   674  O  "O4'" . A   A 1 35 ? 6.250   -0.709  -5.411  1.00 49.40 ? 43  A   A "O4'" 1 
ATOM   675  C  "C3'" . A   A 1 35 ? 8.005   -1.069  -6.933  1.00 53.66 ? 43  A   A "C3'" 1 
ATOM   676  O  "O3'" . A   A 1 35 ? 8.381   -0.459  -8.161  1.00 57.90 ? 43  A   A "O3'" 1 
ATOM   677  C  "C2'" . A   A 1 35 ? 8.548   -0.171  -5.827  1.00 53.06 ? 43  A   A "C2'" 1 
ATOM   678  O  "O2'" . A   A 1 35 ? 8.928   1.096   -6.327  1.00 56.20 ? 43  A   A "O2'" 1 
ATOM   679  C  "C1'" . A   A 1 35 ? 7.358   -0.039  -4.873  1.00 51.19 ? 43  A   A "C1'" 1 
ATOM   680  N  N9    . A   A 1 35 ? 7.561   -0.498  -3.504  1.00 50.78 ? 43  A   A N9    1 
ATOM   681  C  C8    . A   A 1 35 ? 8.061   -1.686  -3.036  1.00 52.10 ? 43  A   A C8    1 
ATOM   682  N  N7    . A   A 1 35 ? 8.080   -1.768  -1.725  1.00 50.77 ? 43  A   A N7    1 
ATOM   683  C  C5    . A   A 1 35 ? 7.560   -0.549  -1.310  1.00 49.04 ? 43  A   A C5    1 
ATOM   684  C  C6    . A   A 1 35 ? 7.311   -0.010  -0.042  1.00 47.09 ? 43  A   A C6    1 
ATOM   685  N  N6    . A   A 1 35 ? 7.544   -0.659  1.098   1.00 46.66 ? 43  A   A N6    1 
ATOM   686  N  N1    . A   A 1 35 ? 6.799   1.235   0.018   1.00 45.45 ? 43  A   A N1    1 
ATOM   687  C  C2    . A   A 1 35 ? 6.545   1.878   -1.122  1.00 45.88 ? 43  A   A C2    1 
ATOM   688  N  N3    . A   A 1 35 ? 6.727   1.479   -2.369  1.00 46.88 ? 43  A   A N3    1 
ATOM   689  C  C4    . A   A 1 35 ? 7.245   0.241   -2.394  1.00 49.29 ? 43  A   A C4    1 
ATOM   690  P  P     . A   A 1 36 ? 9.435   -1.177  -9.129  1.00 63.06 ? 44  A   A P     1 
ATOM   691  O  OP1   . A   A 1 36 ? 10.126  -2.279  -8.408  1.00 63.58 ? 44  A   A OP1   1 
ATOM   692  O  OP2   . A   A 1 36 ? 10.245  -0.103  -9.751  1.00 63.15 ? 44  A   A OP2   1 
ATOM   693  O  "O5'" . A   A 1 36 ? 8.495   -1.801  -10.252 1.00 64.57 ? 44  A   A "O5'" 1 
ATOM   694  C  "C5'" . A   A 1 36 ? 7.229   -1.213  -10.535 1.00 67.42 ? 44  A   A "C5'" 1 
ATOM   695  C  "C4'" . A   A 1 36 ? 6.585   -1.908  -11.705 1.00 70.35 ? 44  A   A "C4'" 1 
ATOM   696  O  "O4'" . A   A 1 36 ? 5.215   -1.441  -11.822 1.00 71.52 ? 44  A   A "O4'" 1 
ATOM   697  C  "C3'" . A   A 1 36 ? 7.242   -1.578  -13.038 1.00 71.73 ? 44  A   A "C3'" 1 
ATOM   698  O  "O3'" . A   A 1 36 ? 7.923   -2.626  -13.737 1.00 72.13 ? 44  A   A "O3'" 1 
ATOM   699  C  "C2'" . A   A 1 36 ? 6.399   -0.484  -13.698 1.00 71.97 ? 44  A   A "C2'" 1 
ATOM   700  O  "O2'" . A   A 1 36 ? 6.132   -0.683  -15.074 1.00 72.26 ? 44  A   A "O2'" 1 
ATOM   701  C  "C1'" . A   A 1 36 ? 5.061   -0.636  -12.976 1.00 71.81 ? 44  A   A "C1'" 1 
ATOM   702  N  N9    . A   A 1 36 ? 4.395   0.611   -12.599 1.00 71.66 ? 44  A   A N9    1 
ATOM   703  C  C8    . A   A 1 36 ? 3.335   1.214   -13.232 1.00 71.03 ? 44  A   A C8    1 
ATOM   704  N  N7    . A   A 1 36 ? 2.939   2.322   -12.660 1.00 68.29 ? 44  A   A N7    1 
ATOM   705  C  C5    . A   A 1 36 ? 3.796   2.459   -11.583 1.00 68.38 ? 44  A   A C5    1 
ATOM   706  C  C6    . A   A 1 36 ? 3.894   3.428   -10.596 1.00 69.00 ? 44  A   A C6    1 
ATOM   707  N  N6    . A   A 1 36 ? 3.088   4.489   -10.527 1.00 68.73 ? 44  A   A N6    1 
ATOM   708  N  N1    . A   A 1 36 ? 4.862   3.278   -9.666  1.00 70.20 ? 44  A   A N1    1 
ATOM   709  C  C2    . A   A 1 36 ? 5.667   2.208   -9.747  1.00 68.92 ? 44  A   A C2    1 
ATOM   710  N  N3    . A   A 1 36 ? 5.669   1.227   -10.631 1.00 67.61 ? 44  A   A N3    1 
ATOM   711  C  C4    . A   A 1 36 ? 4.700   1.416   -11.534 1.00 68.99 ? 44  A   A C4    1 
ATOM   712  P  P     . A   A 1 37 ? 7.188   -3.388  -14.945 1.00 71.01 ? 45  A   A P     1 
ATOM   713  O  OP1   . A   A 1 37 ? 7.898   -4.658  -15.213 1.00 71.02 ? 45  A   A OP1   1 
ATOM   714  O  OP2   . A   A 1 37 ? 6.979   -2.423  -16.049 1.00 71.24 ? 45  A   A OP2   1 
ATOM   715  O  "O5'" . A   A 1 37 ? 5.777   -3.763  -14.328 1.00 70.29 ? 45  A   A "O5'" 1 
ATOM   716  C  "C5'" . A   A 1 37 ? 4.659   -3.957  -15.167 1.00 71.80 ? 45  A   A "C5'" 1 
ATOM   717  C  "C4'" . A   A 1 37 ? 3.664   -4.849  -14.486 1.00 71.98 ? 45  A   A "C4'" 1 
ATOM   718  O  "O4'" . A   A 1 37 ? 3.462   -4.363  -13.138 1.00 71.21 ? 45  A   A "O4'" 1 
ATOM   719  C  "C3'" . A   A 1 37 ? 2.275   -4.828  -15.095 1.00 73.02 ? 45  A   A "C3'" 1 
ATOM   720  O  "O3'" . A   A 1 37 ? 2.158   -5.738  -16.166 1.00 76.53 ? 45  A   A "O3'" 1 
ATOM   721  C  "C2'" . A   A 1 37 ? 1.427   -5.264  -13.923 1.00 71.60 ? 45  A   A "C2'" 1 
ATOM   722  O  "O2'" . A   A 1 37 ? 1.539   -6.651  -13.689 1.00 71.68 ? 45  A   A "O2'" 1 
ATOM   723  C  "C1'" . A   A 1 37 ? 2.092   -4.484  -12.794 1.00 70.82 ? 45  A   A "C1'" 1 
ATOM   724  N  N9    . A   A 1 37 ? 1.528   -3.142  -12.667 1.00 68.16 ? 45  A   A N9    1 
ATOM   725  C  C8    . A   A 1 37 ? 0.630   -2.524  -13.497 1.00 67.27 ? 45  A   A C8    1 
ATOM   726  N  N7    . A   A 1 37 ? 0.255   -1.344  -13.083 1.00 66.14 ? 45  A   A N7    1 
ATOM   727  C  C5    . A   A 1 37 ? 0.963   -1.165  -11.910 1.00 65.58 ? 45  A   A C5    1 
ATOM   728  C  C6    . A   A 1 37 ? 0.998   -0.122  -10.992 1.00 66.84 ? 45  A   A C6    1 
ATOM   729  N  N6    . A   A 1 37 ? 0.268   0.987   -11.112 1.00 68.28 ? 45  A   A N6    1 
ATOM   730  N  N1    . A   A 1 37 ? 1.813   -0.249  -9.926  1.00 68.54 ? 45  A   A N1    1 
ATOM   731  C  C2    . A   A 1 37 ? 2.541   -1.369  -9.807  1.00 68.71 ? 45  A   A C2    1 
ATOM   732  N  N3    . A   A 1 37 ? 2.589   -2.426  -10.606 1.00 67.47 ? 45  A   A N3    1 
ATOM   733  C  C4    . A   A 1 37 ? 1.764   -2.258  -11.650 1.00 66.62 ? 45  A   A C4    1 
ATOM   734  P  P     . U   A 1 38 ? 1.535   -5.241  -17.556 1.00 79.29 ? 46  U   A P     1 
ATOM   735  O  OP1   . U   A 1 38 ? 1.207   -6.467  -18.345 1.00 78.18 ? 46  U   A OP1   1 
ATOM   736  O  OP2   . U   A 1 38 ? 2.488   -4.227  -18.112 1.00 78.38 ? 46  U   A OP2   1 
ATOM   737  O  "O5'" . U   A 1 38 ? 0.184   -4.479  -17.163 1.00 78.44 ? 46  U   A "O5'" 1 
ATOM   738  C  "C5'" . U   A 1 38 ? -0.801  -5.081  -16.325 1.00 76.71 ? 46  U   A "C5'" 1 
ATOM   739  C  "C4'" . U   A 1 38 ? -1.715  -5.955  -17.142 1.00 75.66 ? 46  U   A "C4'" 1 
ATOM   740  O  "O4'" . U   A 1 38 ? -0.894  -6.899  -17.881 1.00 76.51 ? 46  U   A "O4'" 1 
ATOM   741  C  "C3'" . U   A 1 38 ? -2.656  -6.829  -16.329 1.00 74.87 ? 46  U   A "C3'" 1 
ATOM   742  O  "O3'" . U   A 1 38 ? -3.878  -6.188  -15.993 1.00 71.76 ? 46  U   A "O3'" 1 
ATOM   743  C  "C2'" . U   A 1 38 ? -2.895  -8.022  -17.243 1.00 76.02 ? 46  U   A "C2'" 1 
ATOM   744  O  "O2'" . U   A 1 38 ? -3.915  -7.797  -18.200 1.00 76.59 ? 46  U   A "O2'" 1 
ATOM   745  C  "C1'" . U   A 1 38 ? -1.524  -8.170  -17.909 1.00 77.27 ? 46  U   A "C1'" 1 
ATOM   746  P  P     . A   A 1 39 ? -4.967  -6.980  -15.107 1.00 70.29 ? 47  A   A P     1 
ATOM   747  O  OP1   . A   A 1 39 ? -5.412  -8.189  -15.852 1.00 69.89 ? 47  A   A OP1   1 
ATOM   748  O  OP2   . A   A 1 39 ? -5.970  -5.987  -14.660 1.00 70.68 ? 47  A   A OP2   1 
ATOM   749  O  "O5'" . A   A 1 39 ? -4.140  -7.483  -13.839 1.00 66.91 ? 47  A   A "O5'" 1 
ATOM   750  C  "C5'" . A   A 1 39 ? -3.255  -8.599  -13.957 1.00 61.91 ? 47  A   A "C5'" 1 
ATOM   751  C  "C4'" . A   A 1 39 ? -2.042  -8.421  -13.071 1.00 56.96 ? 47  A   A "C4'" 1 
ATOM   752  O  "O4'" . A   A 1 39 ? -1.386  -7.155  -13.348 1.00 54.64 ? 47  A   A "O4'" 1 
ATOM   753  C  "C3'" . A   A 1 39 ? -2.347  -8.354  -11.592 1.00 54.73 ? 47  A   A "C3'" 1 
ATOM   754  O  "O3'" . A   A 1 39 ? -2.496  -9.672  -11.093 1.00 51.79 ? 47  A   A "O3'" 1 
ATOM   755  C  "C2'" . A   A 1 39 ? -1.111  -7.655  -11.045 1.00 53.97 ? 47  A   A "C2'" 1 
ATOM   756  O  "O2'" . A   A 1 39 ? -0.003  -8.522  -10.967 1.00 54.20 ? 47  A   A "O2'" 1 
ATOM   757  C  "C1'" . A   A 1 39 ? -0.837  -6.633  -12.148 1.00 52.77 ? 47  A   A "C1'" 1 
ATOM   758  N  N9    . A   A 1 39 ? -1.404  -5.303  -11.909 1.00 49.66 ? 47  A   A N9    1 
ATOM   759  C  C8    . A   A 1 39 ? -2.390  -4.654  -12.612 1.00 49.18 ? 47  A   A C8    1 
ATOM   760  N  N7    . A   A 1 39 ? -2.648  -3.447  -12.172 1.00 46.16 ? 47  A   A N7    1 
ATOM   761  C  C5    . A   A 1 39 ? -1.774  -3.292  -11.108 1.00 46.20 ? 47  A   A C5    1 
ATOM   762  C  C6    . A   A 1 39 ? -1.547  -2.229  -10.226 1.00 45.95 ? 47  A   A C6    1 
ATOM   763  N  N6    . A   A 1 39 ? -2.184  -1.068  -10.292 1.00 44.57 ? 47  A   A N6    1 
ATOM   764  N  N1    . A   A 1 39 ? -0.622  -2.401  -9.262  1.00 48.57 ? 47  A   A N1    1 
ATOM   765  C  C2    . A   A 1 39 ? 0.033   -3.572  -9.203  1.00 50.14 ? 47  A   A C2    1 
ATOM   766  N  N3    . A   A 1 39 ? -0.084  -4.641  -9.983  1.00 48.31 ? 47  A   A N3    1 
ATOM   767  C  C4    . A   A 1 39 ? -1.015  -4.433  -10.926 1.00 47.07 ? 47  A   A C4    1 
ATOM   768  P  P     . C   A 1 40 ? -3.680  -9.990  -10.068 1.00 50.01 ? 48  C   A P     1 
ATOM   769  O  OP1   . C   A 1 40 ? -3.676  -11.447 -9.745  1.00 49.99 ? 48  C   A OP1   1 
ATOM   770  O  OP2   . C   A 1 40 ? -4.924  -9.345  -10.577 1.00 48.75 ? 48  C   A OP2   1 
ATOM   771  O  "O5'" . C   A 1 40 ? -3.227  -9.183  -8.781  1.00 47.19 ? 48  C   A "O5'" 1 
ATOM   772  C  "C5'" . C   A 1 40 ? -2.041  -9.522  -8.095  1.00 42.93 ? 48  C   A "C5'" 1 
ATOM   773  C  "C4'" . C   A 1 40 ? -1.823  -8.547  -6.985  1.00 40.90 ? 48  C   A "C4'" 1 
ATOM   774  O  "O4'" . C   A 1 40 ? -1.425  -7.277  -7.553  1.00 39.89 ? 48  C   A "O4'" 1 
ATOM   775  C  "C3'" . C   A 1 40 ? -3.076  -8.211  -6.202  1.00 39.38 ? 48  C   A "C3'" 1 
ATOM   776  O  "O3'" . C   A 1 40 ? -3.348  -9.192  -5.213  1.00 38.99 ? 48  C   A "O3'" 1 
ATOM   777  C  "C2'" . C   A 1 40 ? -2.713  -6.861  -5.607  1.00 38.80 ? 48  C   A "C2'" 1 
ATOM   778  O  "O2'" . C   A 1 40 ? -1.854  -7.004  -4.496  1.00 38.61 ? 48  C   A "O2'" 1 
ATOM   779  C  "C1'" . C   A 1 40 ? -1.933  -6.225  -6.759  1.00 39.05 ? 48  C   A "C1'" 1 
ATOM   780  N  N1    . C   A 1 40 ? -2.733  -5.353  -7.624  1.00 39.25 ? 48  C   A N1    1 
ATOM   781  C  C2    . C   A 1 40 ? -2.876  -4.010  -7.278  1.00 39.36 ? 48  C   A C2    1 
ATOM   782  O  O2    . C   A 1 40 ? -2.322  -3.597  -6.266  1.00 39.67 ? 48  C   A O2    1 
ATOM   783  N  N3    . C   A 1 40 ? -3.614  -3.197  -8.059  1.00 40.17 ? 48  C   A N3    1 
ATOM   784  C  C4    . C   A 1 40 ? -4.198  -3.679  -9.154  1.00 39.38 ? 48  C   A C4    1 
ATOM   785  N  N4    . C   A 1 40 ? -4.914  -2.838  -9.891  1.00 39.21 ? 48  C   A N4    1 
ATOM   786  C  C5    . C   A 1 40 ? -4.067  -5.047  -9.538  1.00 39.90 ? 48  C   A C5    1 
ATOM   787  C  C6    . C   A 1 40 ? -3.331  -5.842  -8.752  1.00 39.54 ? 48  C   A C6    1 
ATOM   788  P  P     . C   A 1 41 ? -4.872  -9.467  -4.774  1.00 40.98 ? 49  C   A P     1 
ATOM   789  O  OP1   . C   A 1 41 ? -4.926  -10.654 -3.874  1.00 39.92 ? 49  C   A OP1   1 
ATOM   790  O  OP2   . C   A 1 41 ? -5.695  -9.446  -6.021  1.00 41.09 ? 49  C   A OP2   1 
ATOM   791  O  "O5'" . C   A 1 41 ? -5.270  -8.185  -3.912  1.00 39.59 ? 49  C   A "O5'" 1 
ATOM   792  C  "C5'" . C   A 1 41 ? -4.585  -7.877  -2.705  1.00 38.28 ? 49  C   A "C5'" 1 
ATOM   793  C  "C4'" . C   A 1 41 ? -4.958  -6.501  -2.229  1.00 37.39 ? 49  C   A "C4'" 1 
ATOM   794  O  "O4'" . C   A 1 41 ? -4.477  -5.512  -3.169  1.00 36.14 ? 49  C   A "O4'" 1 
ATOM   795  C  "C3'" . C   A 1 41 ? -6.450  -6.251  -2.147  1.00 38.82 ? 49  C   A "C3'" 1 
ATOM   796  O  "O3'" . C   A 1 41 ? -6.977  -6.721  -0.907  1.00 39.17 ? 49  C   A "O3'" 1 
ATOM   797  C  "C2'" . C   A 1 41 ? -6.525  -4.734  -2.242  1.00 39.54 ? 49  C   A "C2'" 1 
ATOM   798  O  "O2'" . C   A 1 41 ? -6.299  -4.128  -0.993  1.00 41.19 ? 49  C   A "O2'" 1 
ATOM   799  C  "C1'" . C   A 1 41 ? -5.374  -4.416  -3.203  1.00 39.51 ? 49  C   A "C1'" 1 
ATOM   800  N  N1    . C   A 1 41 ? -5.802  -4.196  -4.598  1.00 41.99 ? 49  C   A N1    1 
ATOM   801  C  C2    . C   A 1 41 ? -6.514  -3.033  -4.912  1.00 43.85 ? 49  C   A C2    1 
ATOM   802  O  O2    . C   A 1 41 ? -6.763  -2.228  -4.017  1.00 49.10 ? 49  C   A O2    1 
ATOM   803  N  N3    . C   A 1 41 ? -6.918  -2.822  -6.181  1.00 44.09 ? 49  C   A N3    1 
ATOM   804  C  C4    . C   A 1 41 ? -6.642  -3.722  -7.121  1.00 45.14 ? 49  C   A C4    1 
ATOM   805  N  N4    . C   A 1 41 ? -7.053  -3.476  -8.364  1.00 45.83 ? 49  C   A N4    1 
ATOM   806  C  C5    . C   A 1 41 ? -5.925  -4.919  -6.830  1.00 44.44 ? 49  C   A C5    1 
ATOM   807  C  C6    . C   A 1 41 ? -5.521  -5.110  -5.569  1.00 43.58 ? 49  C   A C6    1 
ATOM   808  P  P     . C   A 1 42 ? -8.518  -7.141  -0.816  1.00 39.60 ? 50  C   A P     1 
ATOM   809  O  OP1   . C   A 1 42 ? -8.791  -7.849  0.458   1.00 41.19 ? 50  C   A OP1   1 
ATOM   810  O  OP2   . C   A 1 42 ? -8.826  -7.802  -2.096  1.00 40.65 ? 50  C   A OP2   1 
ATOM   811  O  "O5'" . C   A 1 42 ? -9.283  -5.749  -0.782  1.00 41.19 ? 50  C   A "O5'" 1 
ATOM   812  C  "C5'" . C   A 1 42 ? -9.234  -4.920  0.373   1.00 40.96 ? 50  C   A "C5'" 1 
ATOM   813  C  "C4'" . C   A 1 42 ? -9.733  -3.531  0.041   1.00 41.90 ? 50  C   A "C4'" 1 
ATOM   814  O  "O4'" . C   A 1 42 ? -8.969  -3.001  -1.078  1.00 41.31 ? 50  C   A "O4'" 1 
ATOM   815  C  "C3'" . C   A 1 42 ? -11.185 -3.397  -0.397  1.00 41.25 ? 50  C   A "C3'" 1 
ATOM   816  O  "O3'" . C   A 1 42 ? -12.016 -3.256  0.747   1.00 43.76 ? 50  C   A "O3'" 1 
ATOM   817  C  "C2'" . C   A 1 42 ? -11.155 -2.078  -1.145  1.00 40.78 ? 50  C   A "C2'" 1 
ATOM   818  O  "O2'" . C   A 1 42 ? -11.153 -0.997  -0.236  1.00 40.61 ? 50  C   A "O2'" 1 
ATOM   819  C  "C1'" . C   A 1 42 ? -9.797  -2.156  -1.848  1.00 41.15 ? 50  C   A "C1'" 1 
ATOM   820  N  N1    . C   A 1 42 ? -9.870  -2.720  -3.198  1.00 41.16 ? 50  C   A N1    1 
ATOM   821  C  C2    . C   A 1 42 ? -10.522 -2.002  -4.199  1.00 40.03 ? 50  C   A C2    1 
ATOM   822  O  O2    . C   A 1 42 ? -11.034 -0.916  -3.916  1.00 36.27 ? 50  C   A O2    1 
ATOM   823  N  N3    . C   A 1 42 ? -10.578 -2.515  -5.448  1.00 41.27 ? 50  C   A N3    1 
ATOM   824  C  C4    . C   A 1 42 ? -10.022 -3.698  -5.709  1.00 40.78 ? 50  C   A C4    1 
ATOM   825  N  N4    . C   A 1 42 ? -10.107 -4.172  -6.956  1.00 40.85 ? 50  C   A N4    1 
ATOM   826  C  C5    . C   A 1 42 ? -9.357  -4.451  -4.705  1.00 41.30 ? 50  C   A C5    1 
ATOM   827  C  C6    . C   A 1 42 ? -9.306  -3.930  -3.475  1.00 40.63 ? 50  C   A C6    1 
ATOM   828  P  P     . G   A 1 43 ? -13.516 -3.832  0.729   1.00 46.47 ? 51  G   A P     1 
ATOM   829  O  OP1   . G   A 1 43 ? -13.991 -3.915  2.138   1.00 46.07 ? 51  G   A OP1   1 
ATOM   830  O  OP2   . G   A 1 43 ? -13.532 -5.046  -0.129  1.00 44.89 ? 51  G   A OP2   1 
ATOM   831  O  "O5'" . G   A 1 43 ? -14.367 -2.717  -0.031  1.00 48.01 ? 51  G   A "O5'" 1 
ATOM   832  C  "C5'" . G   A 1 43 ? -14.662 -1.458  0.573   1.00 48.40 ? 51  G   A "C5'" 1 
ATOM   833  C  "C4'" . G   A 1 43 ? -15.482 -0.617  -0.375  1.00 49.07 ? 51  G   A "C4'" 1 
ATOM   834  O  "O4'" . G   A 1 43 ? -14.722 -0.353  -1.580  1.00 48.47 ? 51  G   A "O4'" 1 
ATOM   835  C  "C3'" . G   A 1 43 ? -16.716 -1.312  -0.888  1.00 51.72 ? 51  G   A "C3'" 1 
ATOM   836  O  "O3'" . G   A 1 43 ? -17.757 -1.141  0.032   1.00 58.58 ? 51  G   A "O3'" 1 
ATOM   837  C  "C2'" . G   A 1 43 ? -16.995 -0.580  -2.185  1.00 50.31 ? 51  G   A "C2'" 1 
ATOM   838  O  "O2'" . G   A 1 43 ? -17.614 0.669   -1.966  1.00 51.59 ? 51  G   A "O2'" 1 
ATOM   839  C  "C1'" . G   A 1 43 ? -15.580 -0.366  -2.708  1.00 47.49 ? 51  G   A "C1'" 1 
ATOM   840  N  N9    . G   A 1 43 ? -15.112 -1.406  -3.617  1.00 44.49 ? 51  G   A N9    1 
ATOM   841  C  C8    . G   A 1 43 ? -14.359 -2.502  -3.288  1.00 43.30 ? 51  G   A C8    1 
ATOM   842  N  N7    . G   A 1 43 ? -14.029 -3.224  -4.321  1.00 43.97 ? 51  G   A N7    1 
ATOM   843  C  C5    . G   A 1 43 ? -14.609 -2.571  -5.402  1.00 43.45 ? 51  G   A C5    1 
ATOM   844  C  C6    . G   A 1 43 ? -14.578 -2.875  -6.799  1.00 42.90 ? 51  G   A C6    1 
ATOM   845  O  O6    . G   A 1 43 ? -14.010 -3.804  -7.376  1.00 43.52 ? 51  G   A O6    1 
ATOM   846  N  N1    . G   A 1 43 ? -15.300 -1.952  -7.537  1.00 40.96 ? 51  G   A N1    1 
ATOM   847  C  C2    . G   A 1 43 ? -15.963 -0.881  -7.017  1.00 41.29 ? 51  G   A C2    1 
ATOM   848  N  N2    . G   A 1 43 ? -16.596 -0.113  -7.901  1.00 42.67 ? 51  G   A N2    1 
ATOM   849  N  N3    . G   A 1 43 ? -15.999 -0.581  -5.730  1.00 41.75 ? 51  G   A N3    1 
ATOM   850  C  C4    . G   A 1 43 ? -15.301 -1.461  -4.985  1.00 43.40 ? 51  G   A C4    1 
ATOM   851  P  P     . U   A 1 44 ? -18.387 -2.427  0.728   1.00 65.44 ? 52  U   A P     1 
ATOM   852  O  OP1   . U   A 1 44 ? -17.277 -3.313  1.167   1.00 64.51 ? 52  U   A OP1   1 
ATOM   853  O  OP2   . U   A 1 44 ? -19.438 -2.961  -0.178  1.00 65.41 ? 52  U   A OP2   1 
ATOM   854  O  "O5'" . U   A 1 44 ? -19.070 -1.811  2.019   1.00 69.68 ? 52  U   A "O5'" 1 
ATOM   855  C  "C5'" . U   A 1 44 ? -18.392 -1.818  3.262   1.00 77.05 ? 52  U   A "C5'" 1 
ATOM   856  C  "C4'" . U   A 1 44 ? -18.962 -0.754  4.144   1.00 82.18 ? 52  U   A "C4'" 1 
ATOM   857  O  "O4'" . U   A 1 44 ? -18.488 0.541   3.724   1.00 83.67 ? 52  U   A "O4'" 1 
ATOM   858  C  "C3'" . U   A 1 44 ? -20.470 -0.654  4.075   1.00 86.08 ? 52  U   A "C3'" 1 
ATOM   859  O  "O3'" . U   A 1 44 ? -21.086 -1.696  4.848   1.00 90.56 ? 52  U   A "O3'" 1 
ATOM   860  C  "C2'" . U   A 1 44 ? -20.749 0.796   4.461   1.00 86.39 ? 52  U   A "C2'" 1 
ATOM   861  O  "O2'" . U   A 1 44 ? -20.864 0.994   5.855   1.00 86.36 ? 52  U   A "O2'" 1 
ATOM   862  C  "C1'" . U   A 1 44 ? -19.495 1.507   3.932   1.00 86.61 ? 52  U   A "C1'" 1 
ATOM   863  N  N1    . U   A 1 44 ? -19.607 2.308   2.703   1.00 89.66 ? 52  U   A N1    1 
ATOM   864  C  C2    . U   A 1 44 ? -20.197 3.558   2.786   1.00 91.99 ? 52  U   A C2    1 
ATOM   865  O  O2    . U   A 1 44 ? -20.686 3.994   3.813   1.00 93.45 ? 52  U   A O2    1 
ATOM   866  N  N3    . U   A 1 44 ? -20.190 4.281   1.619   1.00 94.26 ? 52  U   A N3    1 
ATOM   867  C  C4    . U   A 1 44 ? -19.670 3.889   0.401   1.00 94.97 ? 52  U   A C4    1 
ATOM   868  O  O4    . U   A 1 44 ? -19.726 4.662   -0.562  1.00 96.29 ? 52  U   A O4    1 
ATOM   869  C  C5    . U   A 1 44 ? -19.100 2.576   0.393   1.00 93.84 ? 52  U   A C5    1 
ATOM   870  C  C6    . U   A 1 44 ? -19.096 1.846   1.515   1.00 91.53 ? 52  U   A C6    1 
ATOM   871  P  P     . A   A 1 45 ? -20.778 -1.852  6.430   1.00 93.69 ? 53  A   A P     1 
ATOM   872  O  OP1   . A   A 1 45 ? -20.981 -3.294  6.759   1.00 93.24 ? 53  A   A OP1   1 
ATOM   873  O  OP2   . A   A 1 45 ? -21.530 -0.807  7.180   1.00 92.91 ? 53  A   A OP2   1 
ATOM   874  O  "O5'" . A   A 1 45 ? -19.220 -1.570  6.592   1.00 93.06 ? 53  A   A "O5'" 1 
ATOM   875  C  "C5'" . A   A 1 45 ? -18.738 -0.616  7.530   1.00 93.39 ? 53  A   A "C5'" 1 
ATOM   876  C  "C4'" . A   A 1 45 ? -17.244 -0.753  7.675   1.00 93.84 ? 53  A   A "C4'" 1 
ATOM   877  O  "O4'" . A   A 1 45 ? -16.651 -0.838  6.355   1.00 94.05 ? 53  A   A "O4'" 1 
ATOM   878  C  "C3'" . A   A 1 45 ? -16.525 0.403   8.357   1.00 93.83 ? 53  A   A "C3'" 1 
ATOM   879  O  "O3'" . A   A 1 45 ? -16.529 0.233   9.776   1.00 92.62 ? 53  A   A "O3'" 1 
ATOM   880  C  "C2'" . A   A 1 45 ? -15.110 0.298   7.785   1.00 94.41 ? 53  A   A "C2'" 1 
ATOM   881  O  "O2'" . A   A 1 45 ? -14.293 -0.628  8.481   1.00 96.13 ? 53  A   A "O2'" 1 
ATOM   882  C  "C1'" . A   A 1 45 ? -15.372 -0.235  6.371   1.00 93.72 ? 53  A   A "C1'" 1 
ATOM   883  N  N9    . A   A 1 45 ? -15.302 0.742   5.284   1.00 91.60 ? 53  A   A N9    1 
ATOM   884  C  C8    . A   A 1 45 ? -14.628 0.610   4.096   1.00 90.66 ? 53  A   A C8    1 
ATOM   885  N  N7    . A   A 1 45 ? -14.740 1.648   3.305   1.00 89.60 ? 53  A   A N7    1 
ATOM   886  C  C5    . A   A 1 45 ? -15.541 2.523   4.020   1.00 90.13 ? 53  A   A C5    1 
ATOM   887  C  C6    . A   A 1 45 ? -16.030 3.805   3.728   1.00 90.60 ? 53  A   A C6    1 
ATOM   888  N  N6    . A   A 1 45 ? -15.775 4.459   2.593   1.00 91.03 ? 53  A   A N6    1 
ATOM   889  N  N1    . A   A 1 45 ? -16.803 4.404   4.653   1.00 91.32 ? 53  A   A N1    1 
ATOM   890  C  C2    . A   A 1 45 ? -17.058 3.751   5.796   1.00 92.06 ? 53  A   A C2    1 
ATOM   891  N  N3    . A   A 1 45 ? -16.655 2.545   6.187   1.00 90.96 ? 53  A   A N3    1 
ATOM   892  C  C4    . A   A 1 45 ? -15.893 1.979   5.242   1.00 90.60 ? 53  A   A C4    1 
ATOM   893  P  P     . A   A 1 48 ? -8.029  -1.883  5.373   1.00 59.68 ? 56  A   A P     1 
ATOM   894  O  OP1   . A   A 1 48 ? -7.038  -1.050  6.118   1.00 59.33 ? 56  A   A OP1   1 
ATOM   895  O  OP2   . A   A 1 48 ? -9.475  -1.525  5.405   1.00 56.39 ? 56  A   A OP2   1 
ATOM   896  O  "O5'" . A   A 1 48 ? -7.521  -2.003  3.864   1.00 54.67 ? 56  A   A "O5'" 1 
ATOM   897  C  "C5'" . A   A 1 48 ? -6.267  -1.445  3.479   1.00 48.40 ? 56  A   A "C5'" 1 
ATOM   898  C  "C4'" . A   A 1 48 ? -6.106  -1.484  1.981   1.00 43.62 ? 56  A   A "C4'" 1 
ATOM   899  O  "O4'" . A   A 1 48 ? -7.369  -1.218  1.330   1.00 41.43 ? 56  A   A "O4'" 1 
ATOM   900  C  "C3'" . A   A 1 48 ? -5.167  -0.419  1.461   1.00 42.62 ? 56  A   A "C3'" 1 
ATOM   901  O  "O3'" . A   A 1 48 ? -3.830  -0.874  1.479   1.00 43.48 ? 56  A   A "O3'" 1 
ATOM   902  C  "C2'" . A   A 1 48 ? -5.657  -0.185  0.045   1.00 41.69 ? 56  A   A "C2'" 1 
ATOM   903  O  "O2'" . A   A 1 48 ? -5.092  -1.095  -0.866  1.00 40.85 ? 56  A   A "O2'" 1 
ATOM   904  C  "C1'" . A   A 1 48 ? -7.161  -0.407  0.191   1.00 41.17 ? 56  A   A "C1'" 1 
ATOM   905  N  N9    . A   A 1 48 ? -7.922  0.822   0.392   1.00 42.41 ? 56  A   A N9    1 
ATOM   906  C  C8    . A   A 1 48 ? -8.459  1.254   1.575   1.00 44.15 ? 56  A   A C8    1 
ATOM   907  N  N7    . A   A 1 48 ? -9.146  2.365   1.473   1.00 42.93 ? 56  A   A N7    1 
ATOM   908  C  C5    . A   A 1 48 ? -9.049  2.690   0.133   1.00 43.27 ? 56  A   A C5    1 
ATOM   909  C  C6    . A   A 1 48 ? -9.576  3.748   -0.610  1.00 43.44 ? 56  A   A C6    1 
ATOM   910  N  N6    . A   A 1 48 ? -10.338 4.700   -0.082  1.00 44.26 ? 56  A   A N6    1 
ATOM   911  N  N1    . A   A 1 48 ? -9.295  3.794   -1.929  1.00 42.91 ? 56  A   A N1    1 
ATOM   912  C  C2    . A   A 1 48 ? -8.535  2.833   -2.452  1.00 43.26 ? 56  A   A C2    1 
ATOM   913  N  N3    . A   A 1 48 ? -7.980  1.778   -1.856  1.00 44.95 ? 56  A   A N3    1 
ATOM   914  C  C4    . A   A 1 48 ? -8.282  1.762   -0.545  1.00 43.78 ? 56  A   A C4    1 
ATOM   915  P  P     . C   A 1 49 ? -2.695  0.067   2.104   1.00 46.09 ? 57  C   A P     1 
ATOM   916  O  OP1   . C   A 1 49 ? -1.361  -0.159  1.465   1.00 43.39 ? 57  C   A OP1   1 
ATOM   917  O  OP2   . C   A 1 49 ? -2.843  -0.021  3.589   1.00 44.88 ? 57  C   A OP2   1 
ATOM   918  O  "O5'" . C   A 1 49 ? -3.158  1.518   1.661   1.00 45.48 ? 57  C   A "O5'" 1 
ATOM   919  C  "C5'" . C   A 1 49 ? -2.819  2.025   0.388   1.00 42.26 ? 57  C   A "C5'" 1 
ATOM   920  C  "C4'" . C   A 1 49 ? -3.600  3.275   0.132   1.00 41.01 ? 57  C   A "C4'" 1 
ATOM   921  O  "O4'" . C   A 1 49 ? -4.997  2.973   0.368   1.00 40.05 ? 57  C   A "O4'" 1 
ATOM   922  C  "C3'" . C   A 1 49 ? -3.327  4.429   1.080   1.00 41.01 ? 57  C   A "C3'" 1 
ATOM   923  O  "O3'" . C   A 1 49 ? -2.185  5.177   0.689   1.00 40.94 ? 57  C   A "O3'" 1 
ATOM   924  C  "C2'" . C   A 1 49 ? -4.604  5.245   0.953   1.00 41.49 ? 57  C   A "C2'" 1 
ATOM   925  O  "O2'" . C   A 1 49 ? -4.641  6.067   -0.191  1.00 42.63 ? 57  C   A "O2'" 1 
ATOM   926  C  "C1'" . C   A 1 49 ? -5.653  4.137   0.835   1.00 41.90 ? 57  C   A "C1'" 1 
ATOM   927  N  N1    . C   A 1 49 ? -6.250  3.849   2.140   1.00 42.89 ? 57  C   A N1    1 
ATOM   928  C  C2    . C   A 1 49 ? -7.164  4.773   2.668   1.00 44.63 ? 57  C   A C2    1 
ATOM   929  O  O2    . C   A 1 49 ? -7.449  5.791   1.994   1.00 43.51 ? 57  C   A O2    1 
ATOM   930  N  N3    . C   A 1 49 ? -7.706  4.538   3.890   1.00 44.04 ? 57  C   A N3    1 
ATOM   931  C  C4    . C   A 1 49 ? -7.366  3.439   4.567   1.00 43.17 ? 57  C   A C4    1 
ATOM   932  N  N4    . C   A 1 49 ? -7.920  3.249   5.762   1.00 44.01 ? 57  C   A N4    1 
ATOM   933  C  C5    . C   A 1 49 ? -6.444  2.483   4.045   1.00 42.57 ? 57  C   A C5    1 
ATOM   934  C  C6    . C   A 1 49 ? -5.916  2.724   2.839   1.00 40.75 ? 57  C   A C6    1 
ATOM   935  P  P     . C   A 1 50 ? -1.357  5.992   1.795   1.00 43.31 ? 58  C   A P     1 
ATOM   936  O  OP1   . C   A 1 50 ? -0.033  6.359   1.234   1.00 43.09 ? 58  C   A OP1   1 
ATOM   937  O  OP2   . C   A 1 50 ? -1.434  5.218   3.055   1.00 43.99 ? 58  C   A OP2   1 
ATOM   938  O  "O5'" . C   A 1 50 ? -2.189  7.327   2.006   1.00 42.47 ? 58  C   A "O5'" 1 
ATOM   939  C  "C5'" . C   A 1 50 ? -2.427  8.190   0.913   1.00 43.99 ? 58  C   A "C5'" 1 
ATOM   940  C  "C4'" . C   A 1 50 ? -3.448  9.233   1.275   1.00 44.81 ? 58  C   A "C4'" 1 
ATOM   941  O  "O4'" . C   A 1 50 ? -4.692  8.593   1.634   1.00 45.31 ? 58  C   A "O4'" 1 
ATOM   942  C  "C3'" . C   A 1 50 ? -3.122  10.085  2.482   1.00 45.65 ? 58  C   A "C3'" 1 
ATOM   943  O  "O3'" . C   A 1 50 ? -2.257  11.140  2.096   1.00 46.15 ? 58  C   A "O3'" 1 
ATOM   944  C  "C2'" . C   A 1 50 ? -4.497  10.607  2.869   1.00 45.62 ? 58  C   A "C2'" 1 
ATOM   945  O  "O2'" . C   A 1 50 ? -4.905  11.664  2.023   1.00 46.68 ? 58  C   A "O2'" 1 
ATOM   946  C  "C1'" . C   A 1 50 ? -5.367  9.385   2.589   1.00 45.71 ? 58  C   A "C1'" 1 
ATOM   947  N  N1    . C   A 1 50 ? -5.643  8.550   3.763   1.00 46.57 ? 58  C   A N1    1 
ATOM   948  C  C2    . C   A 1 50 ? -6.522  9.027   4.723   1.00 49.11 ? 58  C   A C2    1 
ATOM   949  O  O2    . C   A 1 50 ? -7.012  10.157  4.569   1.00 52.51 ? 58  C   A O2    1 
ATOM   950  N  N3    . C   A 1 50 ? -6.818  8.254   5.793   1.00 48.28 ? 58  C   A N3    1 
ATOM   951  C  C4    . C   A 1 50 ? -6.268  7.051   5.912   1.00 46.44 ? 58  C   A C4    1 
ATOM   952  N  N4    . C   A 1 50 ? -6.597  6.319   6.973   1.00 47.17 ? 58  C   A N4    1 
ATOM   953  C  C5    . C   A 1 50 ? -5.357  6.544   4.951   1.00 46.20 ? 58  C   A C5    1 
ATOM   954  C  C6    . C   A 1 50 ? -5.070  7.321   3.902   1.00 45.61 ? 58  C   A C6    1 
ATOM   955  P  P     . U   A 1 51 ? -1.138  11.658  3.117   1.00 47.19 ? 59  U   A P     1 
ATOM   956  O  OP1   . U   A 1 51 ? -0.242  12.570  2.355   1.00 47.31 ? 59  U   A OP1   1 
ATOM   957  O  OP2   . U   A 1 51 ? -0.558  10.477  3.813   1.00 48.02 ? 59  U   A OP2   1 
ATOM   958  O  "O5'" . U   A 1 51 ? -1.969  12.492  4.192   1.00 46.61 ? 59  U   A "O5'" 1 
ATOM   959  C  "C5'" . U   A 1 51 ? -2.620  13.707  3.834   1.00 47.45 ? 59  U   A "C5'" 1 
ATOM   960  C  "C4'" . U   A 1 51 ? -3.462  14.198  4.983   1.00 48.36 ? 59  U   A "C4'" 1 
ATOM   961  O  "O4'" . U   A 1 51 ? -4.490  13.215  5.258   1.00 49.37 ? 59  U   A "O4'" 1 
ATOM   962  C  "C3'" . U   A 1 51 ? -2.713  14.353  6.294   1.00 48.78 ? 59  U   A "C3'" 1 
ATOM   963  O  "O3'" . U   A 1 51 ? -2.126  15.648  6.357   1.00 47.28 ? 59  U   A "O3'" 1 
ATOM   964  C  "C2'" . U   A 1 51 ? -3.811  14.153  7.334   1.00 48.84 ? 59  U   A "C2'" 1 
ATOM   965  O  "O2'" . U   A 1 51 ? -4.564  15.326  7.551   1.00 49.25 ? 59  U   A "O2'" 1 
ATOM   966  C  "C1'" . U   A 1 51 ? -4.695  13.107  6.651   1.00 48.33 ? 59  U   A "C1'" 1 
ATOM   967  N  N1    . U   A 1 51 ? -4.426  11.716  7.011   1.00 47.36 ? 59  U   A N1    1 
ATOM   968  C  C2    . U   A 1 51 ? -4.868  11.255  8.225   1.00 48.05 ? 59  U   A C2    1 
ATOM   969  O  O2    . U   A 1 51 ? -5.426  11.969  9.035   1.00 47.28 ? 59  U   A O2    1 
ATOM   970  N  N3    . U   A 1 51 ? -4.628  9.921   8.457   1.00 49.07 ? 59  U   A N3    1 
ATOM   971  C  C4    . U   A 1 51 ? -3.992  9.032   7.610   1.00 48.31 ? 59  U   A C4    1 
ATOM   972  O  O4    . U   A 1 51 ? -3.849  7.865   7.948   1.00 47.66 ? 59  U   A O4    1 
ATOM   973  C  C5    . U   A 1 51 ? -3.545  9.600   6.383   1.00 50.02 ? 59  U   A C5    1 
ATOM   974  C  C6    . U   A 1 51 ? -3.770  10.893  6.134   1.00 49.08 ? 59  U   A C6    1 
ATOM   975  P  P     . G   A 1 52 ? -0.609  15.810  6.864   1.00 47.69 ? 60  G   A P     1 
ATOM   976  O  OP1   . G   A 1 52 ? -0.225  17.203  6.520   1.00 47.75 ? 60  G   A OP1   1 
ATOM   977  O  OP2   . G   A 1 52 ? 0.246   14.673  6.400   1.00 45.41 ? 60  G   A OP2   1 
ATOM   978  O  "O5'" . G   A 1 52 ? -0.742  15.660  8.437   1.00 44.13 ? 60  G   A "O5'" 1 
ATOM   979  C  "C5'" . G   A 1 52 ? -1.712  16.408  9.139   1.00 42.68 ? 60  G   A "C5'" 1 
ATOM   980  C  "C4'" . G   A 1 52 ? -1.981  15.774  10.472  1.00 42.03 ? 60  G   A "C4'" 1 
ATOM   981  O  "O4'" . G   A 1 52 ? -2.737  14.556  10.297  1.00 42.33 ? 60  G   A "O4'" 1 
ATOM   982  C  "C3'" . G   A 1 52 ? -0.765  15.345  11.269  1.00 41.34 ? 60  G   A "C3'" 1 
ATOM   983  O  "O3'" . G   A 1 52 ? -0.255  16.491  11.934  1.00 40.98 ? 60  G   A "O3'" 1 
ATOM   984  C  "C2'" . G   A 1 52 ? -1.405  14.351  12.235  1.00 41.80 ? 60  G   A "C2'" 1 
ATOM   985  O  "O2'" . G   A 1 52 ? -2.180  14.988  13.227  1.00 41.89 ? 60  G   A "O2'" 1 
ATOM   986  C  "C1'" . G   A 1 52 ? -2.404  13.641  11.322  1.00 41.94 ? 60  G   A "C1'" 1 
ATOM   987  N  N9    . G   A 1 52 ? -1.900  12.429  10.689  1.00 42.71 ? 60  G   A N9    1 
ATOM   988  C  C8    . G   A 1 52 ? -1.052  12.359  9.611   1.00 44.24 ? 60  G   A C8    1 
ATOM   989  N  N7    . G   A 1 52 ? -0.798  11.134  9.236   1.00 43.78 ? 60  G   A N7    1 
ATOM   990  C  C5    . G   A 1 52 ? -1.515  10.348  10.124  1.00 43.83 ? 60  G   A C5    1 
ATOM   991  C  C6    . G   A 1 52 ? -1.624  8.946   10.212  1.00 44.93 ? 60  G   A C6    1 
ATOM   992  O  O6    . G   A 1 52 ? -1.083  8.086   9.495   1.00 47.42 ? 60  G   A O6    1 
ATOM   993  N  N1    . G   A 1 52 ? -2.457  8.562   11.265  1.00 42.60 ? 60  G   A N1    1 
ATOM   994  C  C2    . G   A 1 52 ? -3.088  9.423   12.125  1.00 39.81 ? 60  G   A C2    1 
ATOM   995  N  N2    . G   A 1 52 ? -3.836  8.862   13.076  1.00 35.75 ? 60  G   A N2    1 
ATOM   996  N  N3    . G   A 1 52 ? -2.989  10.738  12.053  1.00 41.55 ? 60  G   A N3    1 
ATOM   997  C  C4    . G   A 1 52 ? -2.194  11.130  11.034  1.00 42.65 ? 60  G   A C4    1 
ATOM   998  P  P     . A   A 1 53 ? 1.321   16.852  11.894  1.00 41.47 ? 61  A   A P     1 
ATOM   999  O  OP1   . A   A 1 53 ? 2.001   16.107  12.977  1.00 43.32 ? 61  A   A OP1   1 
ATOM   1000 O  OP2   . A   A 1 53 ? 1.362   18.329  11.888  1.00 42.02 ? 61  A   A OP2   1 
ATOM   1001 O  "O5'" . A   A 1 53 ? 1.941   16.385  10.497  1.00 41.21 ? 61  A   A "O5'" 1 
ATOM   1002 C  "C5'" . A   A 1 53 ? 3.279   16.777  10.146  1.00 37.92 ? 61  A   A "C5'" 1 
ATOM   1003 C  "C4'" . A   A 1 53 ? 4.059   15.631  9.513   1.00 37.61 ? 61  A   A "C4'" 1 
ATOM   1004 O  "O4'" . A   A 1 53 ? 4.096   14.492  10.415  1.00 36.65 ? 61  A   A "O4'" 1 
ATOM   1005 C  "C3'" . A   A 1 53 ? 3.381   15.137  8.244   1.00 38.35 ? 61  A   A "C3'" 1 
ATOM   1006 O  "O3'" . A   A 1 53 ? 4.256   14.845  7.155   1.00 41.69 ? 61  A   A "O3'" 1 
ATOM   1007 C  "C2'" . A   A 1 53 ? 2.575   13.914  8.656   1.00 37.38 ? 61  A   A "C2'" 1 
ATOM   1008 O  "O2'" . A   A 1 53 ? 2.634   12.899  7.688   1.00 38.66 ? 61  A   A "O2'" 1 
ATOM   1009 C  "C1'" . A   A 1 53 ? 3.354   13.425  9.876   1.00 35.93 ? 61  A   A "C1'" 1 
ATOM   1010 N  N9    . A   A 1 53 ? 2.557   12.794  10.917  1.00 33.90 ? 61  A   A N9    1 
ATOM   1011 C  C8    . A   A 1 53 ? 1.934   13.357  11.985  1.00 32.59 ? 61  A   A C8    1 
ATOM   1012 N  N7    . A   A 1 53 ? 1.250   12.506  12.701  1.00 35.43 ? 61  A   A N7    1 
ATOM   1013 C  C5    . A   A 1 53 ? 1.453   11.291  12.063  1.00 35.56 ? 61  A   A C5    1 
ATOM   1014 C  C6    . A   A 1 53 ? 0.993   9.983   12.328  1.00 36.29 ? 61  A   A C6    1 
ATOM   1015 N  N6    . A   A 1 53 ? 0.189   9.669   13.345  1.00 37.71 ? 61  A   A N6    1 
ATOM   1016 N  N1    . A   A 1 53 ? 1.388   9.000   11.499  1.00 34.80 ? 61  A   A N1    1 
ATOM   1017 C  C2    . A   A 1 53 ? 2.183   9.313   10.477  1.00 36.63 ? 61  A   A C2    1 
ATOM   1018 N  N3    . A   A 1 53 ? 2.680   10.495  10.125  1.00 37.25 ? 61  A   A N3    1 
ATOM   1019 C  C4    . A   A 1 53 ? 2.268   11.455  10.972  1.00 35.37 ? 61  A   A C4    1 
ATOM   1020 P  P     . U   A 1 54 ? 5.229   15.966  6.556   1.00 44.14 ? 62  U   A P     1 
ATOM   1021 O  OP1   . U   A 1 54 ? 4.578   17.300  6.708   1.00 43.38 ? 62  U   A OP1   1 
ATOM   1022 O  OP2   . U   A 1 54 ? 5.595   15.475  5.192   1.00 41.36 ? 62  U   A OP2   1 
ATOM   1023 O  "O5'" . U   A 1 54 ? 6.518   15.881  7.499   1.00 45.20 ? 62  U   A "O5'" 1 
ATOM   1024 C  "C5'" . U   A 1 54 ? 7.326   14.702  7.526   1.00 49.72 ? 62  U   A "C5'" 1 
ATOM   1025 C  "C4'" . U   A 1 54 ? 8.539   14.900  8.411   1.00 52.72 ? 62  U   A "C4'" 1 
ATOM   1026 O  "O4'" . U   A 1 54 ? 9.399   15.915  7.834   1.00 55.41 ? 62  U   A "O4'" 1 
ATOM   1027 C  "C3'" . U   A 1 54 ? 8.121   15.423  9.780   1.00 53.53 ? 62  U   A "C3'" 1 
ATOM   1028 O  "O3'" . U   A 1 54 ? 8.811   14.811  10.868  1.00 49.55 ? 62  U   A "O3'" 1 
ATOM   1029 C  "C2'" . U   A 1 54 ? 8.318   16.930  9.723   1.00 56.89 ? 62  U   A "C2'" 1 
ATOM   1030 O  "O2'" . U   A 1 54 ? 8.843   17.412  10.940  1.00 61.47 ? 62  U   A "O2'" 1 
ATOM   1031 C  "C1'" . U   A 1 54 ? 9.411   17.052  8.661   1.00 59.06 ? 62  U   A "C1'" 1 
ATOM   1032 N  N1    . U   A 1 54 ? 9.493   18.274  7.852   1.00 63.65 ? 62  U   A N1    1 
ATOM   1033 C  C2    . U   A 1 54 ? 10.672  18.998  7.949   1.00 66.88 ? 62  U   A C2    1 
ATOM   1034 O  O2    . U   A 1 54 ? 11.610  18.652  8.656   1.00 68.96 ? 62  U   A O2    1 
ATOM   1035 N  N3    . U   A 1 54 ? 10.718  20.137  7.189   1.00 68.39 ? 62  U   A N3    1 
ATOM   1036 C  C4    . U   A 1 54 ? 9.735   20.616  6.362   1.00 68.01 ? 62  U   A C4    1 
ATOM   1037 O  O4    . U   A 1 54 ? 9.927   21.669  5.753   1.00 70.87 ? 62  U   A O4    1 
ATOM   1038 C  C5    . U   A 1 54 ? 8.548   19.813  6.313   1.00 67.19 ? 62  U   A C5    1 
ATOM   1039 C  C6    . U   A 1 54 ? 8.471   18.696  7.043   1.00 65.06 ? 62  U   A C6    1 
ATOM   1040 P  P     . C   A 1 55 ? 8.421   13.336  11.345  1.00 49.28 ? 63  C   A P     1 
ATOM   1041 O  OP1   . C   A 1 55 ? 9.449   12.945  12.338  1.00 49.44 ? 63  C   A OP1   1 
ATOM   1042 O  OP2   . C   A 1 55 ? 8.177   12.478  10.159  1.00 48.08 ? 63  C   A OP2   1 
ATOM   1043 O  "O5'" . C   A 1 55 ? 7.034   13.527  12.096  1.00 48.36 ? 63  C   A "O5'" 1 
ATOM   1044 C  "C5'" . C   A 1 55 ? 6.787   14.693  12.866  1.00 47.27 ? 63  C   A "C5'" 1 
ATOM   1045 C  "C4'" . C   A 1 55 ? 6.048   14.333  14.128  1.00 45.32 ? 63  C   A "C4'" 1 
ATOM   1046 O  "O4'" . C   A 1 55 ? 4.796   13.705  13.767  1.00 45.06 ? 63  C   A "O4'" 1 
ATOM   1047 C  "C3'" . C   A 1 55 ? 6.747   13.324  15.017  1.00 44.25 ? 63  C   A "C3'" 1 
ATOM   1048 O  "O3'" . C   A 1 55 ? 7.645   13.991  15.893  1.00 42.66 ? 63  C   A "O3'" 1 
ATOM   1049 C  "C2'" . C   A 1 55 ? 5.579   12.699  15.759  1.00 45.31 ? 63  C   A "C2'" 1 
ATOM   1050 O  "O2'" . C   A 1 55 ? 5.089   13.515  16.795  1.00 46.83 ? 63  C   A "O2'" 1 
ATOM   1051 C  "C1'" . C   A 1 55 ? 4.522   12.642  14.658  1.00 46.41 ? 63  C   A "C1'" 1 
ATOM   1052 N  N1    . C   A 1 55 ? 4.535   11.394  13.878  1.00 47.59 ? 63  C   A N1    1 
ATOM   1053 C  C2    . C   A 1 55 ? 3.838   10.266  14.357  1.00 46.99 ? 63  C   A C2    1 
ATOM   1054 O  O2    . C   A 1 55 ? 3.227   10.332  15.447  1.00 46.41 ? 63  C   A O2    1 
ATOM   1055 N  N3    . C   A 1 55 ? 3.849   9.135   13.617  1.00 45.88 ? 63  C   A N3    1 
ATOM   1056 C  C4    . C   A 1 55 ? 4.509   9.097   12.462  1.00 43.53 ? 63  C   A C4    1 
ATOM   1057 N  N4    . C   A 1 55 ? 4.490   7.962   11.774  1.00 44.10 ? 63  C   A N4    1 
ATOM   1058 C  C5    . C   A 1 55 ? 5.220   10.218  11.962  1.00 45.86 ? 63  C   A C5    1 
ATOM   1059 C  C6    . C   A 1 55 ? 5.209   11.335  12.694  1.00 46.72 ? 63  C   A C6    1 
ATOM   1060 P  P     . U   A 1 56 ? 8.943   13.221  16.443  1.00 43.01 ? 64  U   A P     1 
ATOM   1061 O  OP1   . U   A 1 56 ? 9.757   14.173  17.237  1.00 43.35 ? 64  U   A OP1   1 
ATOM   1062 O  OP2   . U   A 1 56 ? 9.573   12.515  15.296  1.00 43.45 ? 64  U   A OP2   1 
ATOM   1063 O  "O5'" . U   A 1 56 ? 8.338   12.145  17.455  1.00 43.93 ? 64  U   A "O5'" 1 
ATOM   1064 C  "C5'" . U   A 1 56 ? 7.827   12.547  18.722  1.00 47.00 ? 64  U   A "C5'" 1 
ATOM   1065 C  "C4'" . U   A 1 56 ? 7.198   11.379  19.440  1.00 49.61 ? 64  U   A "C4'" 1 
ATOM   1066 O  "O4'" . U   A 1 56 ? 6.065   10.899  18.668  1.00 50.83 ? 64  U   A "O4'" 1 
ATOM   1067 C  "C3'" . U   A 1 56 ? 8.084   10.156  19.608  1.00 52.08 ? 64  U   A "C3'" 1 
ATOM   1068 O  "O3'" . U   A 1 56 ? 8.936   10.265  20.739  1.00 55.14 ? 64  U   A "O3'" 1 
ATOM   1069 C  "C2'" . U   A 1 56 ? 7.062   9.039   19.767  1.00 52.88 ? 64  U   A "C2'" 1 
ATOM   1070 O  "O2'" . U   A 1 56 ? 6.530   8.880   21.067  1.00 52.59 ? 64  U   A "O2'" 1 
ATOM   1071 C  "C1'" . U   A 1 56 ? 5.985   9.484   18.776  1.00 53.02 ? 64  U   A "C1'" 1 
ATOM   1072 N  N1    . U   A 1 56 ? 6.274   8.888   17.464  1.00 54.95 ? 64  U   A N1    1 
ATOM   1073 C  C2    . U   A 1 56 ? 5.956   7.563   17.315  1.00 54.68 ? 64  U   A C2    1 
ATOM   1074 O  O2    . U   A 1 56 ? 5.430   6.918   18.203  1.00 53.90 ? 64  U   A O2    1 
ATOM   1075 N  N3    . U   A 1 56 ? 6.279   7.018   16.098  1.00 56.19 ? 64  U   A N3    1 
ATOM   1076 C  C4    . U   A 1 56 ? 6.878   7.660   15.030  1.00 56.08 ? 64  U   A C4    1 
ATOM   1077 O  O4    . U   A 1 56 ? 7.110   7.022   13.993  1.00 55.34 ? 64  U   A O4    1 
ATOM   1078 C  C5    . U   A 1 56 ? 7.171   9.048   15.258  1.00 53.40 ? 64  U   A C5    1 
ATOM   1079 C  C6    . U   A 1 56 ? 6.862   9.602   16.435  1.00 54.20 ? 64  U   A C6    1 
ATOM   1080 P  P     . G   A 1 57 ? 10.427  9.670   20.671  1.00 57.44 ? 65  G   A P     1 
ATOM   1081 O  OP1   . G   A 1 57 ? 11.190  10.184  21.833  1.00 58.34 ? 65  G   A OP1   1 
ATOM   1082 O  OP2   . G   A 1 57 ? 10.946  9.890   19.297  1.00 56.77 ? 65  G   A OP2   1 
ATOM   1083 O  "O5'" . G   A 1 57 ? 10.224  8.113   20.913  1.00 58.24 ? 65  G   A "O5'" 1 
ATOM   1084 C  "C5'" . G   A 1 57 ? 10.084  7.613   22.231  1.00 59.58 ? 65  G   A "C5'" 1 
ATOM   1085 C  "C4'" . G   A 1 57 ? 9.948   6.114   22.206  1.00 60.08 ? 65  G   A "C4'" 1 
ATOM   1086 O  "O4'" . G   A 1 57 ? 8.697   5.749   21.572  1.00 60.97 ? 65  G   A "O4'" 1 
ATOM   1087 C  "C3'" . G   A 1 57 ? 11.007  5.380   21.407  1.00 59.33 ? 65  G   A "C3'" 1 
ATOM   1088 O  "O3'" . G   A 1 57 ? 12.138  5.140   22.220  1.00 57.60 ? 65  G   A "O3'" 1 
ATOM   1089 C  "C2'" . G   A 1 57 ? 10.297  4.079   21.097  1.00 61.51 ? 65  G   A "C2'" 1 
ATOM   1090 O  "O2'" . G   A 1 57 ? 10.267  3.225   22.226  1.00 62.90 ? 65  G   A "O2'" 1 
ATOM   1091 C  "C1'" . G   A 1 57 ? 8.889   4.584   20.792  1.00 62.40 ? 65  G   A "C1'" 1 
ATOM   1092 N  N9    . G   A 1 57 ? 8.744   4.951   19.389  1.00 63.59 ? 65  G   A N9    1 
ATOM   1093 C  C8    . G   A 1 57 ? 8.594   6.215   18.874  1.00 63.05 ? 65  G   A C8    1 
ATOM   1094 N  N7    . G   A 1 57 ? 8.495   6.229   17.574  1.00 63.42 ? 65  G   A N7    1 
ATOM   1095 C  C5    . G   A 1 57 ? 8.586   4.892   17.207  1.00 64.72 ? 65  G   A C5    1 
ATOM   1096 C  C6    . G   A 1 57 ? 8.551   4.281   15.924  1.00 64.99 ? 65  G   A C6    1 
ATOM   1097 O  O6    . G   A 1 57 ? 8.433   4.818   14.816  1.00 66.71 ? 65  G   A O6    1 
ATOM   1098 N  N1    . G   A 1 57 ? 8.679   2.902   16.013  1.00 63.19 ? 65  G   A N1    1 
ATOM   1099 C  C2    . G   A 1 57 ? 8.828   2.199   17.175  1.00 61.57 ? 65  G   A C2    1 
ATOM   1100 N  N2    . G   A 1 57 ? 8.950   0.881   17.046  1.00 60.87 ? 65  G   A N2    1 
ATOM   1101 N  N3    . G   A 1 57 ? 8.864   2.749   18.372  1.00 62.85 ? 65  G   A N3    1 
ATOM   1102 C  C4    . G   A 1 57 ? 8.738   4.090   18.314  1.00 63.87 ? 65  G   A C4    1 
ATOM   1103 P  P     . G   A 1 58 ? 13.495  4.618   21.554  1.00 56.64 ? 66  G   A P     1 
ATOM   1104 O  OP1   . G   A 1 58 ? 14.421  4.252   22.656  1.00 57.57 ? 66  G   A OP1   1 
ATOM   1105 O  OP2   . G   A 1 58 ? 13.942  5.559   20.503  1.00 55.49 ? 66  G   A OP2   1 
ATOM   1106 O  "O5'" . G   A 1 58 ? 13.042  3.293   20.813  1.00 56.61 ? 66  G   A "O5'" 1 
ATOM   1107 C  "C5'" . G   A 1 58 ? 12.621  2.167   21.552  1.00 55.46 ? 66  G   A "C5'" 1 
ATOM   1108 C  "C4'" . G   A 1 58 ? 12.480  0.994   20.635  1.00 54.79 ? 66  G   A "C4'" 1 
ATOM   1109 O  "O4'" . G   A 1 58 ? 11.405  1.234   19.692  1.00 55.36 ? 66  G   A "O4'" 1 
ATOM   1110 C  "C3'" . G   A 1 58 ? 13.678  0.754   19.743  1.00 53.61 ? 66  G   A "C3'" 1 
ATOM   1111 O  "O3'" . G   A 1 58 ? 14.665  0.044   20.456  1.00 53.54 ? 66  G   A "O3'" 1 
ATOM   1112 C  "C2'" . G   A 1 58 ? 13.059  -0.105  18.659  1.00 54.85 ? 66  G   A "C2'" 1 
ATOM   1113 O  "O2'" . G   A 1 58 ? 12.846  -1.417  19.135  1.00 55.28 ? 66  G   A "O2'" 1 
ATOM   1114 C  "C1'" . G   A 1 58 ? 11.712  0.598   18.466  1.00 55.11 ? 66  G   A "C1'" 1 
ATOM   1115 N  N9    . G   A 1 58 ? 11.777  1.612   17.424  1.00 54.70 ? 66  G   A N9    1 
ATOM   1116 C  C8    . G   A 1 58 ? 11.911  2.968   17.578  1.00 55.14 ? 66  G   A C8    1 
ATOM   1117 N  N7    . G   A 1 58 ? 11.972  3.607   16.442  1.00 55.50 ? 66  G   A N7    1 
ATOM   1118 C  C5    . G   A 1 58 ? 11.862  2.609   15.485  1.00 56.90 ? 66  G   A C5    1 
ATOM   1119 C  C6    . G   A 1 58 ? 11.860  2.684   14.070  1.00 57.39 ? 66  G   A C6    1 
ATOM   1120 O  O6    . G   A 1 58 ? 11.966  3.678   13.352  1.00 59.96 ? 66  G   A O6    1 
ATOM   1121 N  N1    . G   A 1 58 ? 11.720  1.429   13.491  1.00 56.14 ? 66  G   A N1    1 
ATOM   1122 C  C2    . G   A 1 58 ? 11.604  0.254   14.180  1.00 56.00 ? 66  G   A C2    1 
ATOM   1123 N  N2    . G   A 1 58 ? 11.478  -0.851  13.444  1.00 56.69 ? 66  G   A N2    1 
ATOM   1124 N  N3    . G   A 1 58 ? 11.609  0.169   15.496  1.00 56.42 ? 66  G   A N3    1 
ATOM   1125 C  C4    . G   A 1 58 ? 11.738  1.375   16.079  1.00 55.97 ? 66  G   A C4    1 
ATOM   1126 P  P     . A   A 1 59 ? 16.083  -0.232  19.774  1.00 53.69 ? 67  A   A P     1 
ATOM   1127 O  OP1   . A   A 1 59 ? 17.029  -0.755  20.792  1.00 53.42 ? 67  A   A OP1   1 
ATOM   1128 O  OP2   . A   A 1 59 ? 16.456  0.949   18.963  1.00 52.93 ? 67  A   A OP2   1 
ATOM   1129 O  "O5'" . A   A 1 59 ? 15.786  -1.412  18.763  1.00 54.31 ? 67  A   A "O5'" 1 
ATOM   1130 C  "C5'" . A   A 1 59 ? 16.697  -1.685  17.722  1.00 55.43 ? 67  A   A "C5'" 1 
ATOM   1131 C  "C4'" . A   A 1 59 ? 16.025  -2.469  16.635  1.00 56.10 ? 67  A   A "C4'" 1 
ATOM   1132 O  "O4'" . A   A 1 59 ? 14.766  -1.843  16.269  1.00 56.14 ? 67  A   A "O4'" 1 
ATOM   1133 C  "C3'" . A   A 1 59 ? 16.841  -2.460  15.363  1.00 56.73 ? 67  A   A "C3'" 1 
ATOM   1134 O  "O3'" . A   A 1 59 ? 17.837  -3.458  15.410  1.00 56.60 ? 67  A   A "O3'" 1 
ATOM   1135 C  "C2'" . A   A 1 59 ? 15.783  -2.651  14.298  1.00 57.07 ? 67  A   A "C2'" 1 
ATOM   1136 O  "O2'" . A   A 1 59 ? 15.338  -3.990  14.239  1.00 58.44 ? 67  A   A "O2'" 1 
ATOM   1137 C  "C1'" . A   A 1 59 ? 14.674  -1.758  14.858  1.00 57.37 ? 67  A   A "C1'" 1 
ATOM   1138 N  N9    . A   A 1 59 ? 14.833  -0.351  14.499  1.00 57.05 ? 67  A   A N9    1 
ATOM   1139 C  C8    . A   A 1 59 ? 15.101  0.684   15.354  1.00 57.75 ? 67  A   A C8    1 
ATOM   1140 N  N7    . A   A 1 59 ? 15.167  1.852   14.767  1.00 58.85 ? 67  A   A N7    1 
ATOM   1141 C  C5    . A   A 1 59 ? 14.933  1.566   13.433  1.00 58.90 ? 67  A   A C5    1 
ATOM   1142 C  C6    . A   A 1 59 ? 14.860  2.380   12.297  1.00 59.32 ? 67  A   A C6    1 
ATOM   1143 N  N6    . A   A 1 59 ? 15.023  3.701   12.331  1.00 60.63 ? 67  A   A N6    1 
ATOM   1144 N  N1    . A   A 1 59 ? 14.604  1.787   11.114  1.00 59.09 ? 67  A   A N1    1 
ATOM   1145 C  C2    . A   A 1 59 ? 14.431  0.462   11.089  1.00 58.61 ? 67  A   A C2    1 
ATOM   1146 N  N3    . A   A 1 59 ? 14.475  -0.414  12.090  1.00 57.95 ? 67  A   A N3    1 
ATOM   1147 C  C4    . A   A 1 59 ? 14.732  0.211   13.250  1.00 58.18 ? 67  A   A C4    1 
ATOM   1148 P  P     . U   A 1 60 ? 19.349  -3.044  15.101  1.00 57.61 ? 68  U   A P     1 
ATOM   1149 O  OP1   . U   A 1 60 ? 20.261  -4.189  15.352  1.00 57.23 ? 68  U   A OP1   1 
ATOM   1150 O  OP2   . U   A 1 60 ? 19.558  -1.753  15.811  1.00 56.68 ? 68  U   A OP2   1 
ATOM   1151 O  "O5'" . U   A 1 60 ? 19.319  -2.782  13.536  1.00 56.29 ? 68  U   A "O5'" 1 
ATOM   1152 C  "C5'" . U   A 1 60 ? 18.665  -3.705  12.685  1.00 54.25 ? 68  U   A "C5'" 1 
ATOM   1153 C  "C4'" . U   A 1 60 ? 18.489  -3.115  11.323  1.00 52.94 ? 68  U   A "C4'" 1 
ATOM   1154 O  "O4'" . U   A 1 60 ? 17.557  -2.009  11.380  1.00 52.50 ? 68  U   A "O4'" 1 
ATOM   1155 C  "C3'" . U   A 1 60 ? 19.733  -2.476  10.756  1.00 52.38 ? 68  U   A "C3'" 1 
ATOM   1156 O  "O3'" . U   A 1 60 ? 20.625  -3.450  10.253  1.00 51.93 ? 68  U   A "O3'" 1 
ATOM   1157 C  "C2'" . U   A 1 60 ? 19.156  -1.577  9.675   1.00 52.47 ? 68  U   A "C2'" 1 
ATOM   1158 O  "O2'" . U   A 1 60 ? 18.858  -2.273  8.484   1.00 53.43 ? 68  U   A "O2'" 1 
ATOM   1159 C  "C1'" . U   A 1 60 ? 17.872  -1.088  10.351  1.00 52.32 ? 68  U   A "C1'" 1 
ATOM   1160 N  N1    . U   A 1 60 ? 18.052  0.241   10.945  1.00 52.10 ? 68  U   A N1    1 
ATOM   1161 C  C2    . U   A 1 60 ? 17.643  1.307   10.199  1.00 52.61 ? 68  U   A C2    1 
ATOM   1162 O  O2    . U   A 1 60 ? 17.126  1.171   9.109   1.00 54.74 ? 68  U   A O2    1 
ATOM   1163 N  N3    . U   A 1 60 ? 17.865  2.538   10.764  1.00 52.87 ? 68  U   A N3    1 
ATOM   1164 C  C4    . U   A 1 60 ? 18.450  2.797   11.984  1.00 54.84 ? 68  U   A C4    1 
ATOM   1165 O  O4    . U   A 1 60 ? 18.616  3.972   12.349  1.00 54.90 ? 68  U   A O4    1 
ATOM   1166 C  C5    . U   A 1 60 ? 18.837  1.624   12.710  1.00 55.21 ? 68  U   A C5    1 
ATOM   1167 C  C6    . U   A 1 60 ? 18.623  0.414   12.178  1.00 53.91 ? 68  U   A C6    1 
ATOM   1168 P  P     . A   A 1 61 ? 22.195  -3.234  10.445  1.00 52.83 ? 69  A   A P     1 
ATOM   1169 O  OP1   . A   A 1 61 ? 22.886  -4.549  10.434  1.00 53.80 ? 69  A   A OP1   1 
ATOM   1170 O  OP2   . A   A 1 61 ? 22.330  -2.341  11.617  1.00 53.64 ? 69  A   A OP2   1 
ATOM   1171 O  "O5'" . A   A 1 61 ? 22.622  -2.420  9.147   1.00 52.03 ? 69  A   A "O5'" 1 
ATOM   1172 C  "C5'" . A   A 1 61 ? 23.758  -1.567  9.157   1.00 50.58 ? 69  A   A "C5'" 1 
ATOM   1173 C  "C4'" . A   A 1 61 ? 23.657  -0.559  8.036   1.00 48.58 ? 69  A   A "C4'" 1 
ATOM   1174 O  "O4'" . A   A 1 61 ? 23.674  -1.260  6.775   1.00 48.45 ? 69  A   A "O4'" 1 
ATOM   1175 C  "C3'" . A   A 1 61 ? 22.375  0.255   8.006   1.00 47.07 ? 69  A   A "C3'" 1 
ATOM   1176 O  "O3'" . A   A 1 61 ? 22.519  1.429   8.779   1.00 44.43 ? 69  A   A "O3'" 1 
ATOM   1177 C  "C2'" . A   A 1 61 ? 22.239  0.628   6.537   1.00 48.57 ? 69  A   A "C2'" 1 
ATOM   1178 O  "O2'" . A   A 1 61 ? 22.934  1.799   6.177   1.00 50.28 ? 69  A   A "O2'" 1 
ATOM   1179 C  "C1'" . A   A 1 61 ? 22.854  -0.584  5.846   1.00 49.80 ? 69  A   A "C1'" 1 
ATOM   1180 N  N9    . A   A 1 61 ? 21.853  -1.521  5.357   1.00 52.24 ? 69  A   A N9    1 
ATOM   1181 C  C8    . A   A 1 61 ? 21.496  -2.733  5.883   1.00 52.94 ? 69  A   A C8    1 
ATOM   1182 N  N7    . A   A 1 61 ? 20.597  -3.368  5.177   1.00 54.10 ? 69  A   A N7    1 
ATOM   1183 C  C5    . A   A 1 61 ? 20.335  -2.508  4.121   1.00 53.01 ? 69  A   A C5    1 
ATOM   1184 C  C6    . A   A 1 61 ? 19.485  -2.606  3.020   1.00 52.21 ? 69  A   A C6    1 
ATOM   1185 N  N6    . A   A 1 61 ? 18.710  -3.660  2.780   1.00 53.26 ? 69  A   A N6    1 
ATOM   1186 N  N1    . A   A 1 61 ? 19.457  -1.572  2.159   1.00 52.48 ? 69  A   A N1    1 
ATOM   1187 C  C2    . A   A 1 61 ? 20.242  -0.517  2.397   1.00 52.12 ? 69  A   A C2    1 
ATOM   1188 N  N3    . A   A 1 61 ? 21.090  -0.312  3.392   1.00 51.99 ? 69  A   A N3    1 
ATOM   1189 C  C4    . A   A 1 61 ? 21.090  -1.359  4.229   1.00 52.66 ? 69  A   A C4    1 
ATOM   1190 P  P     . A   A 1 62 ? 21.238  2.325   9.107   1.00 43.97 ? 70  A   A P     1 
ATOM   1191 O  OP1   . A   A 1 62 ? 21.710  3.680   9.508   1.00 44.80 ? 70  A   A OP1   1 
ATOM   1192 O  OP2   . A   A 1 62 ? 20.404  1.536   10.037  1.00 44.35 ? 70  A   A OP2   1 
ATOM   1193 O  "O5'" . A   A 1 62 ? 20.468  2.462   7.721   1.00 43.29 ? 70  A   A "O5'" 1 
ATOM   1194 C  "C5'" . A   A 1 62 ? 20.661  3.603   6.896   1.00 45.34 ? 70  A   A "C5'" 1 
ATOM   1195 C  "C4'" . A   A 1 62 ? 19.520  3.751   5.921   1.00 46.91 ? 70  A   A "C4'" 1 
ATOM   1196 O  "O4'" . A   A 1 62 ? 19.527  2.641   4.991   1.00 47.87 ? 70  A   A "O4'" 1 
ATOM   1197 C  "C3'" . A   A 1 62 ? 18.128  3.757   6.529   1.00 47.51 ? 70  A   A "C3'" 1 
ATOM   1198 O  "O3'" . A   A 1 62 ? 17.799  5.095   6.860   1.00 48.44 ? 70  A   A "O3'" 1 
ATOM   1199 C  "C2'" . A   A 1 62 ? 17.268  3.282   5.368   1.00 47.73 ? 70  A   A "C2'" 1 
ATOM   1200 O  "O2'" . A   A 1 62 ? 16.983  4.350   4.496   1.00 47.57 ? 70  A   A "O2'" 1 
ATOM   1201 C  "C1'" . A   A 1 62 ? 18.200  2.291   4.660   1.00 47.69 ? 70  A   A "C1'" 1 
ATOM   1202 N  N9    . A   A 1 62 ? 18.008  0.882   5.006   1.00 48.95 ? 70  A   A N9    1 
ATOM   1203 C  C8    . A   A 1 62 ? 18.630  0.162   5.994   1.00 48.71 ? 70  A   A C8    1 
ATOM   1204 N  N7    . A   A 1 62 ? 18.277  -1.098  6.034   1.00 48.83 ? 70  A   A N7    1 
ATOM   1205 C  C5    . A   A 1 62 ? 17.347  -1.217  5.010   1.00 49.24 ? 70  A   A C5    1 
ATOM   1206 C  C6    . A   A 1 62 ? 16.593  -2.305  4.530   1.00 48.56 ? 70  A   A C6    1 
ATOM   1207 N  N6    . A   A 1 62 ? 16.654  -3.532  5.039   1.00 49.49 ? 70  A   A N6    1 
ATOM   1208 N  N1    . A   A 1 62 ? 15.764  -2.085  3.493   1.00 48.83 ? 70  A   A N1    1 
ATOM   1209 C  C2    . A   A 1 62 ? 15.696  -0.856  2.979   1.00 50.26 ? 70  A   A C2    1 
ATOM   1210 N  N3    . A   A 1 62 ? 16.347  0.247   3.340   1.00 50.56 ? 70  A   A N3    1 
ATOM   1211 C  C4    . A   A 1 62 ? 17.169  -0.003  4.373   1.00 49.90 ? 70  A   A C4    1 
ATOM   1212 P  P     . U   A 1 63 ? 16.673  5.405   7.959   1.00 50.88 ? 71  U   A P     1 
ATOM   1213 O  OP1   . U   A 1 63 ? 16.751  6.868   8.225   1.00 50.78 ? 71  U   A OP1   1 
ATOM   1214 O  OP2   . U   A 1 63 ? 16.816  4.449   9.080   1.00 50.46 ? 71  U   A OP2   1 
ATOM   1215 O  "O5'" . U   A 1 63 ? 15.295  5.098   7.216   1.00 51.22 ? 71  U   A "O5'" 1 
ATOM   1216 C  "C5'" . U   A 1 63 ? 14.706  6.065   6.344   1.00 52.47 ? 71  U   A "C5'" 1 
ATOM   1217 C  "C4'" . U   A 1 63 ? 13.710  5.408   5.410   1.00 52.96 ? 71  U   A "C4'" 1 
ATOM   1218 O  "O4'" . U   A 1 63 ? 14.321  4.219   4.833   1.00 53.88 ? 71  U   A "O4'" 1 
ATOM   1219 C  "C3'" . U   A 1 63 ? 12.436  4.867   6.036   1.00 52.30 ? 71  U   A "C3'" 1 
ATOM   1220 O  "O3'" . U   A 1 63 ? 11.493  5.917   6.217   1.00 51.71 ? 71  U   A "O3'" 1 
ATOM   1221 C  "C2'" . U   A 1 63 ? 11.981  3.848   4.993   1.00 52.55 ? 71  U   A "C2'" 1 
ATOM   1222 O  "O2'" . U   A 1 63 ? 11.324  4.403   3.872   1.00 52.39 ? 71  U   A "O2'" 1 
ATOM   1223 C  "C1'" . U   A 1 63 ? 13.316  3.268   4.524   1.00 52.37 ? 71  U   A "C1'" 1 
ATOM   1224 N  N1    . U   A 1 63 ? 13.636  1.990   5.174   1.00 51.98 ? 71  U   A N1    1 
ATOM   1225 C  C2    . U   A 1 63 ? 13.228  0.847   4.536   1.00 52.09 ? 71  U   A C2    1 
ATOM   1226 O  O2    . U   A 1 63 ? 12.679  0.868   3.456   1.00 55.48 ? 71  U   A O2    1 
ATOM   1227 N  N3    . U   A 1 63 ? 13.481  -0.323  5.206   1.00 51.71 ? 71  U   A N3    1 
ATOM   1228 C  C4    . U   A 1 63 ? 14.101  -0.458  6.423   1.00 52.55 ? 71  U   A C4    1 
ATOM   1229 O  O4    . U   A 1 63 ? 14.234  -1.579  6.913   1.00 52.45 ? 71  U   A O4    1 
ATOM   1230 C  C5    . U   A 1 63 ? 14.526  0.772   7.013   1.00 53.93 ? 71  U   A C5    1 
ATOM   1231 C  C6    . U   A 1 63 ? 14.287  1.928   6.380   1.00 53.87 ? 71  U   A C6    1 
ATOM   1232 P  P     . G   A 1 64 ? 10.516  5.901   7.493   1.00 51.58 ? 72  G   A P     1 
ATOM   1233 O  OP1   . G   A 1 64 ? 9.882   7.235   7.611   1.00 51.41 ? 72  G   A OP1   1 
ATOM   1234 O  OP2   . G   A 1 64 ? 11.260  5.346   8.638   1.00 51.90 ? 72  G   A OP2   1 
ATOM   1235 O  "O5'" . G   A 1 64 ? 9.388   4.849   7.097   1.00 53.94 ? 72  G   A "O5'" 1 
ATOM   1236 C  "C5'" . G   A 1 64 ? 8.512   4.307   8.088   1.00 56.50 ? 72  G   A "C5'" 1 
ATOM   1237 C  "C4'" . G   A 1 64 ? 7.132   4.073   7.508   1.00 56.77 ? 72  G   A "C4'" 1 
ATOM   1238 O  "O4'" . G   A 1 64 ? 6.425   5.339   7.334   1.00 59.03 ? 72  G   A "O4'" 1 
ATOM   1239 C  "C3'" . G   A 1 64 ? 7.089   3.420   6.140   1.00 55.93 ? 72  G   A "C3'" 1 
ATOM   1240 O  "O3'" . G   A 1 64 ? 7.218   2.006   6.266   1.00 52.88 ? 72  G   A "O3'" 1 
ATOM   1241 C  "C2'" . G   A 1 64 ? 5.707   3.853   5.657   1.00 58.31 ? 72  G   A "C2'" 1 
ATOM   1242 O  "O2'" . G   A 1 64 ? 4.680   3.161   6.342   1.00 60.25 ? 72  G   A "O2'" 1 
ATOM   1243 C  "C1'" . G   A 1 64 ? 5.665   5.306   6.134   1.00 58.23 ? 72  G   A "C1'" 1 
ATOM   1244 P  P     . C   A 1 65 ? 7.858   1.135   5.060   1.00 51.84 ? 73  C   A P     1 
ATOM   1245 O  OP1   . C   A 1 65 ? 8.758   1.945   4.202   1.00 51.66 ? 73  C   A OP1   1 
ATOM   1246 O  OP2   . C   A 1 65 ? 6.764   0.345   4.438   1.00 51.13 ? 73  C   A OP2   1 
ATOM   1247 O  "O5'" . C   A 1 65 ? 8.785   0.085   5.802   1.00 51.30 ? 73  C   A "O5'" 1 
ATOM   1248 C  "C5'" . C   A 1 65 ? 8.953   -1.215  5.278   1.00 50.02 ? 73  C   A "C5'" 1 
ATOM   1249 C  "C4'" . C   A 1 65 ? 9.387   -2.142  6.369   1.00 48.19 ? 73  C   A "C4'" 1 
ATOM   1250 O  "O4'" . C   A 1 65 ? 10.679  -1.705  6.857   1.00 48.30 ? 73  C   A "O4'" 1 
ATOM   1251 C  "C3'" . C   A 1 65 ? 8.487   -2.119  7.583   1.00 47.87 ? 73  C   A "C3'" 1 
ATOM   1252 O  "O3'" . C   A 1 65 ? 7.398   -3.018  7.392   1.00 47.54 ? 73  C   A "O3'" 1 
ATOM   1253 C  "C2'" . C   A 1 65 ? 9.439   -2.563  8.686   1.00 49.13 ? 73  C   A "C2'" 1 
ATOM   1254 O  "O2'" . C   A 1 65 ? 9.602   -3.960  8.711   1.00 51.52 ? 73  C   A "O2'" 1 
ATOM   1255 C  "C1'" . C   A 1 65 ? 10.755  -1.910  8.249   1.00 48.72 ? 73  C   A "C1'" 1 
ATOM   1256 N  N1    . C   A 1 65 ? 11.010  -0.612  8.880   1.00 49.53 ? 73  C   A N1    1 
ATOM   1257 C  C2    . C   A 1 65 ? 11.290  -0.577  10.240  1.00 51.43 ? 73  C   A C2    1 
ATOM   1258 O  O2    . C   A 1 65 ? 11.347  -1.652  10.864  1.00 54.44 ? 73  C   A O2    1 
ATOM   1259 N  N3    . C   A 1 65 ? 11.491  0.623   10.847  1.00 50.07 ? 73  C   A N3    1 
ATOM   1260 C  C4    . C   A 1 65 ? 11.417  1.747   10.136  1.00 47.29 ? 73  C   A C4    1 
ATOM   1261 N  N4    . C   A 1 65 ? 11.597  2.896   10.772  1.00 45.59 ? 73  C   A N4    1 
ATOM   1262 C  C5    . C   A 1 65 ? 11.150  1.737   8.741   1.00 48.47 ? 73  C   A C5    1 
ATOM   1263 C  C6    . C   A 1 65 ? 10.958  0.545   8.156   1.00 49.12 ? 73  C   A C6    1 
ATOM   1264 P  P     . C   A 1 66 ? 6.064   -2.862  8.278   1.00 48.81 ? 74  C   A P     1 
ATOM   1265 O  OP1   . C   A 1 66 ? 5.089   -3.941  7.976   1.00 48.22 ? 74  C   A OP1   1 
ATOM   1266 O  OP2   . C   A 1 66 ? 5.636   -1.447  8.164   1.00 50.09 ? 74  C   A OP2   1 
ATOM   1267 O  "O5'" . C   A 1 66 ? 6.585   -3.095  9.760   1.00 48.00 ? 74  C   A "O5'" 1 
ATOM   1268 C  "C5'" . C   A 1 66 ? 6.903   -4.390  10.213  1.00 49.09 ? 74  C   A "C5'" 1 
ATOM   1269 C  "C4'" . C   A 1 66 ? 6.997   -4.391  11.710  1.00 50.73 ? 74  C   A "C4'" 1 
ATOM   1270 O  "O4'" . C   A 1 66 ? 8.166   -3.633  12.085  1.00 50.67 ? 74  C   A "O4'" 1 
ATOM   1271 C  "C3'" . C   A 1 66 ? 5.854   -3.695  12.431  1.00 51.69 ? 74  C   A "C3'" 1 
ATOM   1272 O  "O3'" . C   A 1 66 ? 4.737   -4.550  12.636  1.00 51.84 ? 74  C   A "O3'" 1 
ATOM   1273 C  "C2'" . C   A 1 66 ? 6.495   -3.309  13.753  1.00 52.07 ? 74  C   A "C2'" 1 
ATOM   1274 O  "O2'" . C   A 1 66 ? 6.511   -4.384  14.668  1.00 53.30 ? 74  C   A "O2'" 1 
ATOM   1275 C  "C1'" . C   A 1 66 ? 7.918   -2.967  13.309  1.00 52.59 ? 74  C   A "C1'" 1 
ATOM   1276 N  N1    . C   A 1 66 ? 8.136   -1.535  13.093  1.00 53.73 ? 74  C   A N1    1 
ATOM   1277 C  C2    . C   A 1 66 ? 8.303   -0.713  14.198  1.00 55.09 ? 74  C   A C2    1 
ATOM   1278 O  O2    . C   A 1 66 ? 8.233   -1.215  15.327  1.00 56.52 ? 74  C   A O2    1 
ATOM   1279 N  N3    . C   A 1 66 ? 8.536   0.602   14.014  1.00 56.26 ? 74  C   A N3    1 
ATOM   1280 C  C4    . C   A 1 66 ? 8.598   1.097   12.781  1.00 56.93 ? 74  C   A C4    1 
ATOM   1281 N  N4    . C   A 1 66 ? 8.844   2.401   12.643  1.00 59.42 ? 74  C   A N4    1 
ATOM   1282 C  C5    . C   A 1 66 ? 8.417   0.280   11.632  1.00 55.64 ? 74  C   A C5    1 
ATOM   1283 C  C6    . C   A 1 66 ? 8.191   -1.018  11.832  1.00 53.33 ? 74  C   A C6    1 
ATOM   1284 P  P     . A   A 1 67 ? 3.263   -3.920  12.673  1.00 52.60 ? 75  A   A P     1 
ATOM   1285 O  OP1   . A   A 1 67 ? 2.282   -5.025  12.736  1.00 53.34 ? 75  A   A OP1   1 
ATOM   1286 O  OP2   . A   A 1 67 ? 3.188   -2.927  11.580  1.00 52.61 ? 75  A   A OP2   1 
ATOM   1287 O  "O5'" . A   A 1 67 ? 3.218   -3.158  14.063  1.00 54.06 ? 75  A   A "O5'" 1 
ATOM   1288 C  "C5'" . A   A 1 67 ? 3.406   -3.884  15.270  1.00 56.62 ? 75  A   A "C5'" 1 
ATOM   1289 C  "C4'" . A   A 1 67 ? 3.620   -2.943  16.429  1.00 57.67 ? 75  A   A "C4'" 1 
ATOM   1290 O  "O4'" . A   A 1 67 ? 4.887   -2.249  16.271  1.00 57.70 ? 75  A   A "O4'" 1 
ATOM   1291 C  "C3'" . A   A 1 67 ? 2.599   -1.826  16.570  1.00 56.96 ? 75  A   A "C3'" 1 
ATOM   1292 O  "O3'" . A   A 1 67 ? 1.412   -2.274  17.202  1.00 55.84 ? 75  A   A "O3'" 1 
ATOM   1293 C  "C2'" . A   A 1 67 ? 3.366   -0.808  17.402  1.00 57.56 ? 75  A   A "C2'" 1 
ATOM   1294 O  "O2'" . A   A 1 67 ? 3.404   -1.119  18.781  1.00 57.08 ? 75  A   A "O2'" 1 
ATOM   1295 C  "C1'" . A   A 1 67 ? 4.770   -0.939  16.802  1.00 58.27 ? 75  A   A "C1'" 1 
ATOM   1296 N  N9    . A   A 1 67 ? 4.984   0.010   15.716  1.00 58.78 ? 75  A   A N9    1 
ATOM   1297 C  C8    . A   A 1 67 ? 5.093   -0.233  14.370  1.00 58.40 ? 75  A   A C8    1 
ATOM   1298 N  N7    . A   A 1 67 ? 5.292   0.847   13.654  1.00 58.30 ? 75  A   A N7    1 
ATOM   1299 C  C5    . A   A 1 67 ? 5.312   1.868   14.592  1.00 59.13 ? 75  A   A C5    1 
ATOM   1300 C  C6    . A   A 1 67 ? 5.489   3.248   14.476  1.00 59.35 ? 75  A   A C6    1 
ATOM   1301 N  N6    . A   A 1 67 ? 5.683   3.864   13.315  1.00 62.48 ? 75  A   A N6    1 
ATOM   1302 N  N1    . A   A 1 67 ? 5.462   3.985   15.605  1.00 58.85 ? 75  A   A N1    1 
ATOM   1303 C  C2    . A   A 1 67 ? 5.271   3.360   16.773  1.00 59.73 ? 75  A   A C2    1 
ATOM   1304 N  N3    . A   A 1 67 ? 5.090   2.068   17.013  1.00 59.77 ? 75  A   A N3    1 
ATOM   1305 C  C4    . A   A 1 67 ? 5.123   1.367   15.865  1.00 59.73 ? 75  A   A C4    1 
ATOM   1306 P  P     . G   A 1 68 ? 0.009   -1.622  16.785  1.00 57.73 ? 76  G   A P     1 
ATOM   1307 O  OP1   . G   A 1 68 ? -1.096  -2.426  17.359  1.00 57.88 ? 76  G   A OP1   1 
ATOM   1308 O  OP2   . G   A 1 68 ? 0.044   -1.371  15.324  1.00 58.13 ? 76  G   A OP2   1 
ATOM   1309 O  "O5'" . G   A 1 68 ? 0.044   -0.212  17.520  1.00 58.34 ? 76  G   A "O5'" 1 
ATOM   1310 C  "C5'" . G   A 1 68 ? 0.479   -0.126  18.869  1.00 58.78 ? 76  G   A "C5'" 1 
ATOM   1311 C  "C4'" . G   A 1 68 ? 0.632   1.311   19.290  1.00 59.07 ? 76  G   A "C4'" 1 
ATOM   1312 O  "O4'" . G   A 1 68 ? 1.774   1.910   18.647  1.00 59.58 ? 76  G   A "O4'" 1 
ATOM   1313 C  "C3'" . G   A 1 68 ? -0.523  2.235   18.964  1.00 59.64 ? 76  G   A "C3'" 1 
ATOM   1314 O  "O3'" . G   A 1 68 ? -1.485  2.110   20.001  1.00 61.23 ? 76  G   A "O3'" 1 
ATOM   1315 C  "C2'" . G   A 1 68 ? 0.142   3.604   19.029  1.00 60.46 ? 76  G   A "C2'" 1 
ATOM   1316 O  "O2'" . G   A 1 68 ? 0.229   4.077   20.359  1.00 59.88 ? 76  G   A "O2'" 1 
ATOM   1317 C  "C1'" . G   A 1 68 ? 1.555   3.298   18.521  1.00 61.08 ? 76  G   A "C1'" 1 
ATOM   1318 N  N9    . G   A 1 68 ? 1.834   3.685   17.142  1.00 62.65 ? 76  G   A N9    1 
ATOM   1319 C  C8    . G   A 1 68 ? 1.782   2.888   16.029  1.00 63.17 ? 76  G   A C8    1 
ATOM   1320 N  N7    . G   A 1 68 ? 2.129   3.509   14.936  1.00 63.78 ? 76  G   A N7    1 
ATOM   1321 C  C5    . G   A 1 68 ? 2.421   4.799   15.354  1.00 65.28 ? 76  G   A C5    1 
ATOM   1322 C  C6    . G   A 1 68 ? 2.858   5.928   14.616  1.00 66.96 ? 76  G   A C6    1 
ATOM   1323 O  O6    . G   A 1 68 ? 3.076   6.018   13.403  1.00 68.98 ? 76  G   A O6    1 
ATOM   1324 N  N1    . G   A 1 68 ? 3.040   7.035   15.435  1.00 67.04 ? 76  G   A N1    1 
ATOM   1325 C  C2    . G   A 1 68 ? 2.824   7.060   16.786  1.00 66.84 ? 76  G   A C2    1 
ATOM   1326 N  N2    . G   A 1 68 ? 3.056   8.230   17.396  1.00 67.85 ? 76  G   A N2    1 
ATOM   1327 N  N3    . G   A 1 68 ? 2.412   6.017   17.487  1.00 66.63 ? 76  G   A N3    1 
ATOM   1328 C  C4    . G   A 1 68 ? 2.234   4.926   16.710  1.00 64.46 ? 76  G   A C4    1 
ATOM   1329 P  P     . C   A 1 69 ? -3.015  2.492   19.729  1.00 62.43 ? 77  C   A P     1 
ATOM   1330 O  OP1   . C   A 1 69 ? -3.637  2.720   21.057  1.00 63.70 ? 77  C   A OP1   1 
ATOM   1331 O  OP2   . C   A 1 69 ? -3.579  1.469   18.822  1.00 63.06 ? 77  C   A OP2   1 
ATOM   1332 O  "O5'" . C   A 1 69 ? -2.947  3.893   18.979  1.00 62.10 ? 77  C   A "O5'" 1 
ATOM   1333 C  "C5'" . C   A 1 69 ? -2.637  5.074   19.703  1.00 63.46 ? 77  C   A "C5'" 1 
ATOM   1334 C  "C4'" . C   A 1 69 ? -2.508  6.246   18.769  1.00 63.84 ? 77  C   A "C4'" 1 
ATOM   1335 O  "O4'" . C   A 1 69 ? -1.373  6.061   17.892  1.00 64.04 ? 77  C   A "O4'" 1 
ATOM   1336 C  "C3'" . C   A 1 69 ? -3.670  6.467   17.823  1.00 64.72 ? 77  C   A "C3'" 1 
ATOM   1337 O  "O3'" . C   A 1 69 ? -4.691  7.165   18.528  1.00 65.93 ? 77  C   A "O3'" 1 
ATOM   1338 C  "C2'" . C   A 1 69 ? -3.029  7.324   16.738  1.00 64.04 ? 77  C   A "C2'" 1 
ATOM   1339 O  "O2'" . C   A 1 69 ? -2.949  8.671   17.143  1.00 63.23 ? 77  C   A "O2'" 1 
ATOM   1340 C  "C1'" . C   A 1 69 ? -1.611  6.747   16.678  1.00 64.98 ? 77  C   A "C1'" 1 
ATOM   1341 N  N1    . C   A 1 69 ? -1.334  5.834   15.555  1.00 67.97 ? 77  C   A N1    1 
ATOM   1342 C  C2    . C   A 1 69 ? -1.002  6.386   14.312  1.00 69.84 ? 77  C   A C2    1 
ATOM   1343 O  O2    . C   A 1 69 ? -0.989  7.620   14.192  1.00 71.38 ? 77  C   A O2    1 
ATOM   1344 N  N3    . C   A 1 69 ? -0.707  5.563   13.273  1.00 69.97 ? 77  C   A N3    1 
ATOM   1345 C  C4    . C   A 1 69 ? -0.745  4.241   13.441  1.00 69.91 ? 77  C   A C4    1 
ATOM   1346 N  N4    . C   A 1 69 ? -0.444  3.473   12.391  1.00 70.32 ? 77  C   A N4    1 
ATOM   1347 C  C5    . C   A 1 69 ? -1.095  3.649   14.691  1.00 70.46 ? 77  C   A C5    1 
ATOM   1348 C  C6    . C   A 1 69 ? -1.380  4.477   15.714  1.00 69.77 ? 77  C   A C6    1 
ATOM   1349 P  P     . G   A 1 70 ? -6.185  7.260   17.928  1.00 66.29 ? 78  G   A P     1 
ATOM   1350 O  OP1   . G   A 1 70 ? -6.224  8.331   16.893  1.00 65.34 ? 78  G   A OP1   1 
ATOM   1351 O  OP2   . G   A 1 70 ? -7.078  7.361   19.112  1.00 66.18 ? 78  G   A OP2   1 
ATOM   1352 O  "O5'" . G   A 1 70 ? -6.493  5.842   17.265  1.00 65.68 ? 78  G   A "O5'" 1 
ATOM   1353 C  "C5'" . G   A 1 70 ? -7.826  5.341   17.297  1.00 66.93 ? 78  G   A "C5'" 1 
ATOM   1354 C  "C4'" . G   A 1 70 ? -7.941  3.969   16.661  1.00 67.96 ? 78  G   A "C4'" 1 
ATOM   1355 O  "O4'" . G   A 1 70 ? -7.678  4.077   15.237  1.00 67.49 ? 78  G   A "O4'" 1 
ATOM   1356 C  "C3'" . G   A 1 70 ? -6.955  2.930   17.166  1.00 68.94 ? 78  G   A "C3'" 1 
ATOM   1357 O  "O3'" . G   A 1 70 ? -7.394  1.878   18.033  1.00 73.42 ? 78  G   A "O3'" 1 
ATOM   1358 C  "C2'" . G   A 1 70 ? -5.816  2.851   16.155  1.00 67.42 ? 78  G   A "C2'" 1 
ATOM   1359 O  "O2'" . G   A 1 70 ? -5.438  1.531   15.832  1.00 66.64 ? 78  G   A "O2'" 1 
ATOM   1360 C  "C1'" . G   A 1 70 ? -6.466  3.433   14.903  1.00 66.60 ? 78  G   A "C1'" 1 
ATOM   1361 N  N9    . G   A 1 70 ? -5.639  4.337   14.112  1.00 65.22 ? 78  G   A N9    1 
ATOM   1362 C  C8    . G   A 1 70 ? -5.395  5.668   14.337  1.00 64.49 ? 78  G   A C8    1 
ATOM   1363 N  N7    . G   A 1 70 ? -4.604  6.199   13.444  1.00 65.21 ? 78  G   A N7    1 
ATOM   1364 C  C5    . G   A 1 70 ? -4.307  5.155   12.579  1.00 61.90 ? 78  G   A C5    1 
ATOM   1365 C  C6    . G   A 1 70 ? -3.496  5.122   11.421  1.00 59.48 ? 78  G   A C6    1 
ATOM   1366 O  O6    . G   A 1 70 ? -2.851  6.035   10.907  1.00 56.09 ? 78  G   A O6    1 
ATOM   1367 N  N1    . G   A 1 70 ? -3.479  3.860   10.848  1.00 60.12 ? 78  G   A N1    1 
ATOM   1368 C  C2    . G   A 1 70 ? -4.154  2.767   11.323  1.00 59.51 ? 78  G   A C2    1 
ATOM   1369 N  N2    . G   A 1 70 ? -4.017  1.635   10.627  1.00 58.93 ? 78  G   A N2    1 
ATOM   1370 N  N3    . G   A 1 70 ? -4.908  2.783   12.397  1.00 61.47 ? 78  G   A N3    1 
ATOM   1371 C  C4    . G   A 1 70 ? -4.940  4.001   12.974  1.00 63.26 ? 78  G   A C4    1 
ATOM   1372 P  P     . U   A 1 71 ? -8.146  0.588   17.428  1.00 77.91 ? 79  U   A P     1 
ATOM   1373 O  OP1   . U   A 1 71 ? -8.446  -0.331  18.554  1.00 77.15 ? 79  U   A OP1   1 
ATOM   1374 O  OP2   . U   A 1 71 ? -7.373  0.081   16.260  1.00 79.14 ? 79  U   A OP2   1 
ATOM   1375 O  "O5'" . U   A 1 71 ? -9.523  1.188   16.886  1.00 80.03 ? 79  U   A "O5'" 1 
ATOM   1376 C  "C5'" . U   A 1 71 ? -10.495 0.368   16.223  1.00 81.81 ? 79  U   A "C5'" 1 
ATOM   1377 C  "C4'" . U   A 1 71 ? -11.874 0.993   16.338  1.00 83.78 ? 79  U   A "C4'" 1 
ATOM   1378 O  "O4'" . U   A 1 71 ? -12.325 0.938   17.722  1.00 86.05 ? 79  U   A "O4'" 1 
ATOM   1379 C  "C3'" . U   A 1 71 ? -11.973 2.463   15.941  1.00 83.37 ? 79  U   A "C3'" 1 
ATOM   1380 O  "O3'" . U   A 1 71 ? -12.216 2.572   14.541  1.00 82.24 ? 79  U   A "O3'" 1 
ATOM   1381 C  "C2'" . U   A 1 71 ? -13.147 2.965   16.782  1.00 84.07 ? 79  U   A "C2'" 1 
ATOM   1382 O  "O2'" . U   A 1 71 ? -14.418 2.682   16.233  1.00 84.47 ? 79  U   A "O2'" 1 
ATOM   1383 C  "C1'" . U   A 1 71 ? -12.974 2.155   18.069  1.00 85.27 ? 79  U   A "C1'" 1 
ATOM   1384 P  P     . A   A 1 72 ? -12.378 4.021   13.860  1.00 82.05 ? 80  A   A P     1 
ATOM   1385 O  OP1   . A   A 1 72 ? -13.728 4.105   13.233  1.00 81.97 ? 80  A   A OP1   1 
ATOM   1386 O  OP2   . A   A 1 72 ? -11.173 4.259   13.028  1.00 82.49 ? 80  A   A OP2   1 
ATOM   1387 O  "O5'" . A   A 1 72 ? -12.328 5.043   15.082  1.00 81.48 ? 80  A   A "O5'" 1 
ATOM   1388 C  "C5'" . A   A 1 72 ? -11.087 5.557   15.549  1.00 78.87 ? 80  A   A "C5'" 1 
ATOM   1389 C  "C4'" . A   A 1 72 ? -11.158 7.060   15.704  1.00 77.04 ? 80  A   A "C4'" 1 
ATOM   1390 O  "O4'" . A   A 1 72 ? -9.801  7.534   15.908  1.00 75.86 ? 80  A   A "O4'" 1 
ATOM   1391 C  "C3'" . A   A 1 72 ? -11.670 7.798   14.471  1.00 76.93 ? 80  A   A "C3'" 1 
ATOM   1392 O  "O3'" . A   A 1 72 ? -13.063 8.086   14.583  1.00 76.58 ? 80  A   A "O3'" 1 
ATOM   1393 C  "C2'" . A   A 1 72 ? -10.842 9.070   14.469  1.00 76.13 ? 80  A   A "C2'" 1 
ATOM   1394 O  "O2'" . A   A 1 72 ? -11.362 10.037  15.354  1.00 76.25 ? 80  A   A "O2'" 1 
ATOM   1395 C  "C1'" . A   A 1 72 ? -9.496  8.536   14.959  1.00 75.64 ? 80  A   A "C1'" 1 
ATOM   1396 N  N9    . A   A 1 72 ? -8.722  7.898   13.891  1.00 74.62 ? 80  A   A N9    1 
ATOM   1397 C  C8    . A   A 1 72 ? -8.713  6.564   13.562  1.00 72.93 ? 80  A   A C8    1 
ATOM   1398 N  N7    . A   A 1 72 ? -7.920  6.272   12.561  1.00 72.40 ? 80  A   A N7    1 
ATOM   1399 C  C5    . A   A 1 72 ? -7.369  7.494   12.205  1.00 71.40 ? 80  A   A C5    1 
ATOM   1400 C  C6    . A   A 1 72 ? -6.450  7.858   11.214  1.00 69.51 ? 80  A   A C6    1 
ATOM   1401 N  N6    . A   A 1 72 ? -5.902  6.998   10.363  1.00 67.69 ? 80  A   A N6    1 
ATOM   1402 N  N1    . A   A 1 72 ? -6.108  9.155   11.124  1.00 70.93 ? 80  A   A N1    1 
ATOM   1403 C  C2    . A   A 1 72 ? -6.658  10.024  11.977  1.00 72.80 ? 80  A   A C2    1 
ATOM   1404 N  N3    . A   A 1 72 ? -7.534  9.806   12.952  1.00 72.98 ? 80  A   A N3    1 
ATOM   1405 C  C4    . A   A 1 72 ? -7.854  8.505   13.014  1.00 72.71 ? 80  A   A C4    1 
ATOM   1406 P  P     . G   A 1 73 ? -13.845 8.769   13.350  1.00 76.84 ? 81  G   A P     1 
ATOM   1407 O  OP1   . G   A 1 73 ? -15.125 9.318   13.873  1.00 76.99 ? 81  G   A OP1   1 
ATOM   1408 O  OP2   . G   A 1 73 ? -13.874 7.802   12.211  1.00 75.82 ? 81  G   A OP2   1 
ATOM   1409 O  "O5'" . G   A 1 73 ? -12.925 10.005  12.951  1.00 71.95 ? 81  G   A "O5'" 1 
ATOM   1410 C  "C5'" . G   A 1 73 ? -13.302 11.324  13.291  1.00 67.79 ? 81  G   A "C5'" 1 
ATOM   1411 C  "C4'" . G   A 1 73 ? -12.910 12.258  12.185  1.00 65.91 ? 81  G   A "C4'" 1 
ATOM   1412 O  "O4'" . G   A 1 73 ? -11.466 12.230  12.045  1.00 65.26 ? 81  G   A "O4'" 1 
ATOM   1413 C  "C3'" . G   A 1 73 ? -13.434 11.876  10.813  1.00 64.67 ? 81  G   A "C3'" 1 
ATOM   1414 O  "O3'" . G   A 1 73 ? -14.748 12.390  10.625  1.00 64.34 ? 81  G   A "O3'" 1 
ATOM   1415 C  "C2'" . G   A 1 73 ? -12.408 12.532  9.899   1.00 64.93 ? 81  G   A "C2'" 1 
ATOM   1416 O  "O2'" . G   A 1 73 ? -12.590 13.929  9.774   1.00 64.36 ? 81  G   A "O2'" 1 
ATOM   1417 C  "C1'" . G   A 1 73 ? -11.117 12.271  10.674  1.00 65.10 ? 81  G   A "C1'" 1 
ATOM   1418 N  N9    . G   A 1 73 ? -10.471 11.004  10.330  1.00 66.07 ? 81  G   A N9    1 
ATOM   1419 C  C8    . G   A 1 73 ? -10.510 9.824   11.040  1.00 65.52 ? 81  G   A C8    1 
ATOM   1420 N  N7    . G   A 1 73 ? -9.828  8.864   10.477  1.00 63.54 ? 81  G   A N7    1 
ATOM   1421 C  C5    . G   A 1 73 ? -9.309  9.443   9.328   1.00 65.36 ? 81  G   A C5    1 
ATOM   1422 C  C6    . G   A 1 73 ? -8.486  8.891   8.315   1.00 66.75 ? 81  G   A C6    1 
ATOM   1423 O  O6    . G   A 1 73 ? -8.038  7.741   8.227   1.00 68.47 ? 81  G   A O6    1 
ATOM   1424 N  N1    . G   A 1 73 ? -8.190  9.830   7.333   1.00 64.97 ? 81  G   A N1    1 
ATOM   1425 C  C2    . G   A 1 73 ? -8.625  11.128  7.327   1.00 65.08 ? 81  G   A C2    1 
ATOM   1426 N  N2    . G   A 1 73 ? -8.225  11.879  6.297   1.00 65.91 ? 81  G   A N2    1 
ATOM   1427 N  N3    . G   A 1 73 ? -9.393  11.654  8.261   1.00 65.22 ? 81  G   A N3    1 
ATOM   1428 C  C4    . G   A 1 73 ? -9.695  10.762  9.224   1.00 65.16 ? 81  G   A C4    1 
ATOM   1429 P  P     . G   A 1 74 ? -15.650 11.859  9.406   1.00 63.69 ? 82  G   A P     1 
ATOM   1430 O  OP1   . G   A 1 74 ? -17.017 12.423  9.491   1.00 63.30 ? 82  G   A OP1   1 
ATOM   1431 O  OP2   . G   A 1 74 ? -15.471 10.391  9.297   1.00 64.12 ? 82  G   A OP2   1 
ATOM   1432 O  "O5'" . G   A 1 74 ? -14.972 12.520  8.140   1.00 63.40 ? 82  G   A "O5'" 1 
ATOM   1433 C  "C5'" . G   A 1 74 ? -15.156 11.949  6.867   1.00 62.62 ? 82  G   A "C5'" 1 
ATOM   1434 C  "C4'" . G   A 1 74 ? -14.022 12.334  5.976   1.00 61.64 ? 82  G   A "C4'" 1 
ATOM   1435 O  "O4'" . G   A 1 74 ? -12.777 11.985  6.622   1.00 61.22 ? 82  G   A "O4'" 1 
ATOM   1436 C  "C3'" . G   A 1 74 ? -13.991 11.555  4.689   1.00 62.40 ? 82  G   A "C3'" 1 
ATOM   1437 O  "O3'" . G   A 1 74 ? -14.915 12.101  3.775   1.00 63.40 ? 82  G   A "O3'" 1 
ATOM   1438 C  "C2'" . G   A 1 74 ? -12.532 11.675  4.288   1.00 62.58 ? 82  G   A "C2'" 1 
ATOM   1439 O  "O2'" . G   A 1 74 ? -12.216 12.927  3.713   1.00 63.40 ? 82  G   A "O2'" 1 
ATOM   1440 C  "C1'" . G   A 1 74 ? -11.856 11.521  5.653   1.00 62.40 ? 82  G   A "C1'" 1 
ATOM   1441 N  N9    . G   A 1 74 ? -11.540 10.132  5.971   1.00 63.11 ? 82  G   A N9    1 
ATOM   1442 C  C8    . G   A 1 74 ? -11.958 9.406   7.061   1.00 62.45 ? 82  G   A C8    1 
ATOM   1443 N  N7    . G   A 1 74 ? -11.518 8.178   7.054   1.00 63.05 ? 82  G   A N7    1 
ATOM   1444 C  C5    . G   A 1 74 ? -10.760 8.091   5.893   1.00 63.69 ? 82  G   A C5    1 
ATOM   1445 C  C6    . G   A 1 74 ? -10.030 7.004   5.347   1.00 63.60 ? 82  G   A C6    1 
ATOM   1446 O  O6    . G   A 1 74 ? -9.899  5.861   5.795   1.00 63.78 ? 82  G   A O6    1 
ATOM   1447 N  N1    . G   A 1 74 ? -9.409  7.354   4.152   1.00 63.48 ? 82  G   A N1    1 
ATOM   1448 C  C2    . G   A 1 74 ? -9.473  8.593   3.561   1.00 64.83 ? 82  G   A C2    1 
ATOM   1449 N  N2    . G   A 1 74 ? -8.797  8.747   2.410   1.00 65.26 ? 82  G   A N2    1 
ATOM   1450 N  N3    . G   A 1 74 ? -10.148 9.613   4.061   1.00 64.96 ? 82  G   A N3    1 
ATOM   1451 C  C4    . G   A 1 74 ? -10.763 9.291   5.218   1.00 63.95 ? 82  G   A C4    1 
ATOM   1452 P  P     . G   A 1 75 ? -16.085 11.169  3.209   1.00 65.63 ? 83  G   A P     1 
ATOM   1453 O  OP1   . G   A 1 75 ? -16.979 11.998  2.359   1.00 65.99 ? 83  G   A OP1   1 
ATOM   1454 O  OP2   . G   A 1 75 ? -16.662 10.380  4.333   1.00 64.07 ? 83  G   A OP2   1 
ATOM   1455 O  "O5'" . G   A 1 75 ? -15.283 10.155  2.281   1.00 65.77 ? 83  G   A "O5'" 1 
ATOM   1456 C  "C5'" . G   A 1 75 ? -14.383 10.642  1.294   1.00 65.42 ? 83  G   A "C5'" 1 
ATOM   1457 C  "C4'" . G   A 1 75 ? -13.470 9.535   0.829   1.00 65.44 ? 83  G   A "C4'" 1 
ATOM   1458 O  "O4'" . G   A 1 75 ? -12.498 9.221   1.857   1.00 65.51 ? 83  G   A "O4'" 1 
ATOM   1459 C  "C3'" . G   A 1 75 ? -14.156 8.216   0.532   1.00 64.99 ? 83  G   A "C3'" 1 
ATOM   1460 O  "O3'" . G   A 1 75 ? -14.685 8.229   -0.790  1.00 66.31 ? 83  G   A "O3'" 1 
ATOM   1461 C  "C2'" . G   A 1 75 ? -12.997 7.242   0.676   1.00 64.72 ? 83  G   A "C2'" 1 
ATOM   1462 O  "O2'" . G   A 1 75 ? -12.134 7.265   -0.439  1.00 62.54 ? 83  G   A "O2'" 1 
ATOM   1463 C  "C1'" . G   A 1 75 ? -12.278 7.825   1.893   1.00 65.08 ? 83  G   A "C1'" 1 
ATOM   1464 N  N9    . G   A 1 75 ? -12.853 7.337   3.134   1.00 66.71 ? 83  G   A N9    1 
ATOM   1465 C  C8    . G   A 1 75 ? -13.760 7.998   3.923   1.00 68.65 ? 83  G   A C8    1 
ATOM   1466 N  N7    . G   A 1 75 ? -14.143 7.302   4.955   1.00 70.59 ? 83  G   A N7    1 
ATOM   1467 C  C5    . G   A 1 75 ? -13.439 6.113   4.848   1.00 69.45 ? 83  G   A C5    1 
ATOM   1468 C  C6    . G   A 1 75 ? -13.448 4.973   5.677   1.00 69.70 ? 83  G   A C6    1 
ATOM   1469 O  O6    . G   A 1 75 ? -14.107 4.778   6.703   1.00 70.27 ? 83  G   A O6    1 
ATOM   1470 N  N1    . G   A 1 75 ? -12.581 3.987   5.206   1.00 69.40 ? 83  G   A N1    1 
ATOM   1471 C  C2    . G   A 1 75 ? -11.808 4.090   4.075   1.00 68.63 ? 83  G   A C2    1 
ATOM   1472 N  N2    . G   A 1 75 ? -11.038 3.028   3.782   1.00 66.93 ? 83  G   A N2    1 
ATOM   1473 N  N3    . G   A 1 75 ? -11.793 5.158   3.290   1.00 68.78 ? 83  G   A N3    1 
ATOM   1474 C  C4    . G   A 1 75 ? -12.628 6.123   3.734   1.00 68.27 ? 83  G   A C4    1 
ATOM   1475 P  P     . A   A 1 76 ? -16.210 8.677   -1.031  1.00 65.98 ? 84  A   A P     1 
ATOM   1476 O  OP1   . A   A 1 76 ? -16.246 10.096  -1.477  1.00 66.26 ? 84  A   A OP1   1 
ATOM   1477 O  OP2   . A   A 1 76 ? -16.968 8.264   0.179   1.00 66.23 ? 84  A   A OP2   1 
ATOM   1478 O  "O5'" . A   A 1 76 ? -16.675 7.763   -2.246  1.00 64.96 ? 84  A   A "O5'" 1 
ATOM   1479 C  "C5'" . A   A 1 76 ? -16.188 7.985   -3.563  1.00 63.10 ? 84  A   A "C5'" 1 
ATOM   1480 C  "C4'" . A   A 1 76 ? -15.978 6.661   -4.265  1.00 62.30 ? 84  A   A "C4'" 1 
ATOM   1481 O  "O4'" . A   A 1 76 ? -14.756 6.038   -3.795  1.00 62.04 ? 84  A   A "O4'" 1 
ATOM   1482 C  "C3'" . A   A 1 76 ? -17.051 5.610   -4.034  1.00 61.23 ? 84  A   A "C3'" 1 
ATOM   1483 O  "O3'" . A   A 1 76 ? -18.124 5.803   -4.949  1.00 62.03 ? 84  A   A "O3'" 1 
ATOM   1484 C  "C2'" . A   A 1 76 ? -16.308 4.312   -4.332  1.00 59.88 ? 84  A   A "C2'" 1 
ATOM   1485 O  "O2'" . A   A 1 76 ? -16.262 4.064   -5.720  1.00 60.54 ? 84  A   A "O2'" 1 
ATOM   1486 C  "C1'" . A   A 1 76 ? -14.895 4.631   -3.835  1.00 58.58 ? 84  A   A "C1'" 1 
ATOM   1487 N  N9    . A   A 1 76 ? -14.568 4.117   -2.510  1.00 53.79 ? 84  A   A N9    1 
ATOM   1488 C  C8    . A   A 1 76 ? -15.063 4.541   -1.312  1.00 52.48 ? 84  A   A C8    1 
ATOM   1489 N  N7    . A   A 1 76 ? -14.561 3.909   -0.283  1.00 50.98 ? 84  A   A N7    1 
ATOM   1490 C  C5    . A   A 1 76 ? -13.679 3.003   -0.846  1.00 48.68 ? 84  A   A C5    1 
ATOM   1491 C  C6    . A   A 1 76 ? -12.839 2.046   -0.285  1.00 47.11 ? 84  A   A C6    1 
ATOM   1492 N  N6    . A   A 1 76 ? -12.763 1.814   1.022   1.00 50.24 ? 84  A   A N6    1 
ATOM   1493 N  N1    . A   A 1 76 ? -12.073 1.317   -1.113  1.00 44.19 ? 84  A   A N1    1 
ATOM   1494 C  C2    . A   A 1 76 ? -12.168 1.535   -2.417  1.00 47.45 ? 84  A   A C2    1 
ATOM   1495 N  N3    . A   A 1 76 ? -12.934 2.399   -3.072  1.00 50.66 ? 84  A   A N3    1 
ATOM   1496 C  C4    . A   A 1 76 ? -13.674 3.117   -2.215  1.00 50.96 ? 84  A   A C4    1 
ATOM   1497 P  P     . A   A 1 77 ? -19.579 5.221   -4.602  1.00 63.08 ? 85  A   A P     1 
ATOM   1498 O  OP1   . A   A 1 77 ? -20.475 5.535   -5.738  1.00 62.07 ? 85  A   A OP1   1 
ATOM   1499 O  OP2   . A   A 1 77 ? -19.965 5.633   -3.220  1.00 61.42 ? 85  A   A OP2   1 
ATOM   1500 O  "O5'" . A   A 1 77 ? -19.364 3.647   -4.571  1.00 63.94 ? 85  A   A "O5'" 1 
ATOM   1501 C  "C5'" . A   A 1 77 ? -20.365 2.815   -4.017  1.00 64.05 ? 85  A   A "C5'" 1 
ATOM   1502 C  "C4'" . A   A 1 77 ? -21.341 2.441   -5.089  1.00 64.33 ? 85  A   A "C4'" 1 
ATOM   1503 O  "O4'" . A   A 1 77 ? -20.757 1.387   -5.887  1.00 64.69 ? 85  A   A "O4'" 1 
ATOM   1504 C  "C3'" . A   A 1 77 ? -22.635 1.884   -4.525  1.00 64.13 ? 85  A   A "C3'" 1 
ATOM   1505 O  "O3'" . A   A 1 77 ? -23.785 2.565   -5.032  1.00 63.10 ? 85  A   A "O3'" 1 
ATOM   1506 C  "C2'" . A   A 1 77 ? -22.505 0.366   -4.580  1.00 64.19 ? 85  A   A "C2'" 1 
ATOM   1507 O  "O2'" . A   A 1 77 ? -23.675 -0.271  -5.035  1.00 65.73 ? 85  A   A "O2'" 1 
ATOM   1508 C  "C1'" . A   A 1 77 ? -21.445 0.180   -5.666  1.00 64.68 ? 85  A   A "C1'" 1 
ATOM   1509 N  N9    . A   A 1 77 ? -20.478 -0.884  -5.442  1.00 63.81 ? 85  A   A N9    1 
ATOM   1510 C  C8    . A   A 1 77 ? -20.023 -1.419  -4.265  1.00 64.52 ? 85  A   A C8    1 
ATOM   1511 N  N7    . A   A 1 77 ? -19.201 -2.424  -4.429  1.00 64.26 ? 85  A   A N7    1 
ATOM   1512 C  C5    . A   A 1 77 ? -19.096 -2.545  -5.807  1.00 63.90 ? 85  A   A C5    1 
ATOM   1513 C  C6    . A   A 1 77 ? -18.382 -3.431  -6.628  1.00 64.82 ? 85  A   A C6    1 
ATOM   1514 N  N6    . A   A 1 77 ? -17.604 -4.409  -6.155  1.00 64.78 ? 85  A   A N6    1 
ATOM   1515 N  N1    . A   A 1 77 ? -18.498 -3.278  -7.967  1.00 64.37 ? 85  A   A N1    1 
ATOM   1516 C  C2    . A   A 1 77 ? -19.283 -2.295  -8.434  1.00 62.76 ? 85  A   A C2    1 
ATOM   1517 N  N3    . A   A 1 77 ? -20.005 -1.406  -7.761  1.00 61.26 ? 85  A   A N3    1 
ATOM   1518 C  C4    . A   A 1 77 ? -19.866 -1.591  -6.440  1.00 62.54 ? 85  A   A C4    1 
ATOM   1519 P  P     . G   A 1 78 ? -25.259 2.070   -4.653  1.00 63.34 ? 86  G   A P     1 
ATOM   1520 O  OP1   . G   A 1 78 ? -26.058 3.274   -4.308  1.00 63.33 ? 86  G   A OP1   1 
ATOM   1521 O  OP2   . G   A 1 78 ? -25.147 0.963   -3.670  1.00 63.32 ? 86  G   A OP2   1 
ATOM   1522 O  "O5'" . G   A 1 78 ? -25.803 1.480   -6.028  1.00 61.40 ? 86  G   A "O5'" 1 
ATOM   1523 C  "C5'" . G   A 1 78 ? -26.346 0.169   -6.094  1.00 60.18 ? 86  G   A "C5'" 1 
ATOM   1524 C  "C4'" . G   A 1 78 ? -26.252 -0.361  -7.501  1.00 59.78 ? 86  G   A "C4'" 1 
ATOM   1525 O  "O4'" . G   A 1 78 ? -24.858 -0.424  -7.908  1.00 59.00 ? 86  G   A "O4'" 1 
ATOM   1526 C  "C3'" . G   A 1 78 ? -26.750 -1.779  -7.698  1.00 60.20 ? 86  G   A "C3'" 1 
ATOM   1527 O  "O3'" . G   A 1 78 ? -28.167 -1.815  -7.828  1.00 62.22 ? 86  G   A "O3'" 1 
ATOM   1528 C  "C2'" . G   A 1 78 ? -26.037 -2.175  -8.982  1.00 59.79 ? 86  G   A "C2'" 1 
ATOM   1529 O  "O2'" . G   A 1 78 ? -26.648 -1.643  -10.138 1.00 60.45 ? 86  G   A "O2'" 1 
ATOM   1530 C  "C1'" . G   A 1 78 ? -24.663 -1.535  -8.765  1.00 58.75 ? 86  G   A "C1'" 1 
ATOM   1531 N  N9    . G   A 1 78 ? -23.749 -2.459  -8.105  1.00 58.37 ? 86  G   A N9    1 
ATOM   1532 C  C8    . G   A 1 78 ? -23.476 -2.542  -6.759  1.00 58.33 ? 86  G   A C8    1 
ATOM   1533 N  N7    . G   A 1 78 ? -22.628 -3.488  -6.463  1.00 57.57 ? 86  G   A N7    1 
ATOM   1534 C  C5    . G   A 1 78 ? -22.317 -4.064  -7.690  1.00 57.68 ? 86  G   A C5    1 
ATOM   1535 C  C6    . G   A 1 78 ? -21.448 -5.138  -8.009  1.00 57.73 ? 86  G   A C6    1 
ATOM   1536 O  O6    . G   A 1 78 ? -20.751 -5.817  -7.248  1.00 58.39 ? 86  G   A O6    1 
ATOM   1537 N  N1    . G   A 1 78 ? -21.434 -5.398  -9.376  1.00 57.39 ? 86  G   A N1    1 
ATOM   1538 C  C2    . G   A 1 78 ? -22.157 -4.709  -10.320 1.00 56.88 ? 86  G   A C2    1 
ATOM   1539 N  N2    . G   A 1 78 ? -22.002 -5.103  -11.599 1.00 55.11 ? 86  G   A N2    1 
ATOM   1540 N  N3    . G   A 1 78 ? -22.971 -3.705  -10.036 1.00 57.50 ? 86  G   A N3    1 
ATOM   1541 C  C4    . G   A 1 78 ? -23.001 -3.439  -8.712  1.00 57.56 ? 86  G   A C4    1 
ATOM   1542 P  P     . U   A 1 79 ? -28.979 -3.132  -7.373  1.00 64.10 ? 87  U   A P     1 
ATOM   1543 O  OP1   . U   A 1 79 ? -30.414 -2.883  -7.670  1.00 63.66 ? 87  U   A OP1   1 
ATOM   1544 O  OP2   . U   A 1 79 ? -28.573 -3.476  -5.976  1.00 63.08 ? 87  U   A OP2   1 
ATOM   1545 O  "O5'" . U   A 1 79 ? -28.450 -4.242  -8.391  1.00 61.64 ? 87  U   A "O5'" 1 
ATOM   1546 C  "C5'" . U   A 1 79 ? -28.619 -4.042  -9.788  1.00 61.33 ? 87  U   A "C5'" 1 
ATOM   1547 C  "C4'" . U   A 1 79 ? -27.999 -5.164  -10.587 1.00 60.55 ? 87  U   A "C4'" 1 
ATOM   1548 O  "O4'" . U   A 1 79 ? -26.556 -5.112  -10.513 1.00 60.02 ? 87  U   A "O4'" 1 
ATOM   1549 C  "C3'" . U   A 1 79 ? -28.318 -6.585  -10.174 1.00 59.67 ? 87  U   A "C3'" 1 
ATOM   1550 O  "O3'" . U   A 1 79 ? -29.572 -7.003  -10.657 1.00 60.26 ? 87  U   A "O3'" 1 
ATOM   1551 C  "C2'" . U   A 1 79 ? -27.223 -7.361  -10.880 1.00 58.57 ? 87  U   A "C2'" 1 
ATOM   1552 O  "O2'" . U   A 1 79 ? -27.526 -7.544  -12.242 1.00 57.56 ? 87  U   A "O2'" 1 
ATOM   1553 C  "C1'" . U   A 1 79 ? -26.031 -6.419  -10.710 1.00 58.71 ? 87  U   A "C1'" 1 
ATOM   1554 N  N1    . U   A 1 79 ? -25.224 -6.770  -9.533  1.00 58.07 ? 87  U   A N1    1 
ATOM   1555 C  C2    . U   A 1 79 ? -24.229 -7.713  -9.688  1.00 58.20 ? 87  U   A C2    1 
ATOM   1556 O  O2    . U   A 1 79 ? -23.982 -8.257  -10.755 1.00 57.59 ? 87  U   A O2    1 
ATOM   1557 N  N3    . U   A 1 79 ? -23.530 -7.995  -8.545  1.00 57.27 ? 87  U   A N3    1 
ATOM   1558 C  C4    . U   A 1 79 ? -23.721 -7.443  -7.306  1.00 56.30 ? 87  U   A C4    1 
ATOM   1559 O  O4    . U   A 1 79 ? -22.999 -7.785  -6.381  1.00 58.91 ? 87  U   A O4    1 
ATOM   1560 C  C5    . U   A 1 79 ? -24.762 -6.481  -7.234  1.00 56.15 ? 87  U   A C5    1 
ATOM   1561 C  C6    . U   A 1 79 ? -25.461 -6.183  -8.321  1.00 56.42 ? 87  U   A C6    1 
ATOM   1562 P  P     . C   A 1 80 ? -30.317 -8.217  -9.931  1.00 62.76 ? 88  C   A P     1 
ATOM   1563 O  OP1   . C   A 1 80 ? -31.660 -8.352  -10.553 1.00 63.33 ? 88  C   A OP1   1 
ATOM   1564 O  OP2   . C   A 1 80 ? -30.200 -8.025  -8.466  1.00 62.01 ? 88  C   A OP2   1 
ATOM   1565 O  "O5'" . C   A 1 80 ? -29.438 -9.487  -10.313 1.00 62.26 ? 88  C   A "O5'" 1 
ATOM   1566 C  "C5'" . C   A 1 80 ? -29.291 -9.870  -11.669 1.00 63.87 ? 88  C   A "C5'" 1 
ATOM   1567 C  "C4'" . C   A 1 80 ? -28.204 -10.904 -11.808 1.00 64.15 ? 88  C   A "C4'" 1 
ATOM   1568 O  "O4'" . C   A 1 80 ? -26.963 -10.344 -11.313 1.00 65.10 ? 88  C   A "O4'" 1 
ATOM   1569 C  "C3'" . C   A 1 80 ? -28.371 -12.185 -11.008 1.00 63.95 ? 88  C   A "C3'" 1 
ATOM   1570 O  "O3'" . C   A 1 80 ? -29.197 -13.111 -11.707 1.00 61.02 ? 88  C   A "O3'" 1 
ATOM   1571 C  "C2'" . C   A 1 80 ? -26.937 -12.687 -10.936 1.00 65.55 ? 88  C   A "C2'" 1 
ATOM   1572 O  "O2'" . C   A 1 80 ? -26.544 -13.288 -12.151 1.00 67.57 ? 88  C   A "O2'" 1 
ATOM   1573 C  "C1'" . C   A 1 80 ? -26.168 -11.376 -10.763 1.00 66.16 ? 88  C   A "C1'" 1 
ATOM   1574 N  N1    . C   A 1 80 ? -25.886 -11.047 -9.361  1.00 66.79 ? 88  C   A N1    1 
ATOM   1575 C  C2    . C   A 1 80 ? -24.682 -11.459 -8.821  1.00 67.50 ? 88  C   A C2    1 
ATOM   1576 O  O2    . C   A 1 80 ? -23.892 -12.088 -9.546  1.00 66.74 ? 88  C   A O2    1 
ATOM   1577 N  N3    . C   A 1 80 ? -24.401 -11.166 -7.529  1.00 68.09 ? 88  C   A N3    1 
ATOM   1578 C  C4    . C   A 1 80 ? -25.287 -10.491 -6.793  1.00 67.89 ? 88  C   A C4    1 
ATOM   1579 N  N4    . C   A 1 80 ? -24.980 -10.233 -5.519  1.00 68.77 ? 88  C   A N4    1 
ATOM   1580 C  C5    . C   A 1 80 ? -26.528 -10.057 -7.325  1.00 67.39 ? 88  C   A C5    1 
ATOM   1581 C  C6    . C   A 1 80 ? -26.784 -10.353 -8.601  1.00 67.23 ? 88  C   A C6    1 
ATOM   1582 P  P     . G   A 1 81 ? -29.860 -14.349 -10.915 1.00 59.69 ? 89  G   A P     1 
ATOM   1583 O  OP1   . G   A 1 81 ? -30.694 -15.108 -11.891 1.00 60.83 ? 89  G   A OP1   1 
ATOM   1584 O  OP2   . G   A 1 81 ? -30.470 -13.885 -9.640  1.00 59.43 ? 89  G   A OP2   1 
ATOM   1585 O  "O5'" . G   A 1 81 ? -28.610 -15.258 -10.552 1.00 57.81 ? 89  G   A "O5'" 1 
ATOM   1586 C  "C5'" . G   A 1 81 ? -27.897 -15.924 -11.578 1.00 54.90 ? 89  G   A "C5'" 1 
ATOM   1587 C  "C4'" . G   A 1 81 ? -26.750 -16.680 -10.994 1.00 50.81 ? 89  G   A "C4'" 1 
ATOM   1588 O  "O4'" . G   A 1 81 ? -25.884 -15.746 -10.318 1.00 50.42 ? 89  G   A "O4'" 1 
ATOM   1589 C  "C3'" . G   A 1 81 ? -27.131 -17.664 -9.911  1.00 48.90 ? 89  G   A "C3'" 1 
ATOM   1590 O  "O3'" . G   A 1 81 ? -27.484 -18.876 -10.530 1.00 47.36 ? 89  G   A "O3'" 1 
ATOM   1591 C  "C2'" . G   A 1 81 ? -25.823 -17.816 -9.160  1.00 49.90 ? 89  G   A "C2'" 1 
ATOM   1592 O  "O2'" . G   A 1 81 ? -24.925 -18.665 -9.852  1.00 50.89 ? 89  G   A "O2'" 1 
ATOM   1593 C  "C1'" . G   A 1 81 ? -25.283 -16.389 -9.215  1.00 50.38 ? 89  G   A "C1'" 1 
ATOM   1594 N  N9    . G   A 1 81 ? -25.532 -15.592 -8.019  1.00 49.23 ? 89  G   A N9    1 
ATOM   1595 C  C8    . G   A 1 81 ? -26.506 -14.642 -7.829  1.00 48.11 ? 89  G   A C8    1 
ATOM   1596 N  N7    . G   A 1 81 ? -26.434 -14.064 -6.662  1.00 46.98 ? 89  G   A N7    1 
ATOM   1597 C  C5    . G   A 1 81 ? -25.352 -14.679 -6.044  1.00 47.69 ? 89  G   A C5    1 
ATOM   1598 C  C6    . G   A 1 81 ? -24.780 -14.467 -4.767  1.00 47.51 ? 89  G   A C6    1 
ATOM   1599 O  O6    . G   A 1 81 ? -25.127 -13.667 -3.886  1.00 47.27 ? 89  G   A O6    1 
ATOM   1600 N  N1    . G   A 1 81 ? -23.692 -15.307 -4.552  1.00 47.52 ? 89  G   A N1    1 
ATOM   1601 C  C2    . G   A 1 81 ? -23.218 -16.231 -5.444  1.00 46.30 ? 89  G   A C2    1 
ATOM   1602 N  N2    . G   A 1 81 ? -22.158 -16.945 -5.048  1.00 45.84 ? 89  G   A N2    1 
ATOM   1603 N  N3    . G   A 1 81 ? -23.741 -16.438 -6.635  1.00 45.71 ? 89  G   A N3    1 
ATOM   1604 C  C4    . G   A 1 81 ? -24.796 -15.632 -6.867  1.00 47.51 ? 89  G   A C4    1 
ATOM   1605 P  P     . C   A 1 82 ? -28.079 -20.074 -9.655  1.00 47.01 ? 90  C   A P     1 
ATOM   1606 O  OP1   . C   A 1 82 ? -28.092 -21.238 -10.563 1.00 46.79 ? 90  C   A OP1   1 
ATOM   1607 O  OP2   . C   A 1 82 ? -29.326 -19.628 -8.989  1.00 46.86 ? 90  C   A OP2   1 
ATOM   1608 O  "O5'" . C   A 1 82 ? -27.005 -20.329 -8.510  1.00 48.43 ? 90  C   A "O5'" 1 
ATOM   1609 C  "C5'" . C   A 1 82 ? -25.845 -21.116 -8.750  1.00 48.77 ? 90  C   A "C5'" 1 
ATOM   1610 C  "C4'" . C   A 1 82 ? -25.192 -21.469 -7.440  1.00 48.55 ? 90  C   A "C4'" 1 
ATOM   1611 O  "O4'" . C   A 1 82 ? -24.767 -20.261 -6.772  1.00 47.61 ? 90  C   A "O4'" 1 
ATOM   1612 C  "C3'" . C   A 1 82 ? -26.124 -22.137 -6.446  1.00 48.70 ? 90  C   A "C3'" 1 
ATOM   1613 O  "O3'" . C   A 1 82 ? -26.116 -23.537 -6.673  1.00 48.21 ? 90  C   A "O3'" 1 
ATOM   1614 C  "C2'" . C   A 1 82 ? -25.482 -21.807 -5.104  1.00 47.93 ? 90  C   A "C2'" 1 
ATOM   1615 O  "O2'" . C   A 1 82 ? -24.444 -22.717 -4.788  1.00 46.78 ? 90  C   A "O2'" 1 
ATOM   1616 C  "C1'" . C   A 1 82 ? -24.899 -20.419 -5.372  1.00 47.59 ? 90  C   A "C1'" 1 
ATOM   1617 N  N1    . C   A 1 82 ? -25.676 -19.285 -4.868  1.00 46.28 ? 90  C   A N1    1 
ATOM   1618 C  C2    . C   A 1 82 ? -25.217 -18.601 -3.737  1.00 48.35 ? 90  C   A C2    1 
ATOM   1619 O  O2    . C   A 1 82 ? -24.195 -19.012 -3.150  1.00 52.10 ? 90  C   A O2    1 
ATOM   1620 N  N3    . C   A 1 82 ? -25.886 -17.509 -3.312  1.00 46.35 ? 90  C   A N3    1 
ATOM   1621 C  C4    . C   A 1 82 ? -26.972 -17.099 -3.960  1.00 44.12 ? 90  C   A C4    1 
ATOM   1622 N  N4    . C   A 1 82 ? -27.590 -16.005 -3.508  1.00 40.90 ? 90  C   A N4    1 
ATOM   1623 C  C5    . C   A 1 82 ? -27.472 -17.790 -5.095  1.00 46.00 ? 90  C   A C5    1 
ATOM   1624 C  C6    . C   A 1 82 ? -26.803 -18.874 -5.509  1.00 45.66 ? 90  C   A C6    1 
ATOM   1625 P  P     . A   A 1 83 ? -27.349 -24.419 -6.180  1.00 48.93 ? 91  A   A P     1 
ATOM   1626 O  OP1   . A   A 1 83 ? -28.041 -23.700 -5.073  1.00 48.32 ? 91  A   A OP1   1 
ATOM   1627 O  OP2   . A   A 1 83 ? -26.824 -25.791 -5.959  1.00 48.40 ? 91  A   A OP2   1 
ATOM   1628 O  "O5'" . A   A 1 83 ? -28.338 -24.442 -7.431  1.00 49.12 ? 91  A   A "O5'" 1 
ATOM   1629 C  "C5'" . A   A 1 83 ? -29.717 -24.812 -7.269  1.00 47.42 ? 91  A   A "C5'" 1 
ATOM   1630 C  "C4'" . A   A 1 83 ? -30.095 -25.860 -8.283  1.00 44.52 ? 91  A   A "C4'" 1 
ATOM   1631 O  "O4'" . A   A 1 83 ? -29.509 -25.420 -9.521  1.00 42.70 ? 91  A   A "O4'" 1 
ATOM   1632 C  "C3'" . A   A 1 83 ? -29.525 -27.264 -8.071  1.00 44.37 ? 91  A   A "C3'" 1 
ATOM   1633 O  "O3'" . A   A 1 83 ? -30.476 -28.193 -7.506  1.00 42.30 ? 91  A   A "O3'" 1 
ATOM   1634 C  "C2'" . A   A 1 83 ? -29.431 -27.817 -9.480  1.00 44.60 ? 91  A   A "C2'" 1 
ATOM   1635 O  "O2'" . A   A 1 83 ? -30.666 -28.452 -9.802  1.00 44.70 ? 91  A   A "O2'" 1 
ATOM   1636 C  "C1'" . A   A 1 83 ? -29.188 -26.543 -10.306 1.00 44.40 ? 91  A   A "C1'" 1 
ATOM   1637 N  N9    . A   A 1 83 ? -27.870 -26.318 -10.895 1.00 42.40 ? 91  A   A N9    1 
ATOM   1638 C  C8    . A   A 1 83 ? -26.885 -25.464 -10.470 1.00 44.08 ? 91  A   A C8    1 
ATOM   1639 N  N7    . A   A 1 83 ? -25.837 -25.425 -11.262 1.00 42.92 ? 91  A   A N7    1 
ATOM   1640 C  C5    . A   A 1 83 ? -26.149 -26.324 -12.267 1.00 42.22 ? 91  A   A C5    1 
ATOM   1641 C  C6    . A   A 1 83 ? -25.458 -26.732 -13.417 1.00 41.69 ? 91  A   A C6    1 
ATOM   1642 N  N6    . A   A 1 83 ? -24.258 -26.272 -13.767 1.00 39.72 ? 91  A   A N6    1 
ATOM   1643 N  N1    . A   A 1 83 ? -26.053 -27.644 -14.210 1.00 41.69 ? 91  A   A N1    1 
ATOM   1644 C  C2    . A   A 1 83 ? -27.261 -28.111 -13.864 1.00 42.49 ? 91  A   A C2    1 
ATOM   1645 N  N3    . A   A 1 83 ? -28.013 -27.805 -12.811 1.00 42.22 ? 91  A   A N3    1 
ATOM   1646 C  C4    . A   A 1 83 ? -27.393 -26.893 -12.045 1.00 42.92 ? 91  A   A C4    1 
HETATM 1647 CA CA    . CA  B 2 .  ? 2.420   1.798   10.883  1.00 40.80 ? 94  CA  A CA    1 
HETATM 1648 CA CA    . CA  C 2 .  ? -1.239  6.101   9.128   1.00 47.06 ? 95  CA  A CA    1 
HETATM 1649 CA CA    . CA  D 2 .  ? 11.467  12.453  13.923  1.00 48.15 ? 96  CA  A CA    1 
HETATM 1650 CA CA    . CA  E 2 .  ? 24.014  -6.299  9.387   1.00 63.80 ? 97  CA  A CA    1 
HETATM 1651 CA CA    . CA  F 2 .  ? 8.984   -6.303  -6.470  1.00 49.20 ? 98  CA  A CA    1 
HETATM 1652 CA CA    . CA  G 2 .  ? -13.044 5.206   10.870  1.00 83.67 ? 99  CA  A CA    1 
HETATM 1653 CA CA    . CA  H 2 .  ? 11.358  -9.740  -2.021  1.00 53.43 ? 100 CA  A CA    1 
HETATM 1654 N  "N1'" . TPP I 3 .  ? 2.836   0.590   -1.647  1.00 73.50 ? 93  TPP A "N1'" 1 
HETATM 1655 C  "C2'" . TPP I 3 .  ? 3.272   -0.444  -2.339  1.00 74.72 ? 93  TPP A "C2'" 1 
HETATM 1656 C  CM2   . TPP I 3 .  ? 3.051   -0.473  -3.829  1.00 75.92 ? 93  TPP A CM2   1 
HETATM 1657 N  "N3'" . TPP I 3 .  ? 3.892   -1.453  -1.761  1.00 74.94 ? 93  TPP A "N3'" 1 
HETATM 1658 C  "C4'" . TPP I 3 .  ? 4.108   -1.456  -0.450  1.00 74.81 ? 93  TPP A "C4'" 1 
HETATM 1659 N  "N4'" . TPP I 3 .  ? 4.765   -2.519  0.152   1.00 78.05 ? 93  TPP A "N4'" 1 
HETATM 1660 C  "C5'" . TPP I 3 .  ? 3.659   -0.377  0.313   1.00 74.10 ? 93  TPP A "C5'" 1 
HETATM 1661 C  "C6'" . TPP I 3 .  ? 3.010   0.657   -0.333  1.00 73.58 ? 93  TPP A "C6'" 1 
HETATM 1662 C  "C7'" . TPP I 3 .  ? 3.876   -0.340  1.803   1.00 73.94 ? 93  TPP A "C7'" 1 
HETATM 1663 N  N3    . TPP I 3 .  ? 3.217   0.841   2.365   1.00 75.50 ? 93  TPP A N3    1 
HETATM 1664 C  C2    . TPP I 3 .  ? 3.856   1.988   2.374   1.00 77.07 ? 93  TPP A C2    1 
HETATM 1665 S  S1    . TPP I 3 .  ? 2.696   3.047   3.117   1.00 79.11 ? 93  TPP A S1    1 
HETATM 1666 C  C5    . TPP I 3 .  ? 1.406   1.836   3.367   1.00 77.11 ? 93  TPP A C5    1 
HETATM 1667 C  C4    . TPP I 3 .  ? 1.998   0.731   2.846   1.00 76.33 ? 93  TPP A C4    1 
HETATM 1668 C  CM4   . TPP I 3 .  ? 1.276   -0.593  2.828   1.00 78.55 ? 93  TPP A CM4   1 
HETATM 1669 C  C6    . TPP I 3 .  ? 0.040   1.998   3.980   1.00 78.72 ? 93  TPP A C6    1 
HETATM 1670 C  C7    . TPP I 3 .  ? 0.159   2.762   5.300   1.00 81.17 ? 93  TPP A C7    1 
HETATM 1671 O  O7    . TPP I 3 .  ? 1.357   2.367   5.973   1.00 82.06 ? 93  TPP A O7    1 
HETATM 1672 P  PA    . TPP I 3 .  ? 1.291   3.004   7.450   1.00 78.81 ? 93  TPP A PA    1 
HETATM 1673 O  O1A   . TPP I 3 .  ? 2.200   4.170   7.527   1.00 76.35 ? 93  TPP A O1A   1 
HETATM 1674 O  O2A   . TPP I 3 .  ? 1.741   1.900   8.531   1.00 80.15 ? 93  TPP A O2A   1 
HETATM 1675 O  O3A   . TPP I 3 .  ? -0.216  3.478   7.763   1.00 78.19 ? 93  TPP A O3A   1 
HETATM 1676 P  PB    . TPP I 3 .  ? -0.733  2.596   9.009   1.00 75.80 ? 93  TPP A PB    1 
HETATM 1677 O  O1B   . TPP I 3 .  ? 0.461   2.258   9.929   1.00 78.19 ? 93  TPP A O1B   1 
HETATM 1678 O  O2B   . TPP I 3 .  ? -1.832  3.429   9.836   1.00 79.21 ? 93  TPP A O2B   1 
HETATM 1679 O  O3B   . TPP I 3 .  ? -1.365  1.287   8.485   1.00 74.66 ? 93  TPP A O3B   1 
HETATM 1680 O  O     . HOH J 4 .  ? 0.694   6.286   10.908  1.00 24.61 ? 92  HOH A O     1 
# 
